data_9FG5
#
_entry.id   9FG5
#
_cell.length_a   1.00
_cell.length_b   1.00
_cell.length_c   1.00
_cell.angle_alpha   90.00
_cell.angle_beta   90.00
_cell.angle_gamma   90.00
#
_symmetry.space_group_name_H-M   'P 1'
#
loop_
_entity.id
_entity.type
_entity.pdbx_description
1 polymer 'Gamma-aminobutyric acid receptor subunit alpha-1'
2 polymer 'Gamma-aminobutyric acid receptor subunit beta-3'
3 branched alpha-D-mannopyranose-(1-3)-[alpha-D-mannopyranose-(1-6)]beta-D-mannopyranose-(1-4)-2-acetamido-2-deoxy-beta-D-glucopyranose-(1-4)-2-acetamido-2-deoxy-beta-D-glucopyranose
4 branched 2-acetamido-2-deoxy-beta-D-glucopyranose-(1-4)-2-acetamido-2-deoxy-beta-D-glucopyranose
5 branched alpha-D-mannopyranose-(1-3)-[alpha-D-mannopyranose-(1-6)]beta-D-mannopyranose-(1-3)-2-acetamido-2-deoxy-beta-D-glucopyranose-(1-4)-2-acetamido-2-deoxy-beta-D-glucopyranose
6 non-polymer '[(2R)-2-octanoyloxy-3-[oxidanyl-[(1R,2R,3S,4R,5R,6S)-2,3,6-tris(oxidanyl)-4,5-diphosphonooxy-cyclohexyl]oxy-phosphoryl]oxy-propyl] octanoate'
7 non-polymer 'GAMMA-AMINO-BUTANOIC ACID'
#
loop_
_entity_poly.entity_id
_entity_poly.type
_entity_poly.pdbx_seq_one_letter_code
_entity_poly.pdbx_strand_id
1 'polypeptide(L)'
;MKKSPGLSDYLWAWTLFLSTLTGRSYGDYKDDDDKQPSLQDELKDNTTVFTRILDRLLDGYDNRLRPGLGERVTEVKTDI
FVTSFGPVSDHDMEYTIDVFFRQSWKDERLKFKGPMTVLRLNNLMASKIWTPDTFFHNGKKSVAHNMTMPNKLLRITEDG
TLLYTMRLTVRAECPMHLEDFPMDAHACPLKFGSYAYTRAEVVYEWTREPARSVVVAEDGSRLNQYDLLGQTVDSGIVQS
STGEYVVMTTHFHLKRKIGYFVIQTYLPCIMTVILSQVSFWLNRESVPARTVFGVTTVLTMTTLSISARNSLPKVAYATA
MDWFIAVCYAFVFSALIEFATVNYFTKRGYAWDGKSVVPEKPKKVKDPLIKKNNTYAPTATSYTPNLARGDPGLATIAKS
ATIEPKEVKPETKPPEPKKTFNSVSKIDRLSRIAFPLLFGIFNLVYWATYLNREPQLKAPTPHQ
;
A,D
2 'polypeptide(L)'
;MCSGLLELLLPIWLSWTLGTRGSEPRSVNDPGNMSFVKETVDKLLKGYDIRLRPDFGGPPVCVGMNIDIASIDMVSEVNM
DYTLTMYFQQYWRDKRLAYSGIPLNLTLDNRVADQLWVPDTYFLNDKKSFVHGVTVKNRMIRLHPDGTVLYGLRITTTAA
CMMDLRRYPLDEQNCTLEIESYGYTTDDIEFYWRGGDKAVTGVERIELPQFSIVEHRLVSRNVVFATGAYPRLSLSFRLK
RNIGYFILQTYMPSILITILSWVSFWINYDASAARVALGITTVLTMTTINTHLRETLPKIPYVKAIDMYLMGCFVFVFLA
LLEYAFVNYIFFGRGPQRQKKLAEKTAKAKNDRSKSESNRVDAHGNILLTSLEVHNEMNEVSGGIGDTRNSAISFDNSGI
QYRKQSMPREGHGRFLGDRSLPHKKTHLRRRSSQLKIKIPDLTDVNAIDRWSRIVFPFTFSLFNLVYWLYYVN
;
B,C,E
#
loop_
_chem_comp.id
_chem_comp.type
_chem_comp.name
_chem_comp.formula
ABU non-polymer 'GAMMA-AMINO-BUTANOIC ACID' 'C4 H9 N O2'
BMA D-saccharide, beta linking beta-D-mannopyranose 'C6 H12 O6'
MAN D-saccharide, alpha linking alpha-D-mannopyranose 'C6 H12 O6'
NAG D-saccharide, beta linking 2-acetamido-2-deoxy-beta-D-glucopyranose 'C8 H15 N O6'
PIO non-polymer '[(2R)-2-octanoyloxy-3-[oxidanyl-[(1R,2R,3S,4R,5R,6S)-2,3,6-tris(oxidanyl)-4,5-diphosphonooxy-cyclohexyl]oxy-phosphoryl]oxy-propyl] octanoate' 'C25 H49 O19 P3'
#
# COMPACT_ATOMS: atom_id res chain seq x y z
N THR A 47 43.71 4.05 -28.82
CA THR A 47 43.16 3.74 -27.50
C THR A 47 44.13 4.14 -26.40
N THR A 48 45.40 3.78 -26.58
CA THR A 48 46.42 4.14 -25.60
C THR A 48 46.57 5.65 -25.49
N VAL A 49 46.52 6.35 -26.62
CA VAL A 49 46.59 7.81 -26.60
C VAL A 49 45.40 8.40 -25.85
N PHE A 50 44.19 7.87 -26.12
CA PHE A 50 43.00 8.36 -25.43
C PHE A 50 43.02 7.99 -23.94
N THR A 51 43.61 6.85 -23.60
CA THR A 51 43.76 6.49 -22.18
C THR A 51 44.62 7.51 -21.46
N ARG A 52 45.71 7.94 -22.10
CA ARG A 52 46.59 8.95 -21.51
C ARG A 52 45.89 10.30 -21.36
N ILE A 53 44.97 10.63 -22.27
CA ILE A 53 44.23 11.88 -22.15
C ILE A 53 43.30 11.84 -20.94
N LEU A 54 42.57 10.74 -20.76
CA LEU A 54 41.67 10.64 -19.61
C LEU A 54 42.45 10.64 -18.30
N ASP A 55 43.58 9.93 -18.26
CA ASP A 55 44.42 9.89 -17.07
C ASP A 55 45.00 11.26 -16.75
N ARG A 56 45.34 12.03 -17.78
CA ARG A 56 45.89 13.37 -17.58
C ARG A 56 44.86 14.33 -16.99
N LEU A 57 43.59 14.23 -17.40
CA LEU A 57 42.57 15.11 -16.85
C LEU A 57 42.39 14.90 -15.36
N LEU A 58 42.39 13.66 -14.90
CA LEU A 58 42.16 13.35 -13.49
C LEU A 58 43.43 13.39 -12.67
N ASP A 59 44.59 13.63 -13.28
CA ASP A 59 45.86 13.66 -12.56
C ASP A 59 46.02 15.01 -11.87
N GLY A 60 46.04 15.00 -10.54
CA GLY A 60 46.08 16.22 -9.75
C GLY A 60 44.74 16.90 -9.56
N TYR A 61 43.67 16.33 -10.06
CA TYR A 61 42.34 16.92 -9.94
C TYR A 61 41.81 16.73 -8.52
N ASP A 62 41.32 17.81 -7.92
CA ASP A 62 40.75 17.76 -6.58
C ASP A 62 39.26 18.05 -6.70
N ASN A 63 38.45 17.00 -6.58
CA ASN A 63 37.00 17.15 -6.71
C ASN A 63 36.34 17.75 -5.48
N ARG A 64 37.08 17.94 -4.38
CA ARG A 64 36.52 18.62 -3.22
C ARG A 64 36.45 20.12 -3.37
N LEU A 65 37.10 20.69 -4.38
CA LEU A 65 37.12 22.13 -4.61
C LEU A 65 36.31 22.47 -5.85
N ARG A 66 35.43 23.46 -5.73
CA ARG A 66 34.67 23.91 -6.89
C ARG A 66 35.58 24.68 -7.84
N PRO A 67 35.22 24.74 -9.13
CA PRO A 67 36.04 25.52 -10.07
C PRO A 67 36.09 26.99 -9.69
N GLY A 68 37.29 27.55 -9.77
CA GLY A 68 37.50 28.94 -9.38
C GLY A 68 37.22 29.21 -7.92
N LEU A 69 37.58 28.28 -7.04
CA LEU A 69 37.34 28.47 -5.61
C LEU A 69 38.24 29.59 -5.08
N GLY A 70 37.62 30.57 -4.42
CA GLY A 70 38.36 31.70 -3.90
C GLY A 70 38.71 32.76 -4.91
N GLU A 71 38.31 32.59 -6.16
CA GLU A 71 38.64 33.53 -7.23
C GLU A 71 37.42 34.11 -7.92
N ARG A 72 36.39 33.31 -8.17
CA ARG A 72 35.22 33.77 -8.90
C ARG A 72 34.04 32.88 -8.55
N VAL A 73 32.85 33.38 -8.84
CA VAL A 73 31.62 32.62 -8.63
C VAL A 73 31.49 31.60 -9.74
N THR A 74 31.15 30.36 -9.38
CA THR A 74 30.91 29.31 -10.36
C THR A 74 29.51 29.46 -10.94
N GLU A 75 29.43 29.68 -12.25
CA GLU A 75 28.16 29.86 -12.94
C GLU A 75 27.74 28.54 -13.57
N VAL A 76 26.56 28.05 -13.19
CA VAL A 76 26.01 26.80 -13.70
C VAL A 76 24.79 27.14 -14.54
N LYS A 77 24.82 26.74 -15.81
CA LYS A 77 23.68 26.92 -16.70
C LYS A 77 22.85 25.65 -16.73
N THR A 78 21.54 25.80 -16.49
CA THR A 78 20.65 24.66 -16.33
C THR A 78 19.47 24.80 -17.26
N ASP A 79 19.09 23.69 -17.91
CA ASP A 79 17.82 23.61 -18.63
C ASP A 79 17.21 22.25 -18.37
N ILE A 80 15.89 22.18 -18.47
CA ILE A 80 15.15 20.97 -18.12
C ILE A 80 14.26 20.57 -19.29
N PHE A 81 14.30 19.29 -19.66
CA PHE A 81 13.40 18.71 -20.64
C PHE A 81 12.51 17.72 -19.92
N VAL A 82 11.24 18.07 -19.76
CA VAL A 82 10.28 17.21 -19.07
C VAL A 82 9.83 16.13 -20.06
N THR A 83 10.28 14.89 -19.82
CA THR A 83 9.86 13.79 -20.68
C THR A 83 8.45 13.32 -20.36
N SER A 84 8.00 13.51 -19.12
CA SER A 84 6.65 13.15 -18.73
C SER A 84 6.32 13.86 -17.43
N PHE A 85 5.25 14.65 -17.43
CA PHE A 85 4.75 15.26 -16.20
C PHE A 85 3.81 14.26 -15.56
N GLY A 86 4.30 13.59 -14.52
CA GLY A 86 3.62 12.44 -13.95
C GLY A 86 2.38 12.81 -13.16
N PRO A 87 1.80 11.82 -12.48
CA PRO A 87 0.54 12.05 -11.77
C PRO A 87 0.73 13.01 -10.61
N VAL A 88 -0.36 13.72 -10.30
CA VAL A 88 -0.43 14.60 -9.13
C VAL A 88 -1.22 13.88 -8.05
N SER A 89 -0.71 13.92 -6.82
CA SER A 89 -1.35 13.24 -5.69
C SER A 89 -1.86 14.30 -4.72
N ASP A 90 -3.20 14.43 -4.65
CA ASP A 90 -3.82 15.36 -3.72
C ASP A 90 -3.64 14.91 -2.27
N HIS A 91 -3.75 13.61 -2.02
CA HIS A 91 -3.68 13.11 -0.65
C HIS A 91 -2.31 13.37 -0.04
N ASP A 92 -1.24 13.16 -0.80
CA ASP A 92 0.10 13.40 -0.34
C ASP A 92 0.55 14.84 -0.56
N MET A 93 -0.23 15.63 -1.30
CA MET A 93 0.13 17.01 -1.66
C MET A 93 1.51 17.03 -2.32
N GLU A 94 1.62 16.27 -3.40
CA GLU A 94 2.87 16.09 -4.12
C GLU A 94 2.54 15.78 -5.58
N TYR A 95 3.56 15.84 -6.42
CA TYR A 95 3.41 15.47 -7.82
C TYR A 95 4.70 14.83 -8.29
N THR A 96 4.58 13.98 -9.31
CA THR A 96 5.71 13.29 -9.89
C THR A 96 6.05 13.92 -11.24
N ILE A 97 7.34 13.99 -11.54
CA ILE A 97 7.80 14.52 -12.82
C ILE A 97 9.06 13.78 -13.22
N ASP A 98 9.14 13.42 -14.51
CA ASP A 98 10.32 12.78 -15.07
C ASP A 98 10.98 13.76 -16.02
N VAL A 99 12.27 14.02 -15.80
CA VAL A 99 12.97 15.09 -16.50
C VAL A 99 14.35 14.61 -16.95
N PHE A 100 14.85 15.26 -17.98
CA PHE A 100 16.28 15.24 -18.31
C PHE A 100 16.85 16.52 -17.71
N PHE A 101 17.62 16.38 -16.64
CA PHE A 101 18.13 17.53 -15.90
C PHE A 101 19.55 17.81 -16.38
N ARG A 102 19.70 18.91 -17.10
CA ARG A 102 20.97 19.28 -17.73
C ARG A 102 21.59 20.43 -16.97
N GLN A 103 22.88 20.29 -16.66
CA GLN A 103 23.66 21.34 -16.02
C GLN A 103 24.91 21.59 -16.84
N SER A 104 25.30 22.85 -16.94
CA SER A 104 26.48 23.20 -17.73
C SER A 104 27.28 24.26 -16.99
N TRP A 105 28.60 24.06 -16.91
CA TRP A 105 29.49 25.01 -16.27
C TRP A 105 30.87 24.87 -16.90
N LYS A 106 31.74 25.83 -16.60
CA LYS A 106 33.08 25.85 -17.16
C LYS A 106 34.09 25.47 -16.08
N ASP A 107 34.98 24.53 -16.41
CA ASP A 107 36.05 24.10 -15.52
C ASP A 107 37.35 24.11 -16.30
N GLU A 108 38.22 25.07 -16.00
CA GLU A 108 39.47 25.21 -16.74
C GLU A 108 40.41 24.03 -16.51
N ARG A 109 40.22 23.28 -15.43
CA ARG A 109 41.07 22.13 -15.14
C ARG A 109 40.85 20.99 -16.12
N LEU A 110 39.81 21.05 -16.95
CA LEU A 110 39.45 19.97 -17.86
C LEU A 110 39.69 20.34 -19.32
N LYS A 111 40.54 21.34 -19.57
CA LYS A 111 40.92 21.66 -20.94
C LYS A 111 41.77 20.54 -21.52
N PHE A 112 41.51 20.18 -22.77
CA PHE A 112 42.26 19.12 -23.42
C PHE A 112 42.43 19.43 -24.90
N LYS A 113 43.43 18.80 -25.51
CA LYS A 113 43.66 18.87 -26.94
C LYS A 113 43.79 17.46 -27.50
N GLY A 114 42.98 17.14 -28.51
CA GLY A 114 42.99 15.82 -29.09
C GLY A 114 42.29 15.75 -30.43
N PRO A 115 42.21 14.54 -30.98
CA PRO A 115 41.56 14.38 -32.30
C PRO A 115 40.10 14.79 -32.31
N MET A 116 39.37 14.60 -31.21
CA MET A 116 37.98 15.00 -31.12
C MET A 116 37.84 16.24 -30.25
N THR A 117 36.81 17.05 -30.54
CA THR A 117 36.53 18.26 -29.79
C THR A 117 35.60 18.01 -28.61
N VAL A 118 34.75 16.99 -28.69
CA VAL A 118 33.78 16.66 -27.65
C VAL A 118 34.03 15.23 -27.23
N LEU A 119 34.13 15.00 -25.91
CA LEU A 119 34.34 13.67 -25.37
C LEU A 119 33.03 13.17 -24.75
N ARG A 120 32.37 12.23 -25.43
CA ARG A 120 31.18 11.59 -24.89
C ARG A 120 31.63 10.37 -24.11
N LEU A 121 31.64 10.47 -22.79
CA LEU A 121 32.31 9.50 -21.94
C LEU A 121 31.30 8.65 -21.18
N ASN A 122 31.83 7.59 -20.56
CA ASN A 122 31.02 6.77 -19.65
C ASN A 122 30.59 7.61 -18.45
N ASN A 123 29.37 7.37 -17.98
CA ASN A 123 28.83 8.15 -16.88
C ASN A 123 29.55 7.92 -15.57
N LEU A 124 30.36 6.87 -15.45
CA LEU A 124 31.17 6.68 -14.26
C LEU A 124 32.26 7.73 -14.11
N MET A 125 32.59 8.45 -15.18
CA MET A 125 33.53 9.55 -15.10
C MET A 125 33.00 10.71 -14.24
N ALA A 126 31.68 10.83 -14.10
CA ALA A 126 31.13 11.94 -13.32
C ALA A 126 31.51 11.86 -11.85
N SER A 127 31.56 10.65 -11.30
CA SER A 127 31.91 10.49 -9.89
C SER A 127 33.36 10.87 -9.59
N LYS A 128 34.22 10.88 -10.60
CA LYS A 128 35.63 11.22 -10.41
C LYS A 128 35.94 12.71 -10.56
N ILE A 129 35.00 13.50 -11.06
CA ILE A 129 35.19 14.94 -11.21
C ILE A 129 34.24 15.68 -10.28
N TRP A 130 34.41 17.00 -10.22
CA TRP A 130 33.51 17.83 -9.43
C TRP A 130 32.23 18.10 -10.22
N THR A 131 31.10 18.00 -9.52
CA THR A 131 29.80 18.34 -10.06
C THR A 131 29.06 19.21 -9.06
N PRO A 132 28.13 20.04 -9.53
CA PRO A 132 27.34 20.85 -8.59
C PRO A 132 26.50 19.94 -7.72
N ASP A 133 26.30 20.36 -6.47
CA ASP A 133 25.50 19.60 -5.52
C ASP A 133 24.06 20.09 -5.53
N THR A 134 23.47 20.05 -6.72
CA THR A 134 22.12 20.53 -6.90
C THR A 134 21.14 19.58 -6.21
N PHE A 135 20.15 20.16 -5.54
CA PHE A 135 19.09 19.40 -4.90
C PHE A 135 17.79 20.15 -5.11
N PHE A 136 16.69 19.42 -5.01
CA PHE A 136 15.36 20.01 -5.19
C PHE A 136 14.79 20.35 -3.83
N HIS A 137 14.50 21.64 -3.62
CA HIS A 137 14.14 22.13 -2.29
C HIS A 137 12.85 21.50 -1.80
N ASN A 138 11.87 21.34 -2.68
CA ASN A 138 10.59 20.77 -2.30
C ASN A 138 10.47 19.30 -2.68
N GLY A 139 11.60 18.63 -2.92
CA GLY A 139 11.54 17.20 -3.24
C GLY A 139 11.36 16.37 -1.99
N LYS A 140 10.57 15.30 -2.12
CA LYS A 140 10.29 14.38 -1.03
C LYS A 140 11.07 13.09 -1.13
N LYS A 141 11.09 12.48 -2.32
CA LYS A 141 11.85 11.26 -2.55
C LYS A 141 12.09 11.15 -4.05
N SER A 142 13.34 11.33 -4.46
CA SER A 142 13.69 11.31 -5.87
C SER A 142 14.51 10.07 -6.18
N VAL A 143 14.47 9.66 -7.44
CA VAL A 143 15.15 8.46 -7.91
C VAL A 143 16.03 8.83 -9.09
N ALA A 144 17.30 8.45 -9.01
CA ALA A 144 18.21 8.51 -10.15
C ALA A 144 18.22 7.13 -10.79
N HIS A 145 17.61 7.02 -11.97
CA HIS A 145 17.40 5.74 -12.61
C HIS A 145 18.72 5.04 -12.90
N ASN A 146 18.77 3.73 -12.64
CA ASN A 146 20.00 2.97 -12.69
C ASN A 146 19.90 1.73 -13.59
N MET A 147 18.96 1.70 -14.52
CA MET A 147 18.77 0.56 -15.41
C MET A 147 18.95 1.02 -16.84
N THR A 148 19.75 0.28 -17.61
CA THR A 148 20.51 -0.86 -17.13
C THR A 148 21.83 -0.41 -16.53
N MET A 149 22.16 0.86 -16.78
CA MET A 149 23.33 1.53 -16.26
C MET A 149 22.88 2.87 -15.69
N PRO A 150 23.73 3.54 -14.88
CA PRO A 150 23.36 4.88 -14.38
C PRO A 150 22.92 5.81 -15.50
N ASN A 151 21.69 6.30 -15.40
CA ASN A 151 21.10 7.13 -16.44
C ASN A 151 21.71 8.53 -16.45
N LYS A 152 23.00 8.62 -16.77
CA LYS A 152 23.72 9.88 -16.77
C LYS A 152 24.59 9.97 -18.01
N LEU A 153 24.86 11.19 -18.45
CA LEU A 153 25.81 11.43 -19.52
C LEU A 153 26.74 12.56 -19.12
N LEU A 154 27.95 12.55 -19.68
CA LEU A 154 28.95 13.57 -19.38
C LEU A 154 29.75 13.85 -20.63
N ARG A 155 29.68 15.08 -21.12
CA ARG A 155 30.43 15.49 -22.30
C ARG A 155 31.33 16.66 -21.94
N ILE A 156 32.59 16.59 -22.36
CA ILE A 156 33.59 17.61 -22.07
C ILE A 156 34.00 18.24 -23.39
N THR A 157 33.72 19.52 -23.56
CA THR A 157 34.20 20.24 -24.73
C THR A 157 35.66 20.66 -24.51
N GLU A 158 36.33 20.95 -25.63
CA GLU A 158 37.76 21.22 -25.59
C GLU A 158 38.10 22.47 -24.80
N ASP A 159 37.18 23.41 -24.67
CA ASP A 159 37.42 24.65 -23.95
C ASP A 159 37.13 24.53 -22.46
N GLY A 160 36.73 23.34 -22.00
CA GLY A 160 36.41 23.11 -20.60
C GLY A 160 34.95 23.16 -20.26
N THR A 161 34.07 23.40 -21.23
CA THR A 161 32.65 23.41 -20.95
C THR A 161 32.14 21.99 -20.72
N LEU A 162 31.36 21.81 -19.66
CA LEU A 162 30.85 20.50 -19.30
C LEU A 162 29.35 20.45 -19.49
N LEU A 163 28.87 19.45 -20.23
CA LEU A 163 27.45 19.18 -20.35
C LEU A 163 27.17 17.93 -19.54
N TYR A 164 26.34 18.08 -18.51
CA TYR A 164 26.06 16.99 -17.57
C TYR A 164 24.55 16.82 -17.48
N THR A 165 24.06 15.64 -17.83
CA THR A 165 22.63 15.38 -17.85
C THR A 165 22.34 14.07 -17.13
N MET A 166 21.23 14.04 -16.42
CA MET A 166 20.77 12.85 -15.72
C MET A 166 19.26 12.75 -15.86
N ARG A 167 18.75 11.53 -15.75
CA ARG A 167 17.32 11.25 -15.83
C ARG A 167 16.81 11.00 -14.42
N LEU A 168 15.80 11.77 -14.01
CA LEU A 168 15.32 11.76 -12.65
C LEU A 168 13.82 11.62 -12.60
N THR A 169 13.33 10.94 -11.57
CA THR A 169 11.93 10.95 -11.18
C THR A 169 11.84 11.67 -9.85
N VAL A 170 11.15 12.80 -9.82
CA VAL A 170 11.13 13.69 -8.66
C VAL A 170 9.71 13.75 -8.12
N ARG A 171 9.55 13.37 -6.86
CA ARG A 171 8.30 13.62 -6.12
C ARG A 171 8.53 14.89 -5.32
N ALA A 172 7.97 15.99 -5.79
CA ALA A 172 8.17 17.29 -5.16
C ALA A 172 6.90 17.72 -4.43
N GLU A 173 7.09 18.47 -3.35
CA GLU A 173 5.95 18.98 -2.60
C GLU A 173 5.24 20.04 -3.41
N CYS A 174 3.91 19.95 -3.44
CA CYS A 174 3.05 20.96 -4.04
C CYS A 174 1.98 21.27 -3.00
N PRO A 175 2.21 22.27 -2.16
CA PRO A 175 1.18 22.65 -1.19
C PRO A 175 -0.05 23.14 -1.91
N MET A 176 -1.20 22.55 -1.57
CA MET A 176 -2.45 22.80 -2.26
C MET A 176 -3.45 23.36 -1.27
N HIS A 177 -4.15 24.42 -1.67
CA HIS A 177 -5.29 24.91 -0.91
C HIS A 177 -6.53 24.37 -1.61
N LEU A 178 -7.28 23.53 -0.93
CA LEU A 178 -8.35 22.76 -1.53
C LEU A 178 -9.72 23.30 -1.14
N GLU A 179 -9.78 24.60 -0.85
CA GLU A 179 -11.06 25.22 -0.48
C GLU A 179 -12.02 25.24 -1.65
N ASP A 180 -11.50 25.37 -2.87
CA ASP A 180 -12.33 25.40 -4.07
C ASP A 180 -12.47 24.04 -4.74
N PHE A 181 -12.01 22.97 -4.09
CA PHE A 181 -12.12 21.63 -4.69
C PHE A 181 -13.57 21.29 -4.97
N PRO A 182 -13.87 20.70 -6.13
CA PRO A 182 -12.97 20.28 -7.21
C PRO A 182 -12.84 21.31 -8.32
N MET A 183 -13.03 22.59 -8.03
CA MET A 183 -12.90 23.66 -9.02
C MET A 183 -11.70 24.54 -8.69
N ASP A 184 -10.60 23.93 -8.29
CA ASP A 184 -9.42 24.64 -7.81
C ASP A 184 -8.30 24.55 -8.84
N ALA A 185 -7.44 25.55 -8.82
CA ALA A 185 -6.26 25.61 -9.66
C ALA A 185 -5.03 25.72 -8.78
N HIS A 186 -3.94 25.09 -9.21
CA HIS A 186 -2.72 25.02 -8.41
C HIS A 186 -1.53 25.38 -9.27
N ALA A 187 -0.50 25.91 -8.61
CA ALA A 187 0.78 26.24 -9.24
C ALA A 187 1.82 25.40 -8.54
N CYS A 188 2.04 24.18 -9.02
CA CYS A 188 3.02 23.30 -8.38
C CYS A 188 4.42 23.75 -8.73
N PRO A 189 5.26 24.06 -7.74
CA PRO A 189 6.60 24.57 -8.02
C PRO A 189 7.63 23.45 -8.07
N LEU A 190 8.77 23.80 -8.66
CA LEU A 190 9.95 22.93 -8.64
C LEU A 190 11.14 23.85 -8.45
N LYS A 191 11.70 23.83 -7.24
CA LYS A 191 12.82 24.69 -6.87
C LYS A 191 14.06 23.84 -6.68
N PHE A 192 15.16 24.24 -7.31
CA PHE A 192 16.43 23.56 -7.13
C PHE A 192 17.54 24.58 -6.98
N GLY A 193 18.61 24.16 -6.32
CA GLY A 193 19.74 25.02 -6.10
C GLY A 193 20.84 24.26 -5.40
N SER A 194 21.92 24.97 -5.11
CA SER A 194 23.04 24.37 -4.40
C SER A 194 22.67 24.17 -2.94
N TYR A 195 23.11 23.05 -2.38
CA TYR A 195 22.79 22.75 -0.98
C TYR A 195 23.78 23.39 -0.02
N ALA A 196 25.06 23.45 -0.39
CA ALA A 196 26.11 23.90 0.52
C ALA A 196 26.82 25.16 0.06
N TYR A 197 26.73 25.53 -1.22
CA TYR A 197 27.45 26.67 -1.75
C TYR A 197 26.51 27.87 -1.83
N THR A 198 26.91 28.97 -1.19
CA THR A 198 26.15 30.20 -1.22
C THR A 198 26.32 30.89 -2.57
N ARG A 199 25.52 31.94 -2.80
CA ARG A 199 25.53 32.64 -4.08
C ARG A 199 26.84 33.37 -4.32
N ALA A 200 27.67 33.55 -3.30
CA ALA A 200 29.02 34.07 -3.50
C ALA A 200 29.97 33.01 -4.05
N GLU A 201 29.54 31.77 -4.12
CA GLU A 201 30.35 30.68 -4.62
C GLU A 201 29.77 30.04 -5.88
N VAL A 202 28.48 29.70 -5.88
CA VAL A 202 27.83 29.07 -7.03
C VAL A 202 26.54 29.83 -7.33
N VAL A 203 26.37 30.22 -8.59
CA VAL A 203 25.11 30.80 -9.07
C VAL A 203 24.56 29.91 -10.17
N TYR A 204 23.25 29.95 -10.36
CA TYR A 204 22.56 29.16 -11.37
C TYR A 204 21.85 30.06 -12.36
N GLU A 205 21.95 29.72 -13.65
CA GLU A 205 21.25 30.45 -14.70
C GLU A 205 20.63 29.45 -15.67
N TRP A 206 19.63 29.90 -16.41
CA TRP A 206 19.04 29.10 -17.47
C TRP A 206 19.85 29.20 -18.75
N THR A 207 19.95 28.08 -19.47
CA THR A 207 20.80 28.03 -20.67
C THR A 207 20.33 29.03 -21.71
N ARG A 208 19.02 29.14 -21.91
CA ARG A 208 18.45 30.10 -22.84
C ARG A 208 17.43 30.96 -22.11
N GLU A 209 16.61 31.68 -22.86
CA GLU A 209 15.56 32.51 -22.26
C GLU A 209 14.70 31.66 -21.32
N PRO A 210 14.29 32.21 -20.17
CA PRO A 210 13.63 31.36 -19.15
C PRO A 210 12.43 30.60 -19.65
N ALA A 211 11.63 31.20 -20.53
CA ALA A 211 10.45 30.50 -21.04
C ALA A 211 10.83 29.27 -21.85
N ARG A 212 11.94 29.33 -22.58
CA ARG A 212 12.37 28.24 -23.44
C ARG A 212 13.36 27.30 -22.78
N SER A 213 13.68 27.51 -21.50
CA SER A 213 14.62 26.64 -20.81
C SER A 213 13.96 25.44 -20.15
N VAL A 214 12.64 25.47 -19.97
CA VAL A 214 11.87 24.31 -19.52
C VAL A 214 11.00 23.87 -20.68
N VAL A 215 11.25 22.66 -21.18
CA VAL A 215 10.56 22.13 -22.34
C VAL A 215 9.81 20.86 -21.94
N VAL A 216 8.56 20.77 -22.36
CA VAL A 216 7.70 19.63 -22.07
C VAL A 216 7.45 18.87 -23.37
N ALA A 217 7.65 17.55 -23.33
CA ALA A 217 7.41 16.73 -24.50
C ALA A 217 5.92 16.76 -24.86
N GLU A 218 5.64 16.70 -26.16
CA GLU A 218 4.25 16.75 -26.61
C GLU A 218 3.46 15.55 -26.10
N ASP A 219 4.07 14.36 -26.15
CA ASP A 219 3.42 13.16 -25.65
C ASP A 219 3.80 12.87 -24.20
N GLY A 220 4.18 13.90 -23.44
CA GLY A 220 4.62 13.70 -22.08
C GLY A 220 3.65 14.19 -21.01
N SER A 221 2.36 13.93 -21.20
CA SER A 221 1.34 14.32 -20.24
C SER A 221 0.79 13.03 -19.65
N ARG A 222 1.19 12.74 -18.41
CA ARG A 222 0.64 11.63 -17.66
C ARG A 222 -0.43 12.08 -16.67
N LEU A 223 -1.07 13.21 -16.92
CA LEU A 223 -2.08 13.73 -16.01
C LEU A 223 -3.45 13.18 -16.43
N ASN A 224 -4.25 12.82 -15.43
CA ASN A 224 -5.59 12.31 -15.64
C ASN A 224 -6.67 13.32 -15.29
N GLN A 225 -6.55 13.97 -14.12
CA GLN A 225 -7.57 14.92 -13.66
C GLN A 225 -7.05 16.34 -13.64
N TYR A 226 -6.00 16.64 -14.39
CA TYR A 226 -5.41 17.96 -14.41
C TYR A 226 -5.10 18.33 -15.85
N ASP A 227 -5.10 19.63 -16.13
CA ASP A 227 -4.63 20.17 -17.39
C ASP A 227 -3.42 21.04 -17.12
N LEU A 228 -2.35 20.82 -17.87
CA LEU A 228 -1.15 21.64 -17.74
C LEU A 228 -1.34 22.84 -18.67
N LEU A 229 -1.67 23.99 -18.08
CA LEU A 229 -1.93 25.17 -18.88
C LEU A 229 -0.64 25.80 -19.39
N GLY A 230 0.44 25.59 -18.67
CA GLY A 230 1.72 26.16 -19.01
C GLY A 230 2.57 26.28 -17.76
N GLN A 231 3.73 26.90 -17.91
CA GLN A 231 4.63 27.07 -16.79
C GLN A 231 5.23 28.48 -16.84
N THR A 232 5.58 28.99 -15.67
CA THR A 232 6.32 30.23 -15.53
C THR A 232 7.66 29.92 -14.87
N VAL A 233 8.71 30.58 -15.35
CA VAL A 233 10.07 30.27 -14.95
C VAL A 233 10.70 31.53 -14.37
N ASP A 234 11.25 31.43 -13.16
CA ASP A 234 11.79 32.56 -12.46
C ASP A 234 13.06 32.12 -11.73
N SER A 235 13.77 33.09 -11.15
CA SER A 235 14.98 32.81 -10.39
C SER A 235 15.22 33.92 -9.39
N GLY A 236 15.35 33.56 -8.11
CA GLY A 236 15.56 34.55 -7.08
C GLY A 236 16.61 34.13 -6.07
N ILE A 237 16.62 34.75 -4.90
CA ILE A 237 17.57 34.45 -3.84
C ILE A 237 16.81 34.05 -2.58
N VAL A 238 17.14 32.89 -2.02
CA VAL A 238 16.56 32.41 -0.77
C VAL A 238 17.55 32.66 0.35
N GLN A 239 17.10 33.28 1.43
CA GLN A 239 17.94 33.52 2.59
C GLN A 239 17.61 32.49 3.67
N SER A 240 18.64 31.79 4.13
CA SER A 240 18.50 30.75 5.13
C SER A 240 19.42 31.02 6.31
N SER A 241 19.56 30.05 7.22
CA SER A 241 20.42 30.24 8.37
C SER A 241 21.89 29.94 8.08
N THR A 242 22.21 29.54 6.85
CA THR A 242 23.58 29.22 6.47
C THR A 242 24.12 30.15 5.40
N GLY A 243 23.32 31.07 4.90
CA GLY A 243 23.73 32.07 3.94
C GLY A 243 22.64 32.32 2.93
N GLU A 244 23.01 32.97 1.83
CA GLU A 244 22.09 33.29 0.74
C GLU A 244 22.40 32.37 -0.44
N TYR A 245 21.36 31.76 -0.99
CA TYR A 245 21.51 30.78 -2.05
C TYR A 245 20.67 31.17 -3.26
N VAL A 246 21.17 30.88 -4.45
CA VAL A 246 20.43 31.09 -5.67
C VAL A 246 19.45 29.94 -5.85
N VAL A 247 18.20 30.26 -6.13
CA VAL A 247 17.15 29.27 -6.33
C VAL A 247 16.51 29.49 -7.69
N MET A 248 16.36 28.42 -8.46
CA MET A 248 15.68 28.47 -9.74
C MET A 248 14.31 27.85 -9.57
N THR A 249 13.28 28.59 -9.96
CA THR A 249 11.89 28.22 -9.67
C THR A 249 11.16 27.96 -10.98
N THR A 250 10.44 26.85 -11.04
CA THR A 250 9.54 26.55 -12.14
C THR A 250 8.18 26.25 -11.54
N HIS A 251 7.17 26.99 -11.97
CA HIS A 251 5.80 26.82 -11.48
C HIS A 251 4.97 26.21 -12.60
N PHE A 252 4.39 25.05 -12.36
CA PHE A 252 3.50 24.40 -13.31
C PHE A 252 2.07 24.71 -12.91
N HIS A 253 1.32 25.35 -13.80
CA HIS A 253 -0.03 25.78 -13.49
C HIS A 253 -1.00 24.69 -13.93
N LEU A 254 -1.70 24.10 -12.97
CA LEU A 254 -2.60 22.99 -13.23
C LEU A 254 -4.02 23.43 -12.96
N LYS A 255 -4.95 22.95 -13.79
CA LYS A 255 -6.38 23.19 -13.58
C LYS A 255 -7.09 21.85 -13.58
N ARG A 256 -7.80 21.57 -12.50
CA ARG A 256 -8.46 20.28 -12.35
C ARG A 256 -9.61 20.18 -13.33
N LYS A 257 -9.84 18.98 -13.85
CA LYS A 257 -11.01 18.73 -14.69
C LYS A 257 -12.20 18.33 -13.83
N ILE A 258 -13.31 19.05 -13.99
CA ILE A 258 -14.50 18.81 -13.19
C ILE A 258 -15.44 17.79 -13.81
N GLY A 259 -15.14 17.31 -15.01
CA GLY A 259 -16.08 16.43 -15.70
C GLY A 259 -16.38 15.15 -14.95
N TYR A 260 -15.36 14.58 -14.29
CA TYR A 260 -15.58 13.34 -13.55
C TYR A 260 -16.52 13.57 -12.38
N PHE A 261 -16.35 14.68 -11.65
CA PHE A 261 -17.14 14.94 -10.46
C PHE A 261 -18.55 15.41 -10.75
N VAL A 262 -18.80 15.96 -11.94
CA VAL A 262 -20.17 16.31 -12.32
C VAL A 262 -21.04 15.07 -12.42
N ILE A 263 -20.54 14.01 -13.05
CA ILE A 263 -21.35 12.79 -13.18
C ILE A 263 -21.35 12.01 -11.88
N GLN A 264 -20.21 11.91 -11.21
CA GLN A 264 -20.12 11.02 -10.05
C GLN A 264 -20.83 11.61 -8.84
N THR A 265 -20.66 12.90 -8.59
CA THR A 265 -21.16 13.48 -7.35
C THR A 265 -22.18 14.58 -7.56
N TYR A 266 -21.90 15.55 -8.44
CA TYR A 266 -22.78 16.72 -8.52
C TYR A 266 -24.14 16.36 -9.11
N LEU A 267 -24.16 15.64 -10.23
CA LEU A 267 -25.45 15.25 -10.80
C LEU A 267 -26.26 14.34 -9.90
N PRO A 268 -25.69 13.27 -9.32
CA PRO A 268 -26.51 12.47 -8.37
C PRO A 268 -27.00 13.28 -7.20
N CYS A 269 -26.21 14.23 -6.71
CA CYS A 269 -26.67 15.07 -5.60
C CYS A 269 -27.79 15.99 -6.05
N ILE A 270 -27.67 16.58 -7.25
CA ILE A 270 -28.74 17.46 -7.72
C ILE A 270 -30.00 16.67 -7.98
N MET A 271 -29.87 15.51 -8.63
CA MET A 271 -31.05 14.70 -8.89
C MET A 271 -31.64 14.13 -7.61
N THR A 272 -30.80 13.80 -6.62
CA THR A 272 -31.32 13.32 -5.35
C THR A 272 -32.10 14.42 -4.64
N VAL A 273 -31.59 15.66 -4.68
CA VAL A 273 -32.34 16.78 -4.11
C VAL A 273 -33.64 16.98 -4.89
N ILE A 274 -33.55 16.92 -6.22
CA ILE A 274 -34.76 17.06 -7.02
C ILE A 274 -35.70 15.90 -6.75
N LEU A 275 -35.13 14.70 -6.57
CA LEU A 275 -35.95 13.53 -6.25
C LEU A 275 -36.65 13.71 -4.92
N SER A 276 -35.96 14.29 -3.93
CA SER A 276 -36.60 14.50 -2.64
C SER A 276 -37.70 15.54 -2.73
N GLN A 277 -37.63 16.41 -3.74
CA GLN A 277 -38.64 17.44 -3.95
C GLN A 277 -39.79 16.92 -4.79
N VAL A 278 -39.64 15.73 -5.38
CA VAL A 278 -40.75 15.07 -6.05
C VAL A 278 -41.81 14.69 -5.03
N SER A 279 -41.40 14.46 -3.78
CA SER A 279 -42.34 14.07 -2.74
C SER A 279 -43.39 15.15 -2.53
N PHE A 280 -43.04 16.40 -2.86
CA PHE A 280 -43.98 17.52 -2.72
C PHE A 280 -45.17 17.36 -3.66
N TRP A 281 -45.01 16.62 -4.76
CA TRP A 281 -46.06 16.45 -5.74
C TRP A 281 -46.92 15.22 -5.46
N LEU A 282 -46.52 14.39 -4.50
CA LEU A 282 -47.35 13.27 -4.05
C LEU A 282 -48.44 13.80 -3.14
N ASN A 283 -49.59 13.12 -3.14
CA ASN A 283 -50.68 13.59 -2.31
C ASN A 283 -50.36 13.41 -0.83
N ARG A 284 -50.94 14.30 -0.02
CA ARG A 284 -50.68 14.35 1.41
C ARG A 284 -51.25 13.15 2.17
N GLU A 285 -52.13 12.36 1.55
CA GLU A 285 -52.64 11.14 2.17
C GLU A 285 -51.68 9.96 2.13
N SER A 286 -50.65 10.01 1.28
CA SER A 286 -49.70 8.91 1.16
C SER A 286 -48.60 9.05 2.21
N VAL A 287 -49.02 8.93 3.47
CA VAL A 287 -48.10 9.07 4.59
C VAL A 287 -47.01 8.00 4.57
N PRO A 288 -47.32 6.70 4.46
CA PRO A 288 -46.23 5.73 4.38
C PRO A 288 -45.37 5.92 3.15
N ALA A 289 -45.99 6.28 2.02
CA ALA A 289 -45.24 6.46 0.78
C ALA A 289 -44.31 7.65 0.84
N ARG A 290 -44.78 8.78 1.36
CA ARG A 290 -43.93 9.97 1.43
C ARG A 290 -42.88 9.87 2.53
N THR A 291 -43.17 9.14 3.60
CA THR A 291 -42.12 8.93 4.60
C THR A 291 -41.03 8.02 4.05
N VAL A 292 -41.42 7.02 3.26
CA VAL A 292 -40.42 6.17 2.62
C VAL A 292 -39.61 6.98 1.62
N PHE A 293 -40.27 7.84 0.85
CA PHE A 293 -39.55 8.74 -0.05
C PHE A 293 -38.59 9.63 0.70
N GLY A 294 -39.04 10.21 1.81
CA GLY A 294 -38.20 11.15 2.54
C GLY A 294 -37.00 10.49 3.18
N VAL A 295 -37.23 9.39 3.89
CA VAL A 295 -36.19 8.73 4.66
C VAL A 295 -35.17 8.04 3.76
N THR A 296 -35.63 7.44 2.66
CA THR A 296 -34.73 6.70 1.77
C THR A 296 -33.79 7.65 1.05
N THR A 297 -34.28 8.83 0.66
CA THR A 297 -33.43 9.79 -0.02
C THR A 297 -32.39 10.37 0.92
N VAL A 298 -32.71 10.48 2.21
CA VAL A 298 -31.70 10.91 3.18
C VAL A 298 -30.63 9.83 3.29
N LEU A 299 -31.02 8.56 3.19
CA LEU A 299 -30.05 7.47 3.10
C LEU A 299 -29.27 7.53 1.79
N THR A 300 -29.95 7.85 0.69
CA THR A 300 -29.25 7.97 -0.59
C THR A 300 -28.22 9.09 -0.56
N MET A 301 -28.57 10.22 0.07
CA MET A 301 -27.62 11.31 0.22
C MET A 301 -26.45 10.89 1.09
N THR A 302 -26.72 10.14 2.16
CA THR A 302 -25.66 9.63 3.00
C THR A 302 -24.74 8.70 2.22
N THR A 303 -25.30 7.83 1.38
CA THR A 303 -24.46 6.97 0.56
C THR A 303 -23.63 7.80 -0.41
N LEU A 304 -24.25 8.78 -1.07
CA LEU A 304 -23.50 9.62 -1.99
C LEU A 304 -22.46 10.45 -1.26
N SER A 305 -22.82 11.00 -0.09
CA SER A 305 -21.91 11.87 0.65
C SER A 305 -20.67 11.10 1.11
N ILE A 306 -20.87 9.86 1.58
CA ILE A 306 -19.76 9.08 2.10
C ILE A 306 -18.72 8.82 1.02
N SER A 307 -19.17 8.48 -0.19
CA SER A 307 -18.21 8.15 -1.23
C SER A 307 -17.45 9.37 -1.74
N ALA A 308 -17.83 10.59 -1.31
CA ALA A 308 -17.17 11.77 -1.83
C ALA A 308 -15.83 12.04 -1.15
N ARG A 309 -15.57 11.40 -0.01
CA ARG A 309 -14.30 11.56 0.70
C ARG A 309 -13.34 10.43 0.39
N ASN A 310 -13.70 9.57 -0.57
CA ASN A 310 -12.79 8.51 -1.00
C ASN A 310 -11.55 9.08 -1.68
N SER A 311 -11.73 10.10 -2.51
CA SER A 311 -10.66 10.71 -3.28
C SER A 311 -10.18 12.05 -2.72
N LEU A 312 -10.27 12.25 -1.41
CA LEU A 312 -9.72 13.49 -0.89
C LEU A 312 -8.83 13.24 0.33
N PRO A 313 -7.82 14.09 0.51
CA PRO A 313 -7.01 14.04 1.74
C PRO A 313 -7.84 14.47 2.94
N LYS A 314 -7.45 13.97 4.11
CA LYS A 314 -8.22 14.28 5.32
C LYS A 314 -7.83 15.69 5.78
N VAL A 315 -8.28 16.67 5.00
CA VAL A 315 -8.04 18.08 5.30
C VAL A 315 -9.00 18.54 6.39
N ALA A 316 -8.54 19.43 7.26
CA ALA A 316 -9.37 19.86 8.37
C ALA A 316 -10.36 20.95 7.95
N TYR A 317 -10.15 21.58 6.80
CA TYR A 317 -11.04 22.62 6.32
C TYR A 317 -12.09 22.01 5.41
N ALA A 318 -13.12 22.79 5.09
CA ALA A 318 -14.20 22.33 4.24
C ALA A 318 -13.94 22.75 2.80
N THR A 319 -13.99 21.78 1.89
CA THR A 319 -13.80 22.06 0.47
C THR A 319 -15.09 22.61 -0.12
N ALA A 320 -14.99 23.08 -1.38
CA ALA A 320 -16.17 23.60 -2.05
C ALA A 320 -17.21 22.52 -2.27
N MET A 321 -16.76 21.26 -2.45
CA MET A 321 -17.72 20.16 -2.60
C MET A 321 -18.37 19.79 -1.28
N ASP A 322 -17.69 20.02 -0.16
CA ASP A 322 -18.30 19.76 1.14
C ASP A 322 -19.48 20.69 1.38
N TRP A 323 -19.36 21.96 0.98
CA TRP A 323 -20.46 22.90 1.14
C TRP A 323 -21.65 22.51 0.29
N PHE A 324 -21.40 22.03 -0.93
CA PHE A 324 -22.50 21.60 -1.80
C PHE A 324 -23.25 20.43 -1.19
N ILE A 325 -22.51 19.46 -0.63
CA ILE A 325 -23.17 18.30 -0.03
C ILE A 325 -23.89 18.72 1.24
N ALA A 326 -23.31 19.65 2.00
CA ALA A 326 -23.94 20.11 3.23
C ALA A 326 -25.27 20.81 2.93
N VAL A 327 -25.30 21.62 1.87
CA VAL A 327 -26.54 22.27 1.47
C VAL A 327 -27.50 21.24 0.90
N CYS A 328 -26.98 20.28 0.11
CA CYS A 328 -27.82 19.20 -0.39
C CYS A 328 -28.43 18.42 0.77
N TYR A 329 -27.67 18.25 1.86
CA TYR A 329 -28.24 17.63 3.04
C TYR A 329 -29.35 18.48 3.63
N ALA A 330 -29.18 19.81 3.61
CA ALA A 330 -30.21 20.69 4.16
C ALA A 330 -31.50 20.65 3.34
N PHE A 331 -31.39 20.65 2.01
CA PHE A 331 -32.58 20.55 1.18
C PHE A 331 -33.26 19.20 1.35
N VAL A 332 -32.48 18.13 1.43
CA VAL A 332 -33.04 16.79 1.61
C VAL A 332 -33.67 16.70 3.00
N PHE A 333 -32.98 17.21 4.02
CA PHE A 333 -33.50 17.14 5.38
C PHE A 333 -34.75 17.99 5.54
N SER A 334 -34.75 19.20 4.98
CA SER A 334 -35.91 20.07 5.07
C SER A 334 -37.10 19.54 4.28
N ALA A 335 -36.88 18.72 3.26
CA ALA A 335 -38.00 18.12 2.55
C ALA A 335 -38.76 17.13 3.40
N LEU A 336 -38.06 16.35 4.23
CA LEU A 336 -38.77 15.44 5.12
C LEU A 336 -39.44 16.18 6.27
N ILE A 337 -38.80 17.25 6.76
CA ILE A 337 -39.41 18.09 7.79
C ILE A 337 -40.69 18.75 7.25
N GLU A 338 -40.68 19.11 5.97
CA GLU A 338 -41.87 19.69 5.36
C GLU A 338 -43.04 18.72 5.38
N PHE A 339 -42.77 17.45 5.07
CA PHE A 339 -43.83 16.44 5.11
C PHE A 339 -44.33 16.21 6.52
N ALA A 340 -43.44 16.29 7.51
CA ALA A 340 -43.84 16.17 8.91
C ALA A 340 -44.80 17.28 9.32
N THR A 341 -44.55 18.51 8.86
CA THR A 341 -45.49 19.59 9.11
C THR A 341 -46.82 19.32 8.41
N VAL A 342 -46.76 18.86 7.16
CA VAL A 342 -47.97 18.55 6.41
C VAL A 342 -48.72 17.41 7.08
N ASN A 343 -47.99 16.37 7.50
CA ASN A 343 -48.58 15.22 8.17
C ASN A 343 -49.14 15.59 9.53
N TYR A 344 -48.61 16.63 10.17
CA TYR A 344 -49.11 17.05 11.47
C TYR A 344 -50.50 17.66 11.37
N PHE A 345 -50.85 18.31 10.26
CA PHE A 345 -52.17 18.90 10.15
C PHE A 345 -53.14 18.06 9.35
N THR A 346 -52.72 16.87 8.90
CA THR A 346 -53.53 16.05 8.01
C THR A 346 -54.80 15.61 8.74
N LYS A 347 -55.96 16.00 8.21
CA LYS A 347 -57.19 15.72 8.93
C LYS A 347 -57.79 14.36 8.57
N ARG A 348 -57.54 13.87 7.36
CA ARG A 348 -58.16 12.64 6.89
C ARG A 348 -57.09 11.69 6.36
N GLY A 349 -57.26 10.41 6.66
CA GLY A 349 -56.35 9.39 6.19
C GLY A 349 -56.66 8.80 4.84
N TYR A 350 -57.75 9.25 4.20
CA TYR A 350 -58.17 8.72 2.91
C TYR A 350 -58.05 9.82 1.85
N ALA A 351 -57.68 9.41 0.63
CA ALA A 351 -57.51 10.35 -0.46
C ALA A 351 -58.80 10.47 -1.27
N TRP A 352 -58.74 11.24 -2.35
CA TRP A 352 -59.88 11.41 -3.23
C TRP A 352 -60.28 10.07 -3.84
N ASP A 353 -61.59 9.77 -3.79
CA ASP A 353 -62.09 8.49 -4.24
C ASP A 353 -62.15 8.36 -5.76
N GLY A 354 -62.06 9.47 -6.50
CA GLY A 354 -62.05 9.44 -7.94
C GLY A 354 -63.41 9.65 -8.59
N LYS A 355 -64.49 9.58 -7.83
CA LYS A 355 -65.84 9.71 -8.38
C LYS A 355 -66.69 10.62 -7.49
N SER A 356 -66.12 11.75 -7.11
CA SER A 356 -66.84 12.72 -6.28
C SER A 356 -66.38 14.15 -6.58
N LYS A 419 -69.13 13.49 1.93
CA LYS A 419 -67.75 13.12 2.25
C LYS A 419 -66.80 14.27 1.97
N THR A 420 -65.77 14.41 2.80
CA THR A 420 -64.78 15.47 2.67
C THR A 420 -63.42 14.85 2.37
N PHE A 421 -62.60 15.59 1.63
CA PHE A 421 -61.27 15.15 1.25
C PHE A 421 -60.26 16.24 1.62
N ASN A 422 -59.07 15.81 2.00
CA ASN A 422 -58.02 16.75 2.39
C ASN A 422 -57.63 17.62 1.19
N SER A 423 -57.56 18.92 1.43
CA SER A 423 -57.12 19.84 0.39
C SER A 423 -55.60 19.76 0.23
N VAL A 424 -55.13 20.23 -0.92
CA VAL A 424 -53.70 20.32 -1.16
C VAL A 424 -53.10 21.31 -0.18
N SER A 425 -52.09 20.88 0.55
CA SER A 425 -51.52 21.72 1.61
C SER A 425 -50.91 22.98 1.02
N LYS A 426 -51.26 24.13 1.61
CA LYS A 426 -50.62 25.38 1.21
C LYS A 426 -49.12 25.35 1.48
N ILE A 427 -48.71 24.60 2.52
CA ILE A 427 -47.29 24.34 2.72
C ILE A 427 -46.73 23.54 1.56
N ASP A 428 -47.48 22.52 1.12
CA ASP A 428 -47.03 21.71 -0.01
C ASP A 428 -47.03 22.52 -1.29
N ARG A 429 -48.04 23.38 -1.49
CA ARG A 429 -48.12 24.16 -2.72
C ARG A 429 -46.95 25.13 -2.82
N LEU A 430 -46.60 25.80 -1.72
CA LEU A 430 -45.48 26.73 -1.76
C LEU A 430 -44.15 26.02 -1.78
N SER A 431 -44.08 24.81 -1.21
CA SER A 431 -42.84 24.06 -1.24
C SER A 431 -42.47 23.66 -2.66
N ARG A 432 -43.45 23.48 -3.55
CA ARG A 432 -43.15 23.15 -4.93
C ARG A 432 -42.47 24.30 -5.66
N ILE A 433 -42.53 25.50 -5.10
CA ILE A 433 -41.88 26.67 -5.68
C ILE A 433 -40.67 27.11 -4.85
N ALA A 434 -40.82 27.15 -3.53
CA ALA A 434 -39.74 27.66 -2.68
C ALA A 434 -38.53 26.75 -2.75
N PHE A 435 -38.72 25.44 -2.60
CA PHE A 435 -37.59 24.53 -2.61
C PHE A 435 -36.84 24.52 -3.94
N PRO A 436 -37.50 24.40 -5.10
CA PRO A 436 -36.73 24.45 -6.36
C PRO A 436 -36.10 25.80 -6.60
N LEU A 437 -36.81 26.90 -6.28
CA LEU A 437 -36.26 28.22 -6.52
C LEU A 437 -35.04 28.47 -5.64
N LEU A 438 -35.11 28.09 -4.36
CA LEU A 438 -33.96 28.30 -3.48
C LEU A 438 -32.80 27.42 -3.90
N PHE A 439 -33.07 26.21 -4.38
CA PHE A 439 -31.99 25.35 -4.82
C PHE A 439 -31.41 25.85 -6.14
N GLY A 440 -32.25 26.42 -7.01
CA GLY A 440 -31.74 27.03 -8.22
C GLY A 440 -30.92 28.28 -7.93
N ILE A 441 -31.36 29.09 -6.95
CA ILE A 441 -30.59 30.28 -6.58
C ILE A 441 -29.28 29.88 -5.93
N PHE A 442 -29.31 28.83 -5.11
CA PHE A 442 -28.08 28.36 -4.48
C PHE A 442 -27.10 27.87 -5.54
N ASN A 443 -27.61 27.15 -6.55
CA ASN A 443 -26.75 26.69 -7.64
C ASN A 443 -26.16 27.87 -8.40
N LEU A 444 -26.97 28.89 -8.69
CA LEU A 444 -26.46 30.05 -9.40
C LEU A 444 -25.37 30.76 -8.61
N VAL A 445 -25.59 30.95 -7.31
CA VAL A 445 -24.56 31.57 -6.48
C VAL A 445 -23.35 30.65 -6.35
N TYR A 446 -23.58 29.34 -6.18
CA TYR A 446 -22.47 28.42 -5.99
C TYR A 446 -21.59 28.33 -7.24
N TRP A 447 -22.22 28.11 -8.40
CA TRP A 447 -21.43 27.91 -9.61
C TRP A 447 -20.79 29.19 -10.10
N ALA A 448 -21.47 30.33 -9.96
CA ALA A 448 -20.86 31.60 -10.35
C ALA A 448 -19.69 31.95 -9.46
N THR A 449 -19.77 31.61 -8.16
CA THR A 449 -18.70 31.93 -7.23
C THR A 449 -17.42 31.17 -7.58
N TYR A 450 -17.54 29.90 -7.94
CA TYR A 450 -16.36 29.05 -8.11
C TYR A 450 -15.90 28.93 -9.55
N LEU A 451 -16.80 28.92 -10.51
CA LEU A 451 -16.40 28.84 -11.92
C LEU A 451 -15.78 30.15 -12.38
N ASN B 33 42.35 -27.35 -19.19
CA ASN B 33 43.48 -26.60 -18.64
C ASN B 33 43.03 -25.21 -18.18
N MET B 34 42.51 -25.14 -16.95
CA MET B 34 41.99 -23.88 -16.44
C MET B 34 43.08 -22.85 -16.26
N SER B 35 44.33 -23.27 -16.03
CA SER B 35 45.42 -22.32 -15.91
C SER B 35 45.63 -21.53 -17.20
N PHE B 36 45.54 -22.20 -18.35
CA PHE B 36 45.62 -21.50 -19.62
C PHE B 36 44.44 -20.56 -19.80
N VAL B 37 43.25 -20.98 -19.39
CA VAL B 37 42.07 -20.13 -19.46
C VAL B 37 42.23 -18.91 -18.55
N LYS B 38 42.82 -19.11 -17.37
CA LYS B 38 43.04 -17.99 -16.46
C LYS B 38 44.00 -16.97 -17.07
N GLU B 39 45.04 -17.44 -17.76
CA GLU B 39 45.95 -16.51 -18.43
C GLU B 39 45.24 -15.72 -19.52
N THR B 40 44.37 -16.39 -20.29
CA THR B 40 43.66 -15.71 -21.37
C THR B 40 42.71 -14.63 -20.85
N VAL B 41 41.93 -14.95 -19.81
CA VAL B 41 40.99 -13.98 -19.29
C VAL B 41 41.70 -12.83 -18.59
N ASP B 42 42.78 -13.12 -17.85
CA ASP B 42 43.55 -12.06 -17.22
C ASP B 42 44.20 -11.14 -18.25
N LYS B 43 44.69 -11.69 -19.37
CA LYS B 43 45.27 -10.84 -20.41
C LYS B 43 44.21 -9.92 -21.03
N LEU B 44 42.98 -10.43 -21.21
CA LEU B 44 41.93 -9.61 -21.81
C LEU B 44 41.62 -8.37 -20.98
N LEU B 45 41.56 -8.53 -19.65
CA LEU B 45 41.19 -7.40 -18.80
C LEU B 45 42.36 -6.50 -18.44
N LYS B 46 43.59 -6.90 -18.77
CA LYS B 46 44.75 -6.04 -18.55
C LYS B 46 44.77 -4.95 -19.61
N GLY B 47 44.76 -3.69 -19.18
CA GLY B 47 44.70 -2.59 -20.13
C GLY B 47 43.35 -2.38 -20.77
N TYR B 48 42.28 -2.86 -20.15
CA TYR B 48 40.93 -2.70 -20.68
C TYR B 48 40.29 -1.45 -20.07
N ASP B 49 39.95 -0.49 -20.94
CA ASP B 49 39.35 0.78 -20.52
C ASP B 49 37.83 0.67 -20.68
N ILE B 50 37.13 0.46 -19.55
CA ILE B 50 35.69 0.34 -19.60
C ILE B 50 35.01 1.65 -19.99
N ARG B 51 35.69 2.78 -19.82
CA ARG B 51 35.11 4.07 -20.17
C ARG B 51 34.92 4.28 -21.67
N LEU B 52 35.50 3.43 -22.52
CA LEU B 52 35.43 3.63 -23.96
C LEU B 52 34.63 2.51 -24.61
N ARG B 53 33.80 2.89 -25.58
CA ARG B 53 33.08 1.93 -26.40
C ARG B 53 34.04 1.25 -27.39
N PRO B 54 33.69 0.06 -27.87
CA PRO B 54 34.46 -0.53 -28.97
C PRO B 54 34.41 0.34 -30.22
N ASP B 55 35.54 0.40 -30.92
CA ASP B 55 35.71 1.30 -32.06
C ASP B 55 35.46 2.75 -31.66
N PHE B 56 35.90 3.11 -30.47
CA PHE B 56 35.76 4.48 -29.98
C PHE B 56 36.52 5.43 -30.90
N GLY B 57 35.86 6.50 -31.32
CA GLY B 57 36.42 7.42 -32.27
C GLY B 57 36.35 6.97 -33.72
N GLY B 58 35.70 5.85 -34.00
CA GLY B 58 35.57 5.33 -35.33
C GLY B 58 34.12 5.10 -35.67
N PRO B 59 33.83 4.07 -36.48
CA PRO B 59 32.45 3.80 -36.85
C PRO B 59 31.65 3.37 -35.63
N PRO B 60 30.33 3.60 -35.63
CA PRO B 60 29.52 3.21 -34.48
C PRO B 60 29.48 1.70 -34.30
N VAL B 61 29.36 1.28 -33.05
CA VAL B 61 29.24 -0.13 -32.71
C VAL B 61 27.77 -0.54 -32.80
N CYS B 62 27.49 -1.59 -33.55
CA CYS B 62 26.12 -2.06 -33.73
C CYS B 62 25.78 -3.04 -32.62
N VAL B 63 24.67 -2.80 -31.94
CA VAL B 63 24.21 -3.63 -30.83
C VAL B 63 22.90 -4.28 -31.23
N GLY B 64 22.87 -5.60 -31.23
CA GLY B 64 21.67 -6.36 -31.50
C GLY B 64 21.00 -6.80 -30.21
N MET B 65 19.68 -6.69 -30.18
CA MET B 65 18.90 -6.94 -28.98
C MET B 65 17.81 -7.94 -29.27
N ASN B 66 17.70 -8.96 -28.41
CA ASN B 66 16.59 -9.91 -28.44
C ASN B 66 16.05 -10.03 -27.04
N ILE B 67 14.73 -10.17 -26.92
CA ILE B 67 14.05 -10.22 -25.64
C ILE B 67 13.27 -11.53 -25.55
N ASP B 68 13.44 -12.25 -24.45
CA ASP B 68 12.62 -13.41 -24.13
C ASP B 68 11.74 -13.00 -22.95
N ILE B 69 10.46 -12.74 -23.24
CA ILE B 69 9.54 -12.30 -22.21
C ILE B 69 9.20 -13.46 -21.29
N ALA B 70 9.39 -13.26 -19.99
CA ALA B 70 9.06 -14.29 -19.01
C ALA B 70 7.62 -14.16 -18.52
N SER B 71 7.15 -12.94 -18.26
CA SER B 71 5.78 -12.72 -17.82
C SER B 71 5.49 -11.23 -17.84
N ILE B 72 4.22 -10.90 -18.01
CA ILE B 72 3.69 -9.56 -17.76
C ILE B 72 2.81 -9.64 -16.52
N ASP B 73 3.14 -8.83 -15.51
CA ASP B 73 2.67 -9.09 -14.15
C ASP B 73 1.35 -8.37 -13.85
N MET B 74 1.34 -7.04 -13.92
CA MET B 74 0.20 -6.26 -13.43
C MET B 74 0.06 -5.01 -14.29
N VAL B 75 -0.84 -5.07 -15.27
CA VAL B 75 -1.18 -3.92 -16.11
C VAL B 75 -2.16 -3.06 -15.32
N SER B 76 -1.65 -2.00 -14.69
CA SER B 76 -2.42 -1.19 -13.76
C SER B 76 -2.92 0.09 -14.41
N GLU B 77 -4.24 0.32 -14.31
CA GLU B 77 -4.85 1.57 -14.76
C GLU B 77 -4.61 2.72 -13.79
N VAL B 78 -4.54 2.42 -12.49
CA VAL B 78 -4.36 3.47 -11.49
C VAL B 78 -3.03 4.19 -11.70
N ASN B 79 -1.96 3.43 -11.91
CA ASN B 79 -0.63 3.98 -12.13
C ASN B 79 -0.31 4.16 -13.60
N MET B 80 -1.20 3.74 -14.51
CA MET B 80 -1.00 3.89 -15.95
C MET B 80 0.32 3.27 -16.39
N ASP B 81 0.59 2.07 -15.90
CA ASP B 81 1.83 1.37 -16.18
C ASP B 81 1.57 -0.13 -16.20
N TYR B 82 2.60 -0.88 -16.55
CA TYR B 82 2.54 -2.34 -16.54
C TYR B 82 3.91 -2.86 -16.13
N THR B 83 3.92 -4.06 -15.57
CA THR B 83 5.14 -4.69 -15.09
C THR B 83 5.54 -5.81 -16.03
N LEU B 84 6.80 -5.81 -16.43
CA LEU B 84 7.33 -6.75 -17.41
C LEU B 84 8.56 -7.43 -16.82
N THR B 85 8.59 -8.76 -16.90
CA THR B 85 9.77 -9.54 -16.55
C THR B 85 10.27 -10.21 -17.83
N MET B 86 11.57 -10.06 -18.10
CA MET B 86 12.10 -10.48 -19.38
C MET B 86 13.56 -10.87 -19.25
N TYR B 87 14.03 -11.61 -20.24
CA TYR B 87 15.45 -11.91 -20.40
C TYR B 87 15.97 -10.97 -21.49
N PHE B 88 16.76 -9.99 -21.08
CA PHE B 88 17.23 -8.92 -21.97
C PHE B 88 18.64 -9.24 -22.43
N GLN B 89 18.75 -9.79 -23.64
CA GLN B 89 20.03 -10.11 -24.24
C GLN B 89 20.44 -9.01 -25.19
N GLN B 90 21.68 -8.53 -25.03
CA GLN B 90 22.28 -7.58 -25.95
C GLN B 90 23.47 -8.24 -26.63
N TYR B 91 23.52 -8.14 -27.96
CA TYR B 91 24.62 -8.68 -28.74
C TYR B 91 25.41 -7.55 -29.36
N TRP B 92 26.72 -7.51 -29.10
CA TRP B 92 27.62 -6.61 -29.78
C TRP B 92 28.99 -7.27 -29.87
N ARG B 93 29.82 -6.75 -30.75
CA ARG B 93 31.17 -7.27 -30.95
C ARG B 93 32.18 -6.27 -30.45
N ASP B 94 33.11 -6.74 -29.61
CA ASP B 94 34.22 -5.94 -29.11
C ASP B 94 35.51 -6.66 -29.48
N LYS B 95 36.28 -6.07 -30.41
CA LYS B 95 37.50 -6.70 -30.87
C LYS B 95 38.53 -6.85 -29.75
N ARG B 96 38.46 -5.99 -28.72
CA ARG B 96 39.37 -6.11 -27.59
C ARG B 96 39.19 -7.41 -26.83
N LEU B 97 38.03 -8.05 -26.93
CA LEU B 97 37.75 -9.28 -26.21
C LEU B 97 37.91 -10.53 -27.06
N ALA B 98 38.41 -10.40 -28.28
CA ALA B 98 38.64 -11.56 -29.11
C ALA B 98 39.79 -12.40 -28.55
N TYR B 99 39.59 -13.71 -28.52
CA TYR B 99 40.60 -14.63 -28.02
C TYR B 99 40.75 -15.80 -28.98
N SER B 100 41.92 -16.43 -28.94
CA SER B 100 42.26 -17.54 -29.82
C SER B 100 42.89 -18.66 -29.02
N GLY B 101 42.82 -19.87 -29.57
CA GLY B 101 43.36 -21.04 -28.93
C GLY B 101 42.40 -21.79 -28.03
N ILE B 102 41.17 -21.28 -27.85
CA ILE B 102 40.18 -21.95 -27.01
C ILE B 102 38.95 -22.23 -27.86
N PRO B 103 38.70 -23.49 -28.24
CA PRO B 103 37.51 -23.85 -29.02
C PRO B 103 36.24 -23.93 -28.17
N LEU B 104 36.01 -22.91 -27.35
CA LEU B 104 34.89 -22.88 -26.42
C LEU B 104 34.33 -21.46 -26.34
N ASN B 105 33.05 -21.37 -26.02
CA ASN B 105 32.44 -20.09 -25.69
C ASN B 105 32.50 -19.89 -24.18
N LEU B 106 33.25 -18.87 -23.75
CA LEU B 106 33.56 -18.68 -22.33
C LEU B 106 32.38 -18.03 -21.62
N THR B 107 31.65 -18.82 -20.85
CA THR B 107 30.64 -18.30 -19.93
C THR B 107 31.33 -18.03 -18.59
N LEU B 108 31.41 -16.76 -18.21
CA LEU B 108 32.13 -16.34 -17.02
C LEU B 108 31.17 -15.97 -15.90
N ASP B 109 31.74 -15.85 -14.70
CA ASP B 109 30.97 -15.37 -13.55
C ASP B 109 30.40 -14.00 -13.84
N ASN B 110 29.16 -13.78 -13.40
CA ASN B 110 28.43 -12.56 -13.75
C ASN B 110 29.12 -11.30 -13.24
N ARG B 111 30.00 -11.41 -12.24
CA ARG B 111 30.71 -10.22 -11.77
C ARG B 111 31.72 -9.70 -12.78
N VAL B 112 32.04 -10.44 -13.84
CA VAL B 112 32.95 -9.94 -14.86
C VAL B 112 32.33 -8.80 -15.67
N ALA B 113 31.00 -8.67 -15.66
CA ALA B 113 30.38 -7.56 -16.39
C ALA B 113 30.74 -6.20 -15.82
N ASP B 114 31.16 -6.13 -14.56
CA ASP B 114 31.58 -4.88 -13.97
C ASP B 114 32.96 -4.44 -14.45
N GLN B 115 33.72 -5.36 -15.04
CA GLN B 115 35.04 -5.06 -15.58
C GLN B 115 35.05 -4.93 -17.09
N LEU B 116 33.88 -4.90 -17.73
CA LEU B 116 33.77 -4.80 -19.17
C LEU B 116 32.88 -3.63 -19.54
N TRP B 117 33.12 -3.06 -20.72
CA TRP B 117 32.23 -2.05 -21.25
C TRP B 117 30.92 -2.71 -21.68
N VAL B 118 29.80 -2.11 -21.29
CA VAL B 118 28.49 -2.55 -21.74
C VAL B 118 27.74 -1.32 -22.24
N PRO B 119 26.80 -1.49 -23.18
CA PRO B 119 26.04 -0.32 -23.65
C PRO B 119 25.24 0.30 -22.52
N ASP B 120 25.10 1.62 -22.58
CA ASP B 120 24.35 2.34 -21.56
C ASP B 120 22.87 2.34 -21.91
N THR B 121 22.32 1.14 -22.13
CA THR B 121 20.93 1.01 -22.54
C THR B 121 20.02 1.30 -21.36
N TYR B 122 18.98 2.09 -21.61
CA TYR B 122 17.99 2.41 -20.60
C TYR B 122 16.61 2.39 -21.24
N PHE B 123 15.59 2.29 -20.41
CA PHE B 123 14.20 2.26 -20.86
C PHE B 123 13.57 3.61 -20.54
N LEU B 124 13.19 4.35 -21.59
CA LEU B 124 12.76 5.73 -21.40
C LEU B 124 11.48 5.80 -20.59
N ASN B 125 10.51 4.94 -20.86
CA ASN B 125 9.21 5.00 -20.22
C ASN B 125 9.11 4.15 -18.96
N ASP B 126 10.21 3.53 -18.53
CA ASP B 126 10.18 2.72 -17.33
C ASP B 126 10.16 3.62 -16.09
N LYS B 127 9.49 3.13 -15.04
CA LYS B 127 9.36 3.87 -13.79
C LYS B 127 10.18 3.30 -12.65
N LYS B 128 10.35 1.98 -12.60
CA LYS B 128 11.11 1.34 -11.52
C LYS B 128 11.58 -0.01 -12.02
N SER B 129 12.89 -0.17 -12.19
CA SER B 129 13.46 -1.39 -12.71
C SER B 129 14.54 -1.92 -11.78
N PHE B 130 14.66 -3.23 -11.70
CA PHE B 130 15.71 -3.86 -10.92
C PHE B 130 16.13 -5.16 -11.61
N VAL B 131 17.41 -5.49 -11.48
CA VAL B 131 17.92 -6.80 -11.88
C VAL B 131 17.82 -7.73 -10.68
N HIS B 132 17.26 -8.92 -10.91
CA HIS B 132 17.12 -9.90 -9.85
C HIS B 132 18.48 -10.33 -9.32
N GLY B 133 18.57 -10.54 -8.01
CA GLY B 133 19.86 -10.80 -7.40
C GLY B 133 19.89 -11.98 -6.45
N VAL B 134 19.01 -12.95 -6.64
CA VAL B 134 18.98 -14.17 -5.85
C VAL B 134 19.04 -15.35 -6.82
N THR B 135 19.95 -16.30 -6.58
CA THR B 135 20.89 -16.28 -5.45
C THR B 135 22.04 -15.31 -5.67
N VAL B 136 22.42 -15.12 -6.92
CA VAL B 136 23.36 -14.06 -7.29
C VAL B 136 22.66 -13.15 -8.28
N LYS B 137 23.35 -12.11 -8.74
CA LYS B 137 22.75 -11.21 -9.71
C LYS B 137 22.41 -11.96 -10.99
N ASN B 138 21.17 -11.83 -11.45
CA ASN B 138 20.68 -12.56 -12.62
C ASN B 138 21.24 -11.90 -13.88
N ARG B 139 22.54 -12.13 -14.10
CA ARG B 139 23.29 -11.49 -15.16
C ARG B 139 24.14 -12.55 -15.84
N MET B 140 24.28 -12.43 -17.16
CA MET B 140 25.03 -13.40 -17.95
C MET B 140 26.05 -12.71 -18.83
N ILE B 141 27.26 -13.26 -18.86
CA ILE B 141 28.30 -12.84 -19.79
C ILE B 141 28.79 -14.09 -20.51
N ARG B 142 28.74 -14.07 -21.83
CA ARG B 142 29.22 -15.18 -22.65
C ARG B 142 30.11 -14.62 -23.75
N LEU B 143 31.36 -15.05 -23.78
CA LEU B 143 32.31 -14.59 -24.77
C LEU B 143 32.43 -15.60 -25.91
N HIS B 144 32.83 -15.10 -27.08
CA HIS B 144 33.00 -15.95 -28.25
C HIS B 144 34.37 -15.69 -28.87
N PRO B 145 34.92 -16.69 -29.56
CA PRO B 145 36.29 -16.53 -30.09
C PRO B 145 36.46 -15.34 -31.03
N ASP B 146 35.46 -15.02 -31.84
CA ASP B 146 35.56 -13.89 -32.76
C ASP B 146 35.49 -12.55 -32.07
N GLY B 147 35.16 -12.52 -30.79
CA GLY B 147 34.99 -11.27 -30.07
C GLY B 147 33.56 -10.85 -29.83
N THR B 148 32.59 -11.69 -30.17
CA THR B 148 31.19 -11.39 -29.96
C THR B 148 30.83 -11.57 -28.48
N VAL B 149 30.04 -10.66 -27.95
CA VAL B 149 29.66 -10.68 -26.54
C VAL B 149 28.17 -10.90 -26.45
N LEU B 150 27.76 -11.85 -25.62
CA LEU B 150 26.37 -12.05 -25.26
C LEU B 150 26.19 -11.59 -23.82
N TYR B 151 25.30 -10.62 -23.62
CA TYR B 151 25.10 -10.01 -22.32
C TYR B 151 23.61 -10.13 -22.00
N GLY B 152 23.29 -10.92 -20.99
CA GLY B 152 21.91 -11.19 -20.62
C GLY B 152 21.60 -10.69 -19.23
N LEU B 153 20.41 -10.11 -19.07
CA LEU B 153 19.94 -9.63 -17.78
C LEU B 153 18.49 -10.07 -17.61
N ARG B 154 18.15 -10.54 -16.43
CA ARG B 154 16.77 -10.86 -16.08
C ARG B 154 16.24 -9.66 -15.32
N ILE B 155 15.33 -8.91 -15.94
CA ILE B 155 14.92 -7.60 -15.48
C ILE B 155 13.41 -7.62 -15.26
N THR B 156 12.99 -7.09 -14.12
CA THR B 156 11.58 -6.76 -13.90
C THR B 156 11.48 -5.25 -13.92
N THR B 157 10.63 -4.73 -14.79
CA THR B 157 10.52 -3.29 -15.01
C THR B 157 9.06 -2.89 -15.02
N THR B 158 8.76 -1.76 -14.40
CA THR B 158 7.44 -1.14 -14.48
C THR B 158 7.56 0.02 -15.46
N ALA B 159 6.91 -0.11 -16.60
CA ALA B 159 7.00 0.88 -17.67
C ALA B 159 5.69 1.64 -17.80
N ALA B 160 5.80 2.95 -17.97
CA ALA B 160 4.62 3.79 -18.11
C ALA B 160 3.90 3.51 -19.42
N CYS B 161 2.57 3.47 -19.35
CA CYS B 161 1.72 3.23 -20.52
C CYS B 161 0.50 4.12 -20.36
N MET B 162 0.53 5.29 -20.99
CA MET B 162 -0.58 6.24 -20.92
C MET B 162 -1.77 5.67 -21.68
N MET B 163 -2.76 5.18 -20.96
CA MET B 163 -3.91 4.53 -21.56
C MET B 163 -5.03 5.52 -21.79
N ASP B 164 -5.73 5.37 -22.92
CA ASP B 164 -6.94 6.14 -23.18
C ASP B 164 -8.12 5.28 -22.73
N LEU B 165 -8.69 5.63 -21.58
CA LEU B 165 -9.75 4.87 -20.93
C LEU B 165 -11.15 5.39 -21.26
N ARG B 166 -11.28 6.15 -22.34
CA ARG B 166 -12.59 6.70 -22.71
C ARG B 166 -13.59 5.60 -23.02
N ARG B 167 -13.12 4.51 -23.64
CA ARG B 167 -13.98 3.38 -23.96
C ARG B 167 -13.87 2.24 -22.95
N TYR B 168 -13.21 2.46 -21.82
CA TYR B 168 -13.12 1.43 -20.80
C TYR B 168 -14.53 1.07 -20.32
N PRO B 169 -14.82 -0.21 -20.11
CA PRO B 169 -13.95 -1.39 -20.21
C PRO B 169 -13.95 -2.04 -21.59
N LEU B 170 -14.47 -1.35 -22.60
CA LEU B 170 -14.46 -1.87 -23.97
C LEU B 170 -13.31 -1.29 -24.79
N ASP B 171 -12.19 -0.99 -24.14
CA ASP B 171 -11.09 -0.27 -24.76
C ASP B 171 -10.05 -1.24 -25.28
N GLU B 172 -9.10 -0.69 -26.05
CA GLU B 172 -7.98 -1.45 -26.59
C GLU B 172 -6.75 -0.59 -26.42
N GLN B 173 -5.78 -1.07 -25.66
CA GLN B 173 -4.60 -0.27 -25.34
C GLN B 173 -3.41 -0.67 -26.20
N ASN B 174 -2.42 0.22 -26.22
CA ASN B 174 -1.18 0.01 -26.96
C ASN B 174 -0.04 0.42 -26.03
N CYS B 175 0.52 -0.56 -25.32
CA CYS B 175 1.62 -0.32 -24.40
C CYS B 175 2.94 -0.67 -25.05
N THR B 176 3.93 0.20 -24.86
CA THR B 176 5.21 0.09 -25.52
C THR B 176 6.33 0.01 -24.50
N LEU B 177 7.48 -0.47 -24.96
CA LEU B 177 8.72 -0.41 -24.21
C LEU B 177 9.74 0.29 -25.08
N GLU B 178 10.27 1.41 -24.60
CA GLU B 178 11.20 2.23 -25.37
C GLU B 178 12.62 1.92 -24.92
N ILE B 179 13.45 1.49 -25.86
CA ILE B 179 14.82 1.09 -25.58
C ILE B 179 15.73 2.08 -26.30
N GLU B 180 16.60 2.74 -25.54
CA GLU B 180 17.39 3.83 -26.09
C GLU B 180 18.75 3.88 -25.38
N SER B 181 19.74 4.44 -26.08
CA SER B 181 21.02 4.74 -25.48
C SER B 181 20.95 6.14 -24.87
N TYR B 182 21.53 6.29 -23.68
CA TYR B 182 21.42 7.56 -22.98
C TYR B 182 22.49 8.56 -23.43
N GLY B 183 23.76 8.17 -23.33
CA GLY B 183 24.83 9.11 -23.60
C GLY B 183 25.36 9.08 -25.02
N TYR B 184 25.31 7.91 -25.66
CA TYR B 184 25.89 7.73 -26.98
C TYR B 184 24.84 8.00 -28.04
N THR B 185 25.20 8.83 -29.04
CA THR B 185 24.29 9.18 -30.12
C THR B 185 24.41 8.16 -31.25
N THR B 186 23.71 8.43 -32.35
CA THR B 186 23.73 7.52 -33.49
C THR B 186 25.11 7.45 -34.13
N ASP B 187 25.94 8.48 -33.95
CA ASP B 187 27.32 8.43 -34.44
C ASP B 187 28.21 7.52 -33.61
N ASP B 188 27.73 7.04 -32.47
CA ASP B 188 28.52 6.19 -31.58
C ASP B 188 27.98 4.77 -31.43
N ILE B 189 26.68 4.57 -31.59
CA ILE B 189 26.08 3.26 -31.33
C ILE B 189 24.86 3.10 -32.24
N GLU B 190 24.61 1.85 -32.65
CA GLU B 190 23.44 1.50 -33.44
C GLU B 190 22.70 0.36 -32.77
N PHE B 191 21.38 0.43 -32.80
CA PHE B 191 20.51 -0.60 -32.24
C PHE B 191 19.74 -1.30 -33.35
N TYR B 192 19.69 -2.63 -33.29
CA TYR B 192 18.85 -3.40 -34.21
C TYR B 192 18.30 -4.63 -33.50
N TRP B 193 17.15 -5.10 -33.97
CA TRP B 193 16.54 -6.33 -33.46
C TRP B 193 17.23 -7.53 -34.08
N ARG B 194 17.93 -8.30 -33.26
CA ARG B 194 18.66 -9.46 -33.76
C ARG B 194 17.69 -10.58 -34.08
N GLY B 195 17.63 -10.97 -35.35
CA GLY B 195 16.65 -11.91 -35.83
C GLY B 195 15.44 -11.32 -36.50
N GLY B 196 15.44 -10.02 -36.79
CA GLY B 196 14.31 -9.43 -37.49
C GLY B 196 13.07 -9.43 -36.62
N ASP B 197 11.99 -9.99 -37.15
CA ASP B 197 10.72 -10.03 -36.44
C ASP B 197 10.64 -11.18 -35.45
N LYS B 198 11.67 -12.01 -35.36
CA LYS B 198 11.74 -13.08 -34.37
C LYS B 198 12.63 -12.70 -33.19
N ALA B 199 12.99 -11.42 -33.06
CA ALA B 199 13.87 -11.00 -31.98
C ALA B 199 13.19 -11.08 -30.62
N VAL B 200 11.86 -11.08 -30.57
CA VAL B 200 11.12 -11.12 -29.31
C VAL B 200 10.31 -12.41 -29.29
N THR B 201 10.53 -13.23 -28.27
CA THR B 201 9.85 -14.50 -28.12
C THR B 201 9.08 -14.52 -26.80
N GLY B 202 8.18 -15.48 -26.68
CA GLY B 202 7.42 -15.65 -25.47
C GLY B 202 6.14 -14.85 -25.38
N VAL B 203 5.83 -14.04 -26.40
CA VAL B 203 4.62 -13.25 -26.37
C VAL B 203 3.38 -14.14 -26.40
N GLU B 204 3.42 -15.20 -27.22
CA GLU B 204 2.28 -16.10 -27.32
C GLU B 204 2.02 -16.86 -26.03
N ARG B 205 3.03 -17.00 -25.17
CA ARG B 205 2.87 -17.71 -23.90
C ARG B 205 2.34 -16.81 -22.80
N ILE B 206 2.23 -15.50 -23.04
CA ILE B 206 1.81 -14.58 -21.98
C ILE B 206 0.32 -14.77 -21.71
N GLU B 207 -0.03 -14.85 -20.44
CA GLU B 207 -1.41 -14.98 -20.00
C GLU B 207 -1.71 -13.82 -19.07
N LEU B 208 -2.63 -12.95 -19.48
CA LEU B 208 -3.06 -11.83 -18.66
C LEU B 208 -4.50 -12.04 -18.26
N PRO B 209 -4.82 -11.95 -16.97
CA PRO B 209 -6.22 -12.15 -16.54
C PRO B 209 -7.20 -11.19 -17.18
N GLN B 210 -6.81 -9.92 -17.36
CA GLN B 210 -7.74 -8.91 -17.84
C GLN B 210 -7.56 -8.57 -19.31
N PHE B 211 -6.41 -8.91 -19.91
CA PHE B 211 -6.10 -8.51 -21.28
C PHE B 211 -5.71 -9.73 -22.11
N SER B 212 -5.88 -9.60 -23.42
CA SER B 212 -5.37 -10.58 -24.37
C SER B 212 -4.53 -9.85 -25.41
N ILE B 213 -3.32 -10.35 -25.66
CA ILE B 213 -2.41 -9.71 -26.60
C ILE B 213 -2.85 -10.02 -28.02
N VAL B 214 -3.15 -8.99 -28.79
CA VAL B 214 -3.61 -9.17 -30.16
C VAL B 214 -2.44 -9.20 -31.14
N GLU B 215 -1.44 -8.34 -30.93
CA GLU B 215 -0.32 -8.21 -31.85
C GLU B 215 0.82 -7.52 -31.13
N HIS B 216 2.04 -7.89 -31.51
CA HIS B 216 3.24 -7.21 -31.07
C HIS B 216 4.07 -6.79 -32.28
N ARG B 217 4.79 -5.69 -32.14
CA ARG B 217 5.49 -5.07 -33.25
C ARG B 217 6.87 -4.63 -32.81
N LEU B 218 7.79 -4.60 -33.76
CA LEU B 218 9.17 -4.19 -33.52
C LEU B 218 9.50 -3.03 -34.43
N VAL B 219 9.97 -1.93 -33.85
CA VAL B 219 10.26 -0.71 -34.60
C VAL B 219 11.67 -0.27 -34.27
N SER B 220 12.42 0.12 -35.31
CA SER B 220 13.76 0.67 -35.17
C SER B 220 13.76 2.06 -35.80
N ARG B 221 14.15 3.05 -35.02
CA ARG B 221 14.04 4.44 -35.44
C ARG B 221 15.04 5.28 -34.66
N ASN B 222 15.05 6.57 -34.96
CA ASN B 222 15.91 7.54 -34.28
C ASN B 222 15.05 8.60 -33.62
N VAL B 223 15.46 9.05 -32.45
CA VAL B 223 14.77 10.09 -31.69
C VAL B 223 15.74 11.23 -31.47
N VAL B 224 15.33 12.44 -31.84
CA VAL B 224 16.17 13.62 -31.75
C VAL B 224 15.83 14.39 -30.48
N PHE B 225 16.84 14.69 -29.68
CA PHE B 225 16.73 15.55 -28.51
C PHE B 225 17.62 16.77 -28.70
N ALA B 226 17.72 17.58 -27.65
CA ALA B 226 18.60 18.75 -27.71
C ALA B 226 20.07 18.36 -27.76
N THR B 227 20.43 17.22 -27.17
CA THR B 227 21.82 16.80 -27.12
C THR B 227 22.24 15.95 -28.31
N GLY B 228 21.33 15.54 -29.17
CA GLY B 228 21.67 14.80 -30.36
C GLY B 228 20.57 13.82 -30.73
N ALA B 229 20.86 13.02 -31.74
CA ALA B 229 19.97 11.97 -32.22
C ALA B 229 20.41 10.63 -31.65
N TYR B 230 19.46 9.89 -31.09
CA TYR B 230 19.77 8.65 -30.40
C TYR B 230 19.01 7.48 -31.01
N PRO B 231 19.62 6.30 -31.07
CA PRO B 231 18.91 5.13 -31.58
C PRO B 231 17.77 4.73 -30.65
N ARG B 232 16.70 4.22 -31.25
CA ARG B 232 15.51 3.82 -30.51
C ARG B 232 14.99 2.49 -31.01
N LEU B 233 14.81 1.55 -30.08
CA LEU B 233 14.12 0.30 -30.35
C LEU B 233 12.81 0.32 -29.58
N SER B 234 11.72 -0.03 -30.25
CA SER B 234 10.39 0.04 -29.66
C SER B 234 9.73 -1.32 -29.77
N LEU B 235 9.29 -1.84 -28.63
CA LEU B 235 8.48 -3.05 -28.57
C LEU B 235 7.12 -2.63 -28.04
N SER B 236 6.08 -2.93 -28.79
CA SER B 236 4.72 -2.49 -28.45
C SER B 236 3.76 -3.66 -28.53
N PHE B 237 2.86 -3.72 -27.56
CA PHE B 237 1.78 -4.69 -27.54
C PHE B 237 0.46 -3.97 -27.71
N ARG B 238 -0.48 -4.63 -28.40
CA ARG B 238 -1.84 -4.15 -28.50
C ARG B 238 -2.71 -5.08 -27.66
N LEU B 239 -3.29 -4.54 -26.60
CA LEU B 239 -4.07 -5.33 -25.65
C LEU B 239 -5.54 -5.04 -25.86
N LYS B 240 -6.34 -6.11 -25.99
CA LYS B 240 -7.79 -5.99 -26.09
C LYS B 240 -8.40 -6.52 -24.80
N ARG B 241 -9.17 -5.68 -24.12
CA ARG B 241 -9.71 -6.08 -22.83
C ARG B 241 -10.83 -7.08 -23.04
N ASN B 242 -10.92 -8.07 -22.15
CA ASN B 242 -11.99 -9.04 -22.20
C ASN B 242 -13.23 -8.49 -21.51
N ILE B 243 -14.38 -8.59 -22.19
CA ILE B 243 -15.64 -8.06 -21.66
C ILE B 243 -16.39 -9.07 -20.78
N GLY B 244 -15.96 -10.32 -20.75
CA GLY B 244 -16.72 -11.33 -20.03
C GLY B 244 -16.86 -11.05 -18.55
N TYR B 245 -15.80 -10.52 -17.93
CA TYR B 245 -15.86 -10.19 -16.51
C TYR B 245 -16.85 -9.07 -16.22
N PHE B 246 -16.86 -8.03 -17.07
CA PHE B 246 -17.70 -6.87 -16.82
C PHE B 246 -19.16 -7.08 -17.18
N ILE B 247 -19.48 -8.05 -18.05
CA ILE B 247 -20.87 -8.38 -18.28
C ILE B 247 -21.53 -8.93 -17.02
N LEU B 248 -20.84 -9.85 -16.34
CA LEU B 248 -21.41 -10.46 -15.15
C LEU B 248 -21.31 -9.58 -13.90
N GLN B 249 -20.46 -8.56 -13.92
CA GLN B 249 -20.16 -7.79 -12.71
C GLN B 249 -20.81 -6.42 -12.67
N THR B 250 -20.83 -5.69 -13.78
CA THR B 250 -21.32 -4.32 -13.76
C THR B 250 -22.51 -4.09 -14.68
N TYR B 251 -22.44 -4.58 -15.92
CA TYR B 251 -23.50 -4.28 -16.88
C TYR B 251 -24.79 -5.00 -16.53
N MET B 252 -24.72 -6.31 -16.26
CA MET B 252 -25.92 -7.07 -15.95
C MET B 252 -26.61 -6.64 -14.66
N PRO B 253 -25.92 -6.40 -13.54
CA PRO B 253 -26.64 -5.89 -12.36
C PRO B 253 -27.34 -4.57 -12.60
N SER B 254 -26.79 -3.72 -13.46
CA SER B 254 -27.45 -2.45 -13.77
C SER B 254 -28.66 -2.67 -14.66
N ILE B 255 -28.56 -3.58 -15.63
CA ILE B 255 -29.69 -3.88 -16.51
C ILE B 255 -30.84 -4.50 -15.72
N LEU B 256 -30.54 -5.44 -14.83
CA LEU B 256 -31.61 -6.11 -14.08
C LEU B 256 -32.33 -5.13 -13.16
N ILE B 257 -31.60 -4.20 -12.54
CA ILE B 257 -32.24 -3.21 -11.70
C ILE B 257 -33.10 -2.28 -12.54
N THR B 258 -32.62 -1.91 -13.73
CA THR B 258 -33.41 -1.07 -14.62
C THR B 258 -34.68 -1.80 -15.06
N ILE B 259 -34.58 -3.09 -15.35
CA ILE B 259 -35.77 -3.87 -15.64
C ILE B 259 -36.64 -3.96 -14.40
N LEU B 260 -36.01 -4.04 -13.22
CA LEU B 260 -36.76 -4.08 -11.96
C LEU B 260 -37.60 -2.82 -11.79
N SER B 261 -37.05 -1.66 -12.19
CA SER B 261 -37.78 -0.40 -12.07
C SER B 261 -39.00 -0.37 -12.99
N TRP B 262 -39.01 -1.19 -14.04
CA TRP B 262 -40.15 -1.23 -14.95
C TRP B 262 -41.34 -1.95 -14.31
N VAL B 263 -41.12 -2.70 -13.24
CA VAL B 263 -42.20 -3.41 -12.56
C VAL B 263 -43.21 -2.43 -12.00
N SER B 264 -42.77 -1.21 -11.66
CA SER B 264 -43.70 -0.21 -11.15
C SER B 264 -44.80 0.09 -12.16
N PHE B 265 -44.48 0.04 -13.45
CA PHE B 265 -45.45 0.33 -14.49
C PHE B 265 -46.60 -0.66 -14.50
N TRP B 266 -46.38 -1.87 -13.99
CA TRP B 266 -47.41 -2.91 -13.92
C TRP B 266 -48.16 -2.93 -12.60
N ILE B 267 -47.84 -2.04 -11.67
CA ILE B 267 -48.57 -1.89 -10.42
C ILE B 267 -49.63 -0.80 -10.59
N ASN B 268 -50.80 -1.01 -10.00
CA ASN B 268 -51.85 -0.01 -10.04
C ASN B 268 -51.42 1.24 -9.28
N TYR B 269 -51.96 2.39 -9.72
CA TYR B 269 -51.53 3.67 -9.17
C TYR B 269 -52.13 3.95 -7.80
N ASP B 270 -53.12 3.19 -7.35
CA ASP B 270 -53.63 3.35 -6.01
C ASP B 270 -52.66 2.88 -4.94
N ALA B 271 -51.63 2.12 -5.31
CA ALA B 271 -50.65 1.61 -4.35
C ALA B 271 -49.45 2.55 -4.35
N SER B 272 -49.61 3.68 -3.67
CA SER B 272 -48.54 4.67 -3.60
C SER B 272 -47.34 4.15 -2.83
N ALA B 273 -47.59 3.44 -1.72
CA ALA B 273 -46.51 2.92 -0.91
C ALA B 273 -45.68 1.88 -1.67
N ALA B 274 -46.35 1.04 -2.45
CA ALA B 274 -45.65 -0.02 -3.17
C ALA B 274 -44.78 0.55 -4.30
N ARG B 275 -45.34 1.47 -5.10
CA ARG B 275 -44.59 1.95 -6.25
C ARG B 275 -43.48 2.93 -5.88
N VAL B 276 -43.66 3.74 -4.83
CA VAL B 276 -42.56 4.60 -4.41
C VAL B 276 -41.42 3.81 -3.79
N ALA B 277 -41.74 2.82 -2.95
CA ALA B 277 -40.70 1.99 -2.36
C ALA B 277 -39.94 1.20 -3.43
N LEU B 278 -40.66 0.68 -4.42
CA LEU B 278 -39.98 0.00 -5.52
C LEU B 278 -39.07 0.96 -6.27
N GLY B 279 -39.58 2.16 -6.60
CA GLY B 279 -38.76 3.10 -7.33
C GLY B 279 -37.62 3.64 -6.50
N ILE B 280 -37.87 3.97 -5.24
CA ILE B 280 -36.84 4.56 -4.41
C ILE B 280 -35.71 3.57 -4.18
N THR B 281 -36.03 2.31 -3.85
CA THR B 281 -35.00 1.31 -3.56
C THR B 281 -34.15 1.03 -4.78
N THR B 282 -34.78 0.98 -5.97
CA THR B 282 -34.01 0.77 -7.20
C THR B 282 -33.07 1.94 -7.42
N VAL B 283 -33.55 3.15 -7.15
CA VAL B 283 -32.70 4.33 -7.31
C VAL B 283 -31.57 4.27 -6.29
N LEU B 284 -31.91 3.90 -5.05
CA LEU B 284 -30.89 3.80 -4.01
C LEU B 284 -29.95 2.65 -4.31
N THR B 285 -30.48 1.56 -4.87
CA THR B 285 -29.61 0.44 -5.25
C THR B 285 -28.64 0.89 -6.34
N MET B 286 -29.14 1.68 -7.30
CA MET B 286 -28.28 2.14 -8.38
C MET B 286 -27.15 3.02 -7.84
N THR B 287 -27.47 3.89 -6.87
CA THR B 287 -26.43 4.65 -6.22
C THR B 287 -25.51 3.73 -5.45
N THR B 288 -26.07 2.71 -4.79
CA THR B 288 -25.23 1.77 -4.06
C THR B 288 -24.33 1.01 -5.03
N ILE B 289 -24.88 0.58 -6.16
CA ILE B 289 -24.08 -0.14 -7.14
C ILE B 289 -23.00 0.77 -7.69
N ASN B 290 -23.36 2.01 -8.01
CA ASN B 290 -22.40 2.94 -8.59
C ASN B 290 -21.30 3.31 -7.59
N THR B 291 -21.70 3.70 -6.37
CA THR B 291 -20.72 4.14 -5.39
C THR B 291 -19.80 3.00 -4.98
N HIS B 292 -20.36 1.80 -4.79
CA HIS B 292 -19.55 0.65 -4.42
C HIS B 292 -18.74 0.11 -5.59
N LEU B 293 -19.29 0.17 -6.81
CA LEU B 293 -18.52 -0.27 -7.97
C LEU B 293 -17.29 0.61 -8.17
N ARG B 294 -17.45 1.93 -7.98
CA ARG B 294 -16.31 2.80 -8.23
C ARG B 294 -15.21 2.57 -7.21
N GLU B 295 -15.53 1.91 -6.09
CA GLU B 295 -14.52 1.62 -5.08
C GLU B 295 -13.75 0.35 -5.42
N THR B 296 -14.20 -0.38 -6.44
CA THR B 296 -13.53 -1.56 -6.99
C THR B 296 -12.70 -1.18 -8.19
N LEU B 297 -13.30 -0.43 -9.12
CA LEU B 297 -12.65 -0.08 -10.36
C LEU B 297 -11.49 0.86 -10.06
N PRO B 298 -10.51 0.98 -10.95
CA PRO B 298 -9.42 1.91 -10.67
C PRO B 298 -9.92 3.35 -10.62
N LYS B 299 -9.21 4.17 -9.87
CA LYS B 299 -9.59 5.56 -9.63
C LYS B 299 -9.26 6.46 -10.82
N ILE B 300 -9.87 6.13 -11.96
CA ILE B 300 -9.73 6.91 -13.20
C ILE B 300 -10.52 8.19 -13.06
N PRO B 301 -9.87 9.38 -12.93
CA PRO B 301 -10.57 10.64 -12.64
C PRO B 301 -11.16 11.41 -13.83
N TYR B 302 -11.84 10.69 -14.70
CA TYR B 302 -12.38 11.23 -15.96
C TYR B 302 -13.54 10.31 -16.31
N VAL B 303 -14.33 10.65 -17.31
CA VAL B 303 -15.48 9.81 -17.60
C VAL B 303 -15.15 8.76 -18.62
N LYS B 304 -15.35 7.50 -18.22
CA LYS B 304 -15.21 6.25 -18.94
C LYS B 304 -16.48 5.91 -19.71
N ALA B 305 -16.39 4.88 -20.55
CA ALA B 305 -17.55 4.44 -21.30
C ALA B 305 -18.59 3.85 -20.36
N ILE B 306 -18.12 3.13 -19.32
CA ILE B 306 -18.98 2.55 -18.30
C ILE B 306 -19.65 3.61 -17.46
N ASP B 307 -18.96 4.73 -17.19
CA ASP B 307 -19.59 5.82 -16.45
C ASP B 307 -20.75 6.42 -17.21
N MET B 308 -20.71 6.40 -18.54
CA MET B 308 -21.86 6.84 -19.32
C MET B 308 -23.01 5.85 -19.21
N TYR B 309 -22.70 4.55 -19.14
CA TYR B 309 -23.76 3.55 -19.06
C TYR B 309 -24.42 3.56 -17.69
N LEU B 310 -23.61 3.60 -16.62
CA LEU B 310 -24.19 3.60 -15.27
C LEU B 310 -25.01 4.85 -15.03
N MET B 311 -24.50 6.01 -15.45
CA MET B 311 -25.25 7.24 -15.32
C MET B 311 -26.48 7.24 -16.23
N GLY B 312 -26.38 6.60 -17.40
CA GLY B 312 -27.55 6.46 -18.25
C GLY B 312 -28.62 5.57 -17.66
N CYS B 313 -28.22 4.49 -16.99
CA CYS B 313 -29.20 3.64 -16.33
C CYS B 313 -29.78 4.30 -15.09
N PHE B 314 -29.04 5.18 -14.43
CA PHE B 314 -29.59 5.90 -13.29
C PHE B 314 -30.74 6.80 -13.75
N VAL B 315 -30.60 7.40 -14.93
CA VAL B 315 -31.65 8.27 -15.47
C VAL B 315 -32.92 7.47 -15.71
N PHE B 316 -32.78 6.25 -16.26
CA PHE B 316 -33.94 5.42 -16.55
C PHE B 316 -34.69 5.08 -15.26
N VAL B 317 -33.96 4.75 -14.20
CA VAL B 317 -34.63 4.41 -12.95
C VAL B 317 -35.12 5.68 -12.27
N PHE B 318 -34.51 6.82 -12.59
CA PHE B 318 -34.99 8.11 -12.09
C PHE B 318 -36.24 8.55 -12.84
N LEU B 319 -36.31 8.27 -14.15
CA LEU B 319 -37.51 8.58 -14.90
C LEU B 319 -38.67 7.65 -14.54
N ALA B 320 -38.36 6.41 -14.15
CA ALA B 320 -39.41 5.49 -13.73
C ALA B 320 -40.10 5.98 -12.46
N LEU B 321 -39.33 6.49 -11.50
CA LEU B 321 -39.94 7.05 -10.30
C LEU B 321 -40.64 8.37 -10.62
N LEU B 322 -40.03 9.18 -11.49
CA LEU B 322 -40.67 10.41 -11.96
C LEU B 322 -41.92 10.12 -12.77
N GLU B 323 -41.97 8.96 -13.44
CA GLU B 323 -43.15 8.57 -14.21
C GLU B 323 -44.36 8.40 -13.29
N TYR B 324 -44.16 7.77 -12.13
CA TYR B 324 -45.26 7.59 -11.19
C TYR B 324 -45.69 8.93 -10.60
N ALA B 325 -44.73 9.81 -10.34
CA ALA B 325 -45.04 11.12 -9.78
C ALA B 325 -45.98 11.90 -10.68
N PHE B 326 -45.88 11.72 -11.99
CA PHE B 326 -46.84 12.36 -12.89
C PHE B 326 -48.19 11.67 -12.81
N VAL B 327 -48.21 10.34 -12.74
CA VAL B 327 -49.48 9.62 -12.61
C VAL B 327 -50.16 9.97 -11.29
N ASN B 328 -49.39 9.98 -10.19
CA ASN B 328 -49.95 10.37 -8.90
C ASN B 328 -50.44 11.81 -8.90
N TYR B 329 -49.83 12.67 -9.72
CA TYR B 329 -50.16 14.08 -9.75
C TYR B 329 -51.46 14.40 -10.47
N ILE B 330 -51.95 13.53 -11.34
CA ILE B 330 -53.11 13.86 -12.16
C ILE B 330 -54.29 12.94 -11.96
N PHE B 331 -54.15 11.85 -11.20
CA PHE B 331 -55.28 10.95 -11.13
C PHE B 331 -56.37 11.56 -10.27
N PHE B 332 -56.01 12.54 -9.44
CA PHE B 332 -56.96 13.27 -8.61
C PHE B 332 -57.80 14.21 -9.47
N GLY B 333 -57.14 15.12 -10.18
CA GLY B 333 -57.87 16.13 -10.92
C GLY B 333 -58.70 15.56 -12.06
N ARG B 334 -58.12 14.63 -12.82
CA ARG B 334 -58.83 14.02 -13.94
C ARG B 334 -59.51 12.73 -13.51
N ASP B 444 -56.45 9.17 -19.43
CA ASP B 444 -55.14 9.82 -19.50
C ASP B 444 -54.16 9.19 -18.52
N VAL B 445 -54.58 9.08 -17.27
CA VAL B 445 -53.71 8.53 -16.23
C VAL B 445 -53.40 7.07 -16.52
N ASN B 446 -54.42 6.29 -16.87
CA ASN B 446 -54.20 4.90 -17.25
C ASN B 446 -53.47 4.80 -18.58
N ALA B 447 -53.55 5.82 -19.43
CA ALA B 447 -52.82 5.81 -20.69
C ALA B 447 -51.33 6.02 -20.47
N ILE B 448 -50.97 6.92 -19.55
CA ILE B 448 -49.55 7.18 -19.27
C ILE B 448 -48.88 5.92 -18.74
N ASP B 449 -49.56 5.23 -17.81
CA ASP B 449 -49.01 3.98 -17.27
C ASP B 449 -48.88 2.93 -18.35
N ARG B 450 -49.88 2.84 -19.25
CA ARG B 450 -49.85 1.84 -20.31
C ARG B 450 -48.76 2.13 -21.32
N TRP B 451 -48.58 3.41 -21.69
CA TRP B 451 -47.54 3.73 -22.66
C TRP B 451 -46.14 3.58 -22.06
N SER B 452 -45.98 3.80 -20.75
CA SER B 452 -44.67 3.61 -20.14
C SER B 452 -44.21 2.16 -20.19
N ARG B 453 -45.14 1.20 -20.29
CA ARG B 453 -44.72 -0.20 -20.40
C ARG B 453 -44.08 -0.50 -21.74
N ILE B 454 -44.24 0.37 -22.74
CA ILE B 454 -43.66 0.17 -24.06
C ILE B 454 -42.51 1.13 -24.33
N VAL B 455 -42.66 2.40 -23.93
CA VAL B 455 -41.66 3.41 -24.26
C VAL B 455 -40.36 3.13 -23.50
N PHE B 456 -40.46 2.85 -22.20
CA PHE B 456 -39.26 2.61 -21.41
C PHE B 456 -38.47 1.39 -21.88
N PRO B 457 -39.08 0.21 -22.11
CA PRO B 457 -38.30 -0.89 -22.69
C PRO B 457 -37.75 -0.56 -24.07
N PHE B 458 -38.49 0.21 -24.87
CA PHE B 458 -38.05 0.51 -26.23
C PHE B 458 -36.94 1.56 -26.22
N THR B 459 -37.02 2.54 -25.32
CA THR B 459 -36.00 3.58 -25.25
C THR B 459 -34.70 3.01 -24.66
N PHE B 460 -34.82 2.14 -23.66
CA PHE B 460 -33.62 1.55 -23.08
C PHE B 460 -32.93 0.63 -24.08
N SER B 461 -33.70 -0.09 -24.89
CA SER B 461 -33.12 -0.86 -25.98
C SER B 461 -32.46 0.06 -27.01
N LEU B 462 -33.11 1.17 -27.33
CA LEU B 462 -32.53 2.14 -28.24
C LEU B 462 -31.27 2.77 -27.66
N PHE B 463 -31.28 3.06 -26.37
CA PHE B 463 -30.08 3.57 -25.72
C PHE B 463 -28.95 2.56 -25.81
N ASN B 464 -29.24 1.29 -25.56
CA ASN B 464 -28.21 0.26 -25.65
C ASN B 464 -27.69 0.11 -27.06
N LEU B 465 -28.59 0.19 -28.05
CA LEU B 465 -28.16 0.09 -29.44
C LEU B 465 -27.21 1.22 -29.80
N VAL B 466 -27.52 2.45 -29.40
CA VAL B 466 -26.64 3.57 -29.67
C VAL B 466 -25.34 3.42 -28.90
N TYR B 467 -25.43 3.02 -27.62
CA TYR B 467 -24.24 2.87 -26.79
C TYR B 467 -23.32 1.79 -27.33
N TRP B 468 -23.86 0.61 -27.63
CA TRP B 468 -23.02 -0.51 -28.00
C TRP B 468 -22.46 -0.38 -29.42
N LEU B 469 -23.21 0.26 -30.33
CA LEU B 469 -22.66 0.47 -31.66
C LEU B 469 -21.60 1.56 -31.67
N TYR B 470 -21.72 2.54 -30.76
CA TYR B 470 -20.73 3.61 -30.68
C TYR B 470 -19.42 3.11 -30.07
N TYR B 471 -19.48 2.13 -29.18
CA TYR B 471 -18.29 1.68 -28.46
C TYR B 471 -17.76 0.34 -28.96
N VAL B 472 -18.61 -0.52 -29.51
CA VAL B 472 -18.15 -1.81 -30.02
C VAL B 472 -18.13 -1.78 -31.55
N ASN C 33 47.89 9.86 25.60
CA ASN C 33 48.47 9.96 24.27
C ASN C 33 47.52 9.38 23.24
N MET C 34 46.99 10.24 22.37
CA MET C 34 46.07 9.79 21.34
C MET C 34 46.77 8.95 20.28
N SER C 35 48.08 9.14 20.11
CA SER C 35 48.87 8.33 19.19
C SER C 35 49.08 6.92 19.72
N PHE C 36 49.29 6.78 21.03
CA PHE C 36 49.45 5.46 21.65
C PHE C 36 48.19 4.61 21.53
N VAL C 37 47.01 5.20 21.71
CA VAL C 37 45.77 4.45 21.50
C VAL C 37 45.63 4.04 20.05
N LYS C 38 45.98 4.93 19.13
CA LYS C 38 45.92 4.60 17.70
C LYS C 38 46.87 3.46 17.34
N GLU C 39 48.10 3.50 17.88
CA GLU C 39 49.07 2.44 17.62
C GLU C 39 48.63 1.10 18.19
N THR C 40 48.02 1.09 19.37
CA THR C 40 47.55 -0.16 19.97
C THR C 40 46.44 -0.80 19.12
N VAL C 41 45.49 -0.02 18.64
CA VAL C 41 44.39 -0.58 17.84
C VAL C 41 44.90 -1.05 16.48
N ASP C 42 45.81 -0.30 15.87
CA ASP C 42 46.39 -0.71 14.59
C ASP C 42 47.18 -2.02 14.69
N LYS C 43 47.84 -2.26 15.83
CA LYS C 43 48.56 -3.52 16.01
C LYS C 43 47.60 -4.70 16.12
N LEU C 44 46.44 -4.50 16.74
CA LEU C 44 45.47 -5.57 16.90
C LEU C 44 44.93 -6.05 15.55
N LEU C 45 44.62 -5.12 14.66
CA LEU C 45 44.00 -5.40 13.37
C LEU C 45 45.00 -5.74 12.26
N LYS C 46 46.30 -5.74 12.53
CA LYS C 46 47.25 -6.15 11.50
C LYS C 46 47.39 -7.67 11.41
N GLY C 47 47.11 -8.40 12.49
CA GLY C 47 47.32 -9.83 12.49
C GLY C 47 46.09 -10.55 13.00
N TYR C 48 44.92 -10.03 12.63
CA TYR C 48 43.63 -10.56 13.07
C TYR C 48 42.91 -11.19 11.88
N ASP C 49 42.55 -12.47 12.00
CA ASP C 49 41.89 -13.21 10.92
C ASP C 49 40.39 -13.25 11.22
N ILE C 50 39.63 -12.44 10.48
CA ILE C 50 38.18 -12.43 10.63
C ILE C 50 37.53 -13.71 10.12
N ARG C 51 38.19 -14.49 9.27
CA ARG C 51 37.59 -15.71 8.76
C ARG C 51 37.49 -16.80 9.81
N LEU C 52 38.20 -16.66 10.94
CA LEU C 52 38.24 -17.69 11.97
C LEU C 52 37.56 -17.17 13.23
N ARG C 53 36.76 -18.03 13.85
CA ARG C 53 36.13 -17.68 15.11
C ARG C 53 37.16 -17.68 16.23
N PRO C 54 36.87 -17.00 17.34
CA PRO C 54 37.76 -17.09 18.51
C PRO C 54 37.85 -18.53 19.00
N ASP C 55 39.06 -18.92 19.42
CA ASP C 55 39.34 -20.29 19.84
C ASP C 55 38.97 -21.29 18.74
N PHE C 56 39.27 -20.93 17.49
CA PHE C 56 38.99 -21.82 16.38
C PHE C 56 39.75 -23.13 16.55
N GLY C 57 39.04 -24.24 16.32
CA GLY C 57 39.59 -25.56 16.53
C GLY C 57 39.62 -26.02 17.96
N GLY C 58 39.10 -25.23 18.90
CA GLY C 58 39.10 -25.59 20.30
C GLY C 58 37.72 -25.53 20.92
N PRO C 59 37.65 -25.10 22.19
CA PRO C 59 36.36 -25.04 22.87
C PRO C 59 35.47 -23.98 22.25
N PRO C 60 34.15 -24.15 22.33
CA PRO C 60 33.25 -23.16 21.72
C PRO C 60 33.33 -21.81 22.42
N VAL C 61 33.15 -20.76 21.63
CA VAL C 61 33.10 -19.40 22.17
C VAL C 61 31.70 -19.13 22.69
N CYS C 62 31.60 -18.61 23.92
CA CYS C 62 30.32 -18.31 24.54
C CYS C 62 29.94 -16.87 24.25
N VAL C 63 28.74 -16.68 23.71
CA VAL C 63 28.22 -15.35 23.36
C VAL C 63 27.04 -15.05 24.27
N GLY C 64 27.16 -14.00 25.07
CA GLY C 64 26.06 -13.56 25.91
C GLY C 64 25.27 -12.44 25.23
N MET C 65 23.96 -12.51 25.34
CA MET C 65 23.06 -11.62 24.63
C MET C 65 22.07 -11.00 25.59
N ASN C 66 22.01 -9.68 25.61
CA ASN C 66 21.00 -8.94 26.36
C ASN C 66 20.31 -7.96 25.42
N ILE C 67 19.00 -7.84 25.57
CA ILE C 67 18.17 -7.03 24.69
C ILE C 67 17.51 -5.93 25.50
N ASP C 68 17.59 -4.70 25.02
CA ASP C 68 16.89 -3.57 25.60
C ASP C 68 15.81 -3.16 24.61
N ILE C 69 14.56 -3.52 24.92
CA ILE C 69 13.44 -3.25 24.02
C ILE C 69 13.14 -1.75 24.02
N ALA C 70 13.21 -1.15 22.83
CA ALA C 70 12.89 0.26 22.68
C ALA C 70 11.40 0.48 22.44
N SER C 71 10.80 -0.31 21.56
CA SER C 71 9.37 -0.22 21.27
C SER C 71 8.96 -1.44 20.47
N ILE C 72 7.65 -1.66 20.41
CA ILE C 72 7.04 -2.61 19.48
C ILE C 72 6.05 -1.81 18.63
N ASP C 73 6.45 -1.50 17.39
CA ASP C 73 5.71 -0.56 16.58
C ASP C 73 4.29 -1.04 16.28
N MET C 74 4.18 -2.16 15.55
CA MET C 74 2.88 -2.64 15.10
C MET C 74 2.82 -4.15 15.16
N VAL C 75 1.67 -4.67 15.59
CA VAL C 75 1.37 -6.10 15.55
C VAL C 75 0.31 -6.28 14.47
N SER C 76 0.66 -6.97 13.39
CA SER C 76 -0.20 -7.10 12.21
C SER C 76 -0.77 -8.51 12.12
N GLU C 77 -2.10 -8.61 12.14
CA GLU C 77 -2.76 -9.89 11.88
C GLU C 77 -2.82 -10.22 10.39
N VAL C 78 -2.93 -9.21 9.52
CA VAL C 78 -3.02 -9.46 8.09
C VAL C 78 -1.73 -10.09 7.58
N ASN C 79 -0.59 -9.53 7.98
CA ASN C 79 0.72 -10.03 7.58
C ASN C 79 1.27 -11.11 8.51
N MET C 80 0.62 -11.35 9.65
CA MET C 80 1.05 -12.36 10.62
C MET C 80 2.49 -12.11 11.06
N ASP C 81 2.75 -10.87 11.49
CA ASP C 81 4.07 -10.49 11.97
C ASP C 81 3.91 -9.28 12.89
N TYR C 82 5.00 -8.95 13.57
CA TYR C 82 5.07 -7.77 14.42
C TYR C 82 6.40 -7.06 14.18
N THR C 83 6.40 -5.75 14.42
CA THR C 83 7.59 -4.93 14.25
C THR C 83 8.17 -4.60 15.61
N LEU C 84 9.45 -4.89 15.79
CA LEU C 84 10.14 -4.72 17.06
C LEU C 84 11.39 -3.87 16.86
N THR C 85 11.54 -2.86 17.71
CA THR C 85 12.76 -2.07 17.75
C THR C 85 13.45 -2.34 19.08
N MET C 86 14.77 -2.54 19.02
CA MET C 86 15.48 -2.98 20.22
C MET C 86 16.96 -2.61 20.09
N TYR C 87 17.63 -2.63 21.23
CA TYR C 87 19.08 -2.52 21.29
C TYR C 87 19.62 -3.92 21.51
N PHE C 88 20.25 -4.49 20.48
CA PHE C 88 20.71 -5.87 20.50
C PHE C 88 22.20 -5.89 20.82
N GLN C 89 22.53 -6.35 22.02
CA GLN C 89 23.91 -6.39 22.49
C GLN C 89 24.39 -7.84 22.55
N GLN C 90 25.55 -8.09 21.96
CA GLN C 90 26.21 -9.38 22.04
C GLN C 90 27.48 -9.24 22.88
N TYR C 91 27.83 -10.31 23.59
CA TYR C 91 28.90 -10.26 24.59
C TYR C 91 29.70 -11.55 24.49
N TRP C 92 30.90 -11.46 23.92
CA TRP C 92 31.79 -12.61 23.81
C TRP C 92 33.22 -12.14 24.07
N ARG C 93 34.09 -13.10 24.37
CA ARG C 93 35.49 -12.82 24.64
C ARG C 93 36.35 -13.33 23.49
N ASP C 94 37.21 -12.46 22.96
CA ASP C 94 38.19 -12.82 21.94
C ASP C 94 39.58 -12.51 22.47
N LYS C 95 40.35 -13.56 22.77
CA LYS C 95 41.68 -13.38 23.35
C LYS C 95 42.62 -12.64 22.40
N ARG C 96 42.37 -12.69 21.09
CA ARG C 96 43.19 -11.94 20.14
C ARG C 96 43.06 -10.43 20.29
N LEU C 97 41.96 -9.95 20.85
CA LEU C 97 41.71 -8.52 21.01
C LEU C 97 42.11 -7.98 22.37
N ALA C 98 42.72 -8.80 23.23
CA ALA C 98 43.16 -8.33 24.53
C ALA C 98 44.32 -7.35 24.38
N TYR C 99 44.22 -6.22 25.07
CA TYR C 99 45.24 -5.18 25.03
C TYR C 99 45.60 -4.76 26.46
N SER C 100 46.85 -4.35 26.64
CA SER C 100 47.36 -3.95 27.94
C SER C 100 47.94 -2.55 27.87
N GLY C 101 47.99 -1.90 29.04
CA GLY C 101 48.55 -0.55 29.15
C GLY C 101 47.55 0.57 28.97
N ILE C 102 46.31 0.28 28.61
CA ILE C 102 45.27 1.31 28.48
C ILE C 102 44.16 0.98 29.45
N PRO C 103 44.13 1.63 30.62
CA PRO C 103 43.03 1.40 31.60
C PRO C 103 41.74 2.09 31.18
N LEU C 104 41.22 1.69 30.02
CA LEU C 104 40.00 2.28 29.47
C LEU C 104 39.27 1.23 28.66
N ASN C 105 37.98 1.47 28.46
CA ASN C 105 37.15 0.67 27.58
C ASN C 105 37.02 1.42 26.25
N LEU C 106 37.69 0.92 25.22
CA LEU C 106 37.80 1.67 23.97
C LEU C 106 36.46 1.69 23.26
N THR C 107 35.90 2.88 23.08
CA THR C 107 34.70 3.10 22.27
C THR C 107 35.17 3.56 20.90
N LEU C 108 35.18 2.65 19.93
CA LEU C 108 35.70 2.93 18.61
C LEU C 108 34.59 3.32 17.66
N ASP C 109 34.98 3.91 16.54
CA ASP C 109 34.03 4.23 15.48
C ASP C 109 33.37 2.96 14.97
N ASN C 110 32.09 3.07 14.62
CA ASN C 110 31.33 1.88 14.23
C ASN C 110 31.90 1.21 12.99
N ARG C 111 32.71 1.91 12.20
CA ARG C 111 33.31 1.31 11.01
C ARG C 111 34.39 0.29 11.35
N VAL C 112 34.86 0.24 12.59
CA VAL C 112 35.86 -0.76 12.97
C VAL C 112 35.23 -2.16 13.07
N ALA C 113 33.91 -2.23 13.16
CA ALA C 113 33.26 -3.54 13.26
C ALA C 113 33.44 -4.36 11.99
N ASP C 114 33.63 -3.69 10.85
CA ASP C 114 33.84 -4.40 9.60
C ASP C 114 35.16 -5.15 9.57
N GLN C 115 36.11 -4.79 10.43
CA GLN C 115 37.40 -5.45 10.50
C GLN C 115 37.49 -6.48 11.64
N LEU C 116 36.43 -6.66 12.41
CA LEU C 116 36.43 -7.59 13.52
C LEU C 116 35.46 -8.74 13.25
N TRP C 117 35.82 -9.93 13.75
CA TRP C 117 34.89 -11.05 13.72
C TRP C 117 33.71 -10.77 14.65
N VAL C 118 32.51 -11.03 14.15
CA VAL C 118 31.31 -10.92 14.97
C VAL C 118 30.51 -12.21 14.78
N PRO C 119 29.69 -12.62 15.75
CA PRO C 119 28.88 -13.82 15.55
C PRO C 119 27.90 -13.62 14.40
N ASP C 120 27.62 -14.70 13.69
CA ASP C 120 26.70 -14.66 12.57
C ASP C 120 25.26 -14.83 13.05
N THR C 121 24.88 -13.99 14.01
CA THR C 121 23.57 -14.09 14.62
C THR C 121 22.50 -13.61 13.64
N TYR C 122 21.43 -14.38 13.51
CA TYR C 122 20.30 -14.03 12.67
C TYR C 122 19.02 -14.38 13.41
N PHE C 123 17.91 -13.82 12.93
CA PHE C 123 16.60 -14.07 13.51
C PHE C 123 15.84 -14.97 12.55
N LEU C 124 15.49 -16.16 13.01
CA LEU C 124 14.93 -17.17 12.11
C LEU C 124 13.59 -16.72 11.54
N ASN C 125 12.73 -16.16 12.38
CA ASN C 125 11.38 -15.78 11.95
C ASN C 125 11.30 -14.35 11.46
N ASP C 126 12.40 -13.61 11.39
CA ASP C 126 12.36 -12.25 10.90
C ASP C 126 12.06 -12.23 9.40
N LYS C 127 11.21 -11.29 8.99
CA LYS C 127 10.86 -11.15 7.58
C LYS C 127 11.58 -9.99 6.91
N LYS C 128 11.87 -8.92 7.64
CA LYS C 128 12.51 -7.74 7.08
C LYS C 128 13.13 -6.95 8.22
N SER C 129 14.45 -6.82 8.23
CA SER C 129 15.15 -6.13 9.31
C SER C 129 16.17 -5.17 8.73
N PHE C 130 16.45 -4.11 9.49
CA PHE C 130 17.49 -3.17 9.12
C PHE C 130 18.05 -2.53 10.38
N VAL C 131 19.27 -2.04 10.26
CA VAL C 131 19.90 -1.23 11.31
C VAL C 131 19.72 0.23 10.93
N HIS C 132 19.29 1.05 11.89
CA HIS C 132 19.10 2.47 11.64
C HIS C 132 20.44 3.13 11.32
N GLY C 133 20.42 4.03 10.33
CA GLY C 133 21.65 4.61 9.84
C GLY C 133 21.64 6.12 9.74
N VAL C 134 20.84 6.79 10.57
CA VAL C 134 20.79 8.24 10.64
C VAL C 134 21.05 8.65 12.09
N THR C 135 22.00 9.56 12.30
CA THR C 135 22.77 10.19 11.23
C THR C 135 23.92 9.29 10.76
N VAL C 136 24.37 8.41 11.64
CA VAL C 136 25.34 7.38 11.25
C VAL C 136 24.70 6.02 11.52
N LYS C 137 25.39 4.94 11.16
CA LYS C 137 24.89 3.60 11.46
C LYS C 137 24.80 3.41 12.97
N ASN C 138 23.63 3.00 13.45
CA ASN C 138 23.38 2.87 14.89
C ASN C 138 24.08 1.60 15.38
N ARG C 139 25.39 1.71 15.53
CA ARG C 139 26.22 0.56 15.90
C ARG C 139 27.22 0.98 16.95
N MET C 140 27.54 0.06 17.86
CA MET C 140 28.43 0.33 18.97
C MET C 140 29.46 -0.78 19.07
N ILE C 141 30.73 -0.40 19.26
CA ILE C 141 31.81 -1.33 19.55
C ILE C 141 32.53 -0.82 20.80
N ARG C 142 32.63 -1.69 21.80
CA ARG C 142 33.37 -1.39 23.02
C ARG C 142 34.30 -2.55 23.35
N LEU C 143 35.58 -2.25 23.52
CA LEU C 143 36.59 -3.25 23.78
C LEU C 143 37.04 -3.15 25.24
N HIS C 144 37.52 -4.28 25.77
CA HIS C 144 37.96 -4.33 27.16
C HIS C 144 39.35 -4.95 27.22
N PRO C 145 40.13 -4.60 28.25
CA PRO C 145 41.55 -5.02 28.27
C PRO C 145 41.76 -6.53 28.20
N ASP C 146 40.84 -7.33 28.72
CA ASP C 146 41.02 -8.77 28.69
C ASP C 146 40.60 -9.41 27.36
N GLY C 147 40.11 -8.61 26.41
CA GLY C 147 39.65 -9.10 25.14
C GLY C 147 38.15 -9.23 25.02
N THR C 148 37.40 -8.91 26.07
CA THR C 148 35.95 -8.96 26.02
C THR C 148 35.42 -7.92 25.05
N VAL C 149 34.46 -8.30 24.23
CA VAL C 149 33.87 -7.40 23.24
C VAL C 149 32.39 -7.21 23.57
N LEU C 150 31.97 -5.97 23.71
CA LEU C 150 30.57 -5.60 23.79
C LEU C 150 30.15 -5.03 22.44
N TYR C 151 29.16 -5.65 21.81
CA TYR C 151 28.75 -5.28 20.46
C TYR C 151 27.24 -5.05 20.47
N GLY C 152 26.83 -3.80 20.27
CA GLY C 152 25.43 -3.43 20.34
C GLY C 152 24.94 -2.87 19.02
N LEU C 153 23.71 -3.22 18.65
CA LEU C 153 23.06 -2.77 17.43
C LEU C 153 21.66 -2.30 17.75
N ARG C 154 21.26 -1.18 17.14
CA ARG C 154 19.88 -0.71 17.21
C ARG C 154 19.17 -1.21 15.96
N ILE C 155 18.23 -2.13 16.14
CA ILE C 155 17.65 -2.89 15.05
C ILE C 155 16.13 -2.75 15.10
N THR C 156 15.52 -2.51 13.96
CA THR C 156 14.08 -2.61 13.79
C THR C 156 13.82 -3.83 12.92
N THR C 157 13.08 -4.80 13.45
CA THR C 157 12.87 -6.07 12.77
C THR C 157 11.39 -6.39 12.72
N THR C 158 10.95 -6.90 11.57
CA THR C 158 9.61 -7.45 11.40
C THR C 158 9.73 -8.97 11.47
N ALA C 159 9.30 -9.54 12.58
CA ALA C 159 9.43 -10.97 12.81
C ALA C 159 8.08 -11.66 12.63
N ALA C 160 8.12 -12.84 12.03
CA ALA C 160 6.89 -13.59 11.76
C ALA C 160 6.31 -14.14 13.05
N CYS C 161 4.98 -14.11 13.14
CA CYS C 161 4.25 -14.63 14.30
C CYS C 161 2.98 -15.27 13.76
N MET C 162 2.98 -16.59 13.66
CA MET C 162 1.82 -17.30 13.14
C MET C 162 0.71 -17.28 14.19
N MET C 163 -0.17 -16.29 14.10
CA MET C 163 -1.19 -16.07 15.12
C MET C 163 -2.37 -16.99 14.88
N ASP C 164 -2.83 -17.67 15.93
CA ASP C 164 -4.06 -18.44 15.86
C ASP C 164 -5.21 -17.48 16.19
N LEU C 165 -6.02 -17.16 15.18
CA LEU C 165 -7.09 -16.19 15.31
C LEU C 165 -8.46 -16.83 15.47
N ARG C 166 -8.51 -18.07 15.95
CA ARG C 166 -9.80 -18.74 16.12
C ARG C 166 -10.64 -18.07 17.20
N ARG C 167 -10.01 -17.49 18.21
CA ARG C 167 -10.70 -16.78 19.27
C ARG C 167 -10.72 -15.27 19.06
N TYR C 168 -10.30 -14.80 17.88
CA TYR C 168 -10.29 -13.37 17.62
C TYR C 168 -11.70 -12.80 17.71
N PRO C 169 -11.90 -11.65 18.37
CA PRO C 169 -10.88 -10.77 18.99
C PRO C 169 -10.60 -11.08 20.44
N LEU C 170 -11.18 -12.13 21.02
CA LEU C 170 -10.88 -12.51 22.40
C LEU C 170 -9.77 -13.54 22.45
N ASP C 171 -8.66 -13.23 21.77
CA ASP C 171 -7.56 -14.16 21.61
C ASP C 171 -6.35 -13.70 22.39
N GLU C 172 -5.39 -14.61 22.53
CA GLU C 172 -4.17 -14.37 23.28
C GLU C 172 -3.03 -14.94 22.46
N GLN C 173 -2.21 -14.08 21.89
CA GLN C 173 -1.17 -14.53 20.98
C GLN C 173 0.17 -14.66 21.71
N ASN C 174 1.04 -15.45 21.11
CA ASN C 174 2.38 -15.72 21.65
C ASN C 174 3.35 -15.50 20.50
N CYS C 175 4.01 -14.35 20.49
CA CYS C 175 4.96 -14.00 19.44
C CYS C 175 6.37 -14.08 19.99
N THR C 176 7.22 -14.81 19.29
CA THR C 176 8.58 -15.09 19.72
C THR C 176 9.58 -14.41 18.80
N LEU C 177 10.84 -14.46 19.21
CA LEU C 177 11.94 -14.00 18.39
C LEU C 177 13.05 -15.03 18.53
N GLU C 178 13.33 -15.75 17.44
CA GLU C 178 14.30 -16.84 17.47
C GLU C 178 15.68 -16.30 17.14
N ILE C 179 16.64 -16.57 18.03
CA ILE C 179 18.00 -16.10 17.86
C ILE C 179 18.89 -17.33 17.72
N GLU C 180 19.63 -17.40 16.61
CA GLU C 180 20.39 -18.58 16.29
C GLU C 180 21.64 -18.18 15.51
N SER C 181 22.65 -19.05 15.56
CA SER C 181 23.82 -18.91 14.71
C SER C 181 23.59 -19.70 13.43
N TYR C 182 23.93 -19.08 12.29
CA TYR C 182 23.59 -19.71 11.02
C TYR C 182 24.62 -20.75 10.62
N GLY C 183 25.91 -20.41 10.68
CA GLY C 183 26.93 -21.27 10.14
C GLY C 183 27.66 -22.09 11.19
N TYR C 184 27.72 -21.58 12.41
CA TYR C 184 28.48 -22.21 13.48
C TYR C 184 27.56 -23.08 14.32
N THR C 185 27.96 -24.34 14.52
CA THR C 185 27.17 -25.26 15.32
C THR C 185 27.48 -25.09 16.81
N THR C 186 26.88 -25.97 17.62
CA THR C 186 27.11 -25.96 19.05
C THR C 186 28.54 -26.35 19.43
N ASP C 187 29.28 -26.98 18.53
CA ASP C 187 30.69 -27.27 18.75
C ASP C 187 31.57 -26.06 18.52
N ASP C 188 31.02 -24.96 18.00
CA ASP C 188 31.76 -23.74 17.71
C ASP C 188 31.34 -22.56 18.54
N ILE C 189 30.04 -22.43 18.84
CA ILE C 189 29.51 -21.25 19.52
C ILE C 189 28.43 -21.68 20.50
N GLU C 190 28.27 -20.89 21.56
CA GLU C 190 27.24 -21.12 22.56
C GLU C 190 26.56 -19.80 22.88
N PHE C 191 25.24 -19.83 22.99
CA PHE C 191 24.44 -18.65 23.32
C PHE C 191 23.94 -18.75 24.75
N TYR C 192 23.88 -17.60 25.43
CA TYR C 192 23.28 -17.53 26.76
C TYR C 192 22.79 -16.12 27.03
N TRP C 193 21.76 -16.01 27.86
CA TRP C 193 21.21 -14.73 28.27
C TRP C 193 22.08 -14.11 29.35
N ARG C 194 22.61 -12.91 29.09
CA ARG C 194 23.49 -12.23 30.02
C ARG C 194 22.64 -11.58 31.11
N GLY C 195 22.77 -12.06 32.34
CA GLY C 195 21.95 -11.61 33.44
C GLY C 195 20.80 -12.52 33.79
N GLY C 196 20.68 -13.67 33.15
CA GLY C 196 19.60 -14.58 33.46
C GLY C 196 18.28 -14.03 32.99
N ASP C 197 17.29 -14.01 33.88
CA ASP C 197 15.97 -13.47 33.54
C ASP C 197 15.99 -11.96 33.38
N LYS C 198 17.06 -11.30 33.80
CA LYS C 198 17.22 -9.86 33.67
C LYS C 198 17.89 -9.46 32.36
N ALA C 199 18.05 -10.40 31.43
CA ALA C 199 18.74 -10.09 30.18
C ALA C 199 17.92 -9.22 29.26
N VAL C 200 16.60 -9.21 29.40
CA VAL C 200 15.72 -8.41 28.55
C VAL C 200 15.05 -7.38 29.43
N THR C 201 15.29 -6.11 29.15
CA THR C 201 14.68 -5.00 29.87
C THR C 201 13.79 -4.19 28.93
N GLY C 202 13.10 -3.21 29.50
CA GLY C 202 12.26 -2.32 28.74
C GLY C 202 10.93 -2.89 28.33
N VAL C 203 10.51 -4.01 28.91
CA VAL C 203 9.20 -4.57 28.58
C VAL C 203 8.10 -3.64 29.05
N GLU C 204 8.29 -2.97 30.19
CA GLU C 204 7.31 -2.02 30.67
C GLU C 204 7.20 -0.79 29.78
N ARG C 205 8.17 -0.55 28.90
CA ARG C 205 8.10 0.56 27.96
C ARG C 205 7.12 0.28 26.83
N ILE C 206 6.74 -0.98 26.64
CA ILE C 206 5.89 -1.36 25.51
C ILE C 206 4.48 -0.83 25.75
N GLU C 207 4.04 0.08 24.88
CA GLU C 207 2.74 0.73 24.98
C GLU C 207 2.00 0.46 23.67
N LEU C 208 1.19 -0.59 23.67
CA LEU C 208 0.38 -0.96 22.52
C LEU C 208 -1.08 -0.67 22.79
N PRO C 209 -1.75 0.12 21.95
CA PRO C 209 -3.19 0.37 22.17
C PRO C 209 -4.04 -0.89 22.14
N GLN C 210 -3.68 -1.87 21.30
CA GLN C 210 -4.50 -3.06 21.11
C GLN C 210 -4.07 -4.24 21.96
N PHE C 211 -2.87 -4.22 22.54
CA PHE C 211 -2.37 -5.36 23.28
C PHE C 211 -1.79 -4.91 24.61
N SER C 212 -1.78 -5.81 25.57
CA SER C 212 -1.08 -5.62 26.83
C SER C 212 -0.15 -6.81 27.04
N ILE C 213 1.07 -6.52 27.48
CA ILE C 213 2.05 -7.57 27.74
C ILE C 213 1.68 -8.26 29.05
N VAL C 214 1.44 -9.57 28.99
CA VAL C 214 1.09 -10.33 30.18
C VAL C 214 2.32 -11.01 30.77
N GLU C 215 3.16 -11.59 29.92
CA GLU C 215 4.36 -12.29 30.39
C GLU C 215 5.38 -12.32 29.27
N HIS C 216 6.65 -12.31 29.65
CA HIS C 216 7.75 -12.55 28.71
C HIS C 216 8.67 -13.62 29.29
N ARG C 217 9.28 -14.40 28.40
CA ARG C 217 10.05 -15.56 28.82
C ARG C 217 11.33 -15.68 28.01
N LEU C 218 12.37 -16.18 28.65
CA LEU C 218 13.66 -16.40 28.02
C LEU C 218 13.94 -17.90 27.97
N VAL C 219 14.29 -18.40 26.79
CA VAL C 219 14.53 -19.82 26.58
C VAL C 219 15.88 -20.00 25.90
N SER C 220 16.65 -20.97 26.39
CA SER C 220 17.92 -21.35 25.78
C SER C 220 17.87 -22.83 25.48
N ARG C 221 18.09 -23.19 24.21
CA ARG C 221 17.95 -24.57 23.78
C ARG C 221 18.81 -24.80 22.55
N ASN C 222 18.87 -26.06 22.11
CA ASN C 222 19.60 -26.46 20.93
C ASN C 222 18.63 -26.98 19.87
N VAL C 223 18.84 -26.57 18.62
CA VAL C 223 18.01 -26.96 17.51
C VAL C 223 18.86 -27.74 16.51
N VAL C 224 18.38 -28.89 16.09
CA VAL C 224 19.13 -29.80 15.23
C VAL C 224 18.55 -29.73 13.82
N PHE C 225 19.41 -29.50 12.84
CA PHE C 225 19.06 -29.57 11.43
C PHE C 225 19.87 -30.66 10.75
N ALA C 226 19.74 -30.75 9.42
CA ALA C 226 20.53 -31.72 8.68
C ALA C 226 22.00 -31.37 8.68
N THR C 227 22.33 -30.08 8.83
CA THR C 227 23.72 -29.63 8.82
C THR C 227 24.37 -29.65 10.20
N GLY C 228 23.62 -29.95 11.25
CA GLY C 228 24.16 -30.06 12.58
C GLY C 228 23.19 -29.49 13.60
N ALA C 229 23.68 -29.30 14.82
CA ALA C 229 22.90 -28.74 15.91
C ALA C 229 23.39 -27.32 16.22
N TYR C 230 22.45 -26.41 16.43
CA TYR C 230 22.78 -25.01 16.59
C TYR C 230 22.20 -24.46 17.87
N PRO C 231 22.86 -23.48 18.50
CA PRO C 231 22.30 -22.87 19.70
C PRO C 231 21.12 -21.98 19.36
N ARG C 232 20.11 -21.99 20.23
CA ARG C 232 18.89 -21.25 20.01
C ARG C 232 18.53 -20.46 21.27
N LEU C 233 18.30 -19.16 21.10
CA LEU C 233 17.74 -18.31 22.13
C LEU C 233 16.37 -17.83 21.67
N SER C 234 15.38 -17.91 22.55
CA SER C 234 14.02 -17.55 22.22
C SER C 234 13.51 -16.50 23.20
N LEU C 235 12.95 -15.43 22.68
CA LEU C 235 12.32 -14.39 23.47
C LEU C 235 10.86 -14.32 23.04
N SER C 236 9.95 -14.66 23.93
CA SER C 236 8.54 -14.75 23.61
C SER C 236 7.73 -13.82 24.51
N PHE C 237 6.74 -13.17 23.91
CA PHE C 237 5.79 -12.35 24.63
C PHE C 237 4.40 -12.96 24.47
N ARG C 238 3.58 -12.84 25.50
CA ARG C 238 2.19 -13.27 25.43
C ARG C 238 1.33 -12.01 25.36
N LEU C 239 0.73 -11.78 24.20
CA LEU C 239 -0.08 -10.60 23.96
C LEU C 239 -1.55 -10.91 24.21
N LYS C 240 -2.20 -10.08 25.02
CA LYS C 240 -3.63 -10.20 25.28
C LYS C 240 -4.34 -9.02 24.63
N ARG C 241 -5.23 -9.33 23.67
CA ARG C 241 -5.92 -8.28 22.94
C ARG C 241 -6.96 -7.62 23.83
N ASN C 242 -7.15 -6.31 23.67
CA ASN C 242 -8.15 -5.60 24.46
C ASN C 242 -9.50 -5.65 23.74
N ILE C 243 -10.54 -6.07 24.47
CA ILE C 243 -11.87 -6.27 23.89
C ILE C 243 -12.69 -4.99 23.82
N GLY C 244 -12.24 -3.89 24.43
CA GLY C 244 -13.10 -2.73 24.56
C GLY C 244 -13.55 -2.14 23.23
N TYR C 245 -12.64 -2.07 22.25
CA TYR C 245 -13.02 -1.50 20.97
C TYR C 245 -14.08 -2.34 20.27
N PHE C 246 -13.94 -3.66 20.31
CA PHE C 246 -14.85 -4.52 19.57
C PHE C 246 -16.21 -4.63 20.25
N ILE C 247 -16.26 -4.49 21.57
CA ILE C 247 -17.56 -4.42 22.23
C ILE C 247 -18.34 -3.20 21.76
N LEU C 248 -17.66 -2.06 21.68
CA LEU C 248 -18.34 -0.82 21.31
C LEU C 248 -18.73 -0.81 19.83
N GLN C 249 -17.85 -1.30 18.95
CA GLN C 249 -18.02 -1.08 17.52
C GLN C 249 -18.62 -2.28 16.79
N THR C 250 -18.45 -3.49 17.29
CA THR C 250 -18.94 -4.67 16.60
C THR C 250 -19.99 -5.43 17.38
N TYR C 251 -19.69 -5.81 18.63
CA TYR C 251 -20.61 -6.64 19.40
C TYR C 251 -21.88 -5.90 19.78
N MET C 252 -21.74 -4.67 20.28
CA MET C 252 -22.92 -3.90 20.68
C MET C 252 -23.86 -3.58 19.52
N PRO C 253 -23.39 -3.07 18.36
CA PRO C 253 -24.33 -2.87 17.25
C PRO C 253 -25.04 -4.15 16.82
N SER C 254 -24.33 -5.28 16.84
CA SER C 254 -24.95 -6.55 16.47
C SER C 254 -26.05 -6.93 17.46
N ILE C 255 -25.79 -6.74 18.75
CA ILE C 255 -26.80 -7.09 19.76
C ILE C 255 -28.03 -6.20 19.62
N LEU C 256 -27.83 -4.90 19.44
CA LEU C 256 -28.98 -4.00 19.35
C LEU C 256 -29.79 -4.24 18.09
N ILE C 257 -29.14 -4.59 16.98
CA ILE C 257 -29.91 -4.94 15.78
C ILE C 257 -30.69 -6.22 16.01
N THR C 258 -30.09 -7.20 16.70
CA THR C 258 -30.82 -8.42 17.03
C THR C 258 -31.99 -8.12 17.97
N ILE C 259 -31.76 -7.27 18.97
CA ILE C 259 -32.86 -6.85 19.84
C ILE C 259 -33.88 -6.07 19.03
N LEU C 260 -33.40 -5.26 18.10
CA LEU C 260 -34.29 -4.48 17.23
C LEU C 260 -35.22 -5.39 16.44
N SER C 261 -34.72 -6.56 16.03
CA SER C 261 -35.52 -7.50 15.26
C SER C 261 -36.65 -8.10 16.09
N TRP C 262 -36.55 -8.01 17.42
CA TRP C 262 -37.59 -8.52 18.32
C TRP C 262 -38.77 -7.56 18.42
N VAL C 263 -38.59 -6.32 17.97
CA VAL C 263 -39.69 -5.35 17.97
C VAL C 263 -40.84 -5.84 17.10
N SER C 264 -40.53 -6.64 16.08
CA SER C 264 -41.60 -7.16 15.22
C SER C 264 -42.56 -8.02 16.03
N PHE C 265 -42.03 -8.78 16.99
CA PHE C 265 -42.85 -9.67 17.80
C PHE C 265 -43.92 -8.93 18.61
N TRP C 266 -43.70 -7.64 18.87
CA TRP C 266 -44.64 -6.82 19.64
C TRP C 266 -45.59 -6.02 18.76
N ILE C 267 -45.51 -6.19 17.44
CA ILE C 267 -46.41 -5.52 16.50
C ILE C 267 -47.52 -6.49 16.10
N ASN C 268 -48.72 -5.94 15.91
CA ASN C 268 -49.86 -6.74 15.51
C ASN C 268 -49.63 -7.36 14.13
N TYR C 269 -50.23 -8.53 13.92
CA TYR C 269 -49.95 -9.31 12.72
C TYR C 269 -50.59 -8.75 11.46
N ASP C 270 -51.62 -7.91 11.59
CA ASP C 270 -52.20 -7.27 10.41
C ASP C 270 -51.31 -6.17 9.83
N ALA C 271 -50.27 -5.74 10.55
CA ALA C 271 -49.34 -4.74 10.03
C ALA C 271 -48.25 -5.42 9.21
N SER C 272 -48.66 -5.98 8.07
CA SER C 272 -47.73 -6.76 7.25
C SER C 272 -46.60 -5.88 6.72
N ALA C 273 -46.93 -4.69 6.24
CA ALA C 273 -45.91 -3.79 5.71
C ALA C 273 -44.93 -3.35 6.78
N ALA C 274 -45.44 -3.04 7.99
CA ALA C 274 -44.55 -2.61 9.06
C ALA C 274 -43.63 -3.73 9.53
N ARG C 275 -44.16 -4.94 9.69
CA ARG C 275 -43.33 -6.03 10.21
C ARG C 275 -42.39 -6.60 9.16
N VAL C 276 -42.78 -6.61 7.90
CA VAL C 276 -41.85 -7.04 6.86
C VAL C 276 -40.74 -6.00 6.66
N ALA C 277 -41.09 -4.72 6.70
CA ALA C 277 -40.07 -3.67 6.56
C ALA C 277 -39.06 -3.72 7.70
N LEU C 278 -39.54 -3.95 8.92
CA LEU C 278 -38.63 -4.11 10.05
C LEU C 278 -37.78 -5.36 9.89
N GLY C 279 -38.39 -6.48 9.51
CA GLY C 279 -37.62 -7.71 9.35
C GLY C 279 -36.63 -7.67 8.20
N ILE C 280 -37.08 -7.17 7.04
CA ILE C 280 -36.18 -7.13 5.88
C ILE C 280 -35.02 -6.17 6.12
N THR C 281 -35.29 -5.00 6.68
CA THR C 281 -34.24 -4.00 6.90
C THR C 281 -33.17 -4.55 7.84
N THR C 282 -33.60 -5.14 8.96
CA THR C 282 -32.64 -5.64 9.95
C THR C 282 -31.80 -6.75 9.33
N VAL C 283 -32.41 -7.58 8.48
CA VAL C 283 -31.66 -8.62 7.82
C VAL C 283 -30.64 -7.96 6.89
N LEU C 284 -31.07 -6.93 6.17
CA LEU C 284 -30.18 -6.21 5.27
C LEU C 284 -29.19 -5.38 6.08
N THR C 285 -29.64 -4.82 7.20
CA THR C 285 -28.72 -4.05 8.04
C THR C 285 -27.65 -4.96 8.63
N MET C 286 -28.03 -6.18 9.00
CA MET C 286 -27.04 -7.11 9.56
C MET C 286 -26.01 -7.47 8.51
N THR C 287 -26.45 -7.69 7.28
CA THR C 287 -25.51 -7.98 6.20
C THR C 287 -24.60 -6.79 5.96
N THR C 288 -25.17 -5.58 5.96
CA THR C 288 -24.35 -4.39 5.73
C THR C 288 -23.30 -4.26 6.83
N ILE C 289 -23.65 -4.63 8.06
CA ILE C 289 -22.67 -4.60 9.14
C ILE C 289 -21.55 -5.59 8.86
N ASN C 290 -21.91 -6.80 8.41
CA ASN C 290 -20.91 -7.84 8.20
C ASN C 290 -20.04 -7.53 6.98
N THR C 291 -20.65 -7.16 5.86
CA THR C 291 -19.88 -6.92 4.64
C THR C 291 -18.96 -5.71 4.79
N HIS C 292 -19.33 -4.75 5.63
CA HIS C 292 -18.49 -3.57 5.83
C HIS C 292 -17.55 -3.72 7.01
N LEU C 293 -17.96 -4.47 8.05
CA LEU C 293 -17.05 -4.73 9.15
C LEU C 293 -15.86 -5.55 8.69
N ARG C 294 -16.09 -6.54 7.83
CA ARG C 294 -14.97 -7.35 7.37
C ARG C 294 -13.98 -6.53 6.53
N GLU C 295 -14.45 -5.46 5.90
CA GLU C 295 -13.55 -4.66 5.08
C GLU C 295 -12.62 -3.79 5.92
N THR C 296 -12.93 -3.65 7.22
CA THR C 296 -12.11 -2.90 8.17
C THR C 296 -11.19 -3.83 8.97
N LEU C 297 -11.76 -4.90 9.50
CA LEU C 297 -11.02 -5.83 10.34
C LEU C 297 -9.96 -6.54 9.49
N PRO C 298 -8.93 -7.10 10.13
CA PRO C 298 -7.91 -7.82 9.35
C PRO C 298 -8.55 -9.01 8.64
N LYS C 299 -8.52 -8.96 7.31
CA LYS C 299 -9.15 -9.95 6.46
C LYS C 299 -8.41 -11.28 6.43
N ILE C 300 -8.41 -12.03 7.53
CA ILE C 300 -7.77 -13.34 7.48
C ILE C 300 -8.74 -14.26 6.75
N PRO C 301 -8.25 -15.22 5.95
CA PRO C 301 -9.11 -16.10 5.17
C PRO C 301 -9.64 -17.37 5.84
N TYR C 302 -10.18 -17.24 7.04
CA TYR C 302 -10.66 -18.37 7.83
C TYR C 302 -11.68 -17.80 8.81
N VAL C 303 -12.27 -18.66 9.65
CA VAL C 303 -13.34 -18.18 10.50
C VAL C 303 -12.81 -17.93 11.91
N LYS C 304 -13.04 -16.70 12.36
CA LYS C 304 -12.72 -16.13 13.66
C LYS C 304 -13.85 -16.36 14.65
N ALA C 305 -13.60 -16.03 15.91
CA ALA C 305 -14.63 -16.16 16.93
C ALA C 305 -15.78 -15.21 16.65
N ILE C 306 -15.46 -13.99 16.21
CA ILE C 306 -16.47 -12.99 15.88
C ILE C 306 -17.28 -13.41 14.66
N ASP C 307 -16.66 -14.11 13.70
CA ASP C 307 -17.43 -14.61 12.57
C ASP C 307 -18.49 -15.60 13.01
N MET C 308 -18.26 -16.32 14.12
CA MET C 308 -19.30 -17.17 14.68
C MET C 308 -20.38 -16.35 15.39
N TYR C 309 -20.01 -15.24 16.00
CA TYR C 309 -21.00 -14.40 16.68
C TYR C 309 -21.85 -13.65 15.66
N LEU C 310 -21.23 -13.09 14.63
CA LEU C 310 -21.98 -12.33 13.64
C LEU C 310 -22.90 -13.23 12.83
N MET C 311 -22.45 -14.45 12.52
CA MET C 311 -23.30 -15.40 11.83
C MET C 311 -24.41 -15.92 12.74
N GLY C 312 -24.14 -16.04 14.04
CA GLY C 312 -25.20 -16.38 14.97
C GLY C 312 -26.25 -15.30 15.10
N CYS C 313 -25.82 -14.04 15.16
CA CYS C 313 -26.77 -12.93 15.21
C CYS C 313 -27.57 -12.81 13.91
N PHE C 314 -26.97 -13.12 12.77
CA PHE C 314 -27.70 -13.08 11.51
C PHE C 314 -28.84 -14.12 11.53
N VAL C 315 -28.58 -15.28 12.11
CA VAL C 315 -29.61 -16.32 12.20
C VAL C 315 -30.80 -15.84 13.01
N PHE C 316 -30.54 -15.15 14.12
CA PHE C 316 -31.64 -14.67 14.97
C PHE C 316 -32.52 -13.68 14.22
N VAL C 317 -31.92 -12.73 13.51
CA VAL C 317 -32.72 -11.75 12.78
C VAL C 317 -33.40 -12.44 11.61
N PHE C 318 -32.77 -13.49 11.06
CA PHE C 318 -33.39 -14.24 9.98
C PHE C 318 -34.56 -15.08 10.48
N LEU C 319 -34.43 -15.67 11.67
CA LEU C 319 -35.53 -16.43 12.25
C LEU C 319 -36.71 -15.53 12.62
N ALA C 320 -36.42 -14.29 13.06
CA ALA C 320 -37.49 -13.36 13.38
C ALA C 320 -38.34 -12.99 12.16
N LEU C 321 -37.70 -12.77 11.01
CA LEU C 321 -38.46 -12.51 9.80
C LEU C 321 -39.23 -13.76 9.36
N LEU C 322 -38.60 -14.93 9.48
CA LEU C 322 -39.29 -16.19 9.21
C LEU C 322 -40.42 -16.44 10.20
N GLU C 323 -40.30 -15.91 11.42
CA GLU C 323 -41.36 -16.07 12.41
C GLU C 323 -42.66 -15.41 11.97
N TYR C 324 -42.58 -14.22 11.38
CA TYR C 324 -43.82 -13.55 10.96
C TYR C 324 -44.41 -14.23 9.73
N ALA C 325 -43.56 -14.68 8.81
CA ALA C 325 -44.04 -15.40 7.64
C ALA C 325 -44.82 -16.65 8.01
N PHE C 326 -44.47 -17.28 9.13
CA PHE C 326 -45.27 -18.40 9.63
C PHE C 326 -46.59 -17.91 10.19
N VAL C 327 -46.58 -16.80 10.94
CA VAL C 327 -47.82 -16.27 11.49
C VAL C 327 -48.73 -15.80 10.37
N ASN C 328 -48.17 -15.08 9.38
CA ASN C 328 -48.97 -14.62 8.25
C ASN C 328 -49.51 -15.79 7.43
N TYR C 329 -48.83 -16.94 7.48
CA TYR C 329 -49.24 -18.09 6.68
C TYR C 329 -50.38 -18.90 7.28
N ILE C 330 -50.66 -18.78 8.58
CA ILE C 330 -51.64 -19.66 9.19
C ILE C 330 -52.79 -18.92 9.85
N PHE C 331 -52.74 -17.59 9.94
CA PHE C 331 -53.84 -16.92 10.60
C PHE C 331 -55.05 -16.91 9.68
N PHE C 332 -54.81 -17.22 8.40
CA PHE C 332 -55.81 -17.33 7.36
C PHE C 332 -56.63 -18.62 7.47
N GLY C 333 -56.00 -19.71 7.90
CA GLY C 333 -56.65 -21.01 7.85
C GLY C 333 -57.90 -21.09 8.70
N ARG C 334 -57.85 -20.54 9.91
CA ARG C 334 -58.97 -20.60 10.83
C ARG C 334 -59.99 -19.52 10.53
N ASP C 444 -54.70 -19.49 18.40
CA ASP C 444 -53.32 -19.84 18.70
C ASP C 444 -52.35 -19.04 17.83
N VAL C 445 -52.89 -18.19 16.95
CA VAL C 445 -52.04 -17.34 16.13
C VAL C 445 -51.29 -16.34 17.00
N ASN C 446 -51.98 -15.73 17.96
CA ASN C 446 -51.32 -14.83 18.89
C ASN C 446 -50.34 -15.56 19.80
N ALA C 447 -50.51 -16.87 19.96
CA ALA C 447 -49.60 -17.64 20.81
C ALA C 447 -48.19 -17.68 20.22
N ILE C 448 -48.08 -17.78 18.89
CA ILE C 448 -46.77 -17.82 18.27
C ILE C 448 -46.02 -16.51 18.51
N ASP C 449 -46.73 -15.38 18.36
CA ASP C 449 -46.11 -14.09 18.68
C ASP C 449 -45.79 -14.00 20.17
N ARG C 450 -46.70 -14.48 21.02
CA ARG C 450 -46.50 -14.40 22.46
C ARG C 450 -45.31 -15.23 22.91
N TRP C 451 -45.16 -16.43 22.35
CA TRP C 451 -44.00 -17.25 22.72
C TRP C 451 -42.71 -16.73 22.08
N SER C 452 -42.81 -16.04 20.94
CA SER C 452 -41.61 -15.48 20.35
C SER C 452 -41.02 -14.36 21.20
N ARG C 453 -41.87 -13.65 21.95
CA ARG C 453 -41.38 -12.60 22.83
C ARG C 453 -40.58 -13.14 24.01
N ILE C 454 -40.67 -14.43 24.29
CA ILE C 454 -39.94 -15.07 25.38
C ILE C 454 -38.79 -15.93 24.85
N VAL C 455 -39.08 -16.76 23.84
CA VAL C 455 -38.09 -17.72 23.36
C VAL C 455 -36.89 -16.99 22.77
N PHE C 456 -37.15 -15.99 21.92
CA PHE C 456 -36.04 -15.30 21.25
C PHE C 456 -35.15 -14.56 22.24
N PRO C 457 -35.65 -13.74 23.16
CA PRO C 457 -34.74 -13.12 24.14
C PRO C 457 -34.04 -14.14 25.02
N PHE C 458 -34.72 -15.24 25.36
CA PHE C 458 -34.12 -16.24 26.22
C PHE C 458 -33.06 -17.05 25.48
N THR C 459 -33.35 -17.44 24.24
CA THR C 459 -32.38 -18.21 23.46
C THR C 459 -31.16 -17.37 23.12
N PHE C 460 -31.36 -16.08 22.83
CA PHE C 460 -30.21 -15.22 22.56
C PHE C 460 -29.37 -15.02 23.81
N SER C 461 -30.01 -14.95 24.98
CA SER C 461 -29.27 -14.91 26.23
C SER C 461 -28.50 -16.21 26.44
N LEU C 462 -29.14 -17.34 26.15
CA LEU C 462 -28.45 -18.63 26.26
C LEU C 462 -27.31 -18.74 25.25
N PHE C 463 -27.54 -18.22 24.04
CA PHE C 463 -26.47 -18.18 23.04
C PHE C 463 -25.30 -17.33 23.54
N ASN C 464 -25.60 -16.17 24.14
CA ASN C 464 -24.55 -15.33 24.67
C ASN C 464 -23.87 -15.98 25.88
N LEU C 465 -24.65 -16.68 26.71
CA LEU C 465 -24.07 -17.32 27.88
C LEU C 465 -23.06 -18.38 27.50
N VAL C 466 -23.41 -19.23 26.52
CA VAL C 466 -22.48 -20.27 26.08
C VAL C 466 -21.31 -19.64 25.33
N TYR C 467 -21.58 -18.65 24.48
CA TYR C 467 -20.53 -18.04 23.68
C TYR C 467 -19.49 -17.37 24.57
N TRP C 468 -19.93 -16.58 25.54
CA TRP C 468 -18.99 -15.80 26.33
C TRP C 468 -18.26 -16.65 27.36
N LEU C 469 -18.89 -17.70 27.87
CA LEU C 469 -18.19 -18.60 28.78
C LEU C 469 -17.17 -19.47 28.06
N TYR C 470 -17.41 -19.73 26.77
CA TYR C 470 -16.48 -20.54 25.98
C TYR C 470 -15.24 -19.76 25.59
N TYR C 471 -15.39 -18.49 25.27
CA TYR C 471 -14.28 -17.68 24.77
C TYR C 471 -13.64 -16.82 25.85
N VAL C 472 -14.18 -16.80 27.07
CA VAL C 472 -13.57 -16.05 28.16
C VAL C 472 -13.27 -16.98 29.32
N THR D 47 44.87 -21.71 14.89
CA THR D 47 44.27 -20.68 14.04
C THR D 47 45.26 -20.17 13.01
N THR D 48 46.50 -19.94 13.44
CA THR D 48 47.55 -19.54 12.49
C THR D 48 47.78 -20.61 11.43
N VAL D 49 47.68 -21.89 11.82
CA VAL D 49 47.79 -22.96 10.83
C VAL D 49 46.65 -22.88 9.83
N PHE D 50 45.43 -22.66 10.33
CA PHE D 50 44.26 -22.56 9.45
C PHE D 50 44.31 -21.33 8.56
N THR D 51 44.90 -20.23 9.06
CA THR D 51 45.05 -19.04 8.22
C THR D 51 45.95 -19.32 7.03
N ARG D 52 47.03 -20.07 7.24
CA ARG D 52 47.91 -20.43 6.13
C ARG D 52 47.20 -21.32 5.12
N ILE D 53 46.36 -22.25 5.61
CA ILE D 53 45.64 -23.15 4.71
C ILE D 53 44.68 -22.36 3.83
N LEU D 54 43.95 -21.41 4.42
CA LEU D 54 43.03 -20.58 3.64
C LEU D 54 43.77 -19.73 2.63
N ASP D 55 44.92 -19.19 3.00
CA ASP D 55 45.71 -18.38 2.06
C ASP D 55 46.18 -19.23 0.88
N ARG D 56 46.58 -20.47 1.16
CA ARG D 56 47.05 -21.35 0.09
C ARG D 56 45.91 -21.71 -0.87
N LEU D 57 44.70 -21.90 -0.34
CA LEU D 57 43.56 -22.25 -1.19
C LEU D 57 43.24 -21.16 -2.19
N LEU D 58 43.30 -19.90 -1.77
CA LEU D 58 42.94 -18.77 -2.62
C LEU D 58 44.12 -18.19 -3.36
N ASP D 59 45.32 -18.71 -3.17
CA ASP D 59 46.50 -18.25 -3.90
C ASP D 59 46.46 -18.82 -5.31
N GLY D 60 46.23 -17.95 -6.30
CA GLY D 60 46.07 -18.40 -7.66
C GLY D 60 44.69 -18.88 -8.02
N TYR D 61 43.71 -18.71 -7.14
CA TYR D 61 42.35 -19.17 -7.37
C TYR D 61 41.57 -18.11 -8.14
N ASP D 62 40.90 -18.54 -9.21
CA ASP D 62 40.08 -17.66 -10.03
C ASP D 62 38.62 -18.10 -9.88
N ASN D 63 37.80 -17.23 -9.28
CA ASN D 63 36.39 -17.55 -9.08
C ASN D 63 35.53 -17.26 -10.30
N ARG D 64 36.09 -16.69 -11.37
CA ARG D 64 35.35 -16.49 -12.61
C ARG D 64 35.18 -17.76 -13.42
N LEU D 65 35.88 -18.84 -13.07
CA LEU D 65 35.84 -20.08 -13.83
C LEU D 65 35.20 -21.17 -12.97
N ARG D 66 34.28 -21.92 -13.57
CA ARG D 66 33.67 -23.05 -12.89
C ARG D 66 34.69 -24.17 -12.70
N PRO D 67 34.48 -25.03 -11.69
CA PRO D 67 35.38 -26.18 -11.53
C PRO D 67 35.33 -27.11 -12.74
N GLY D 68 36.52 -27.54 -13.16
CA GLY D 68 36.61 -28.36 -14.37
C GLY D 68 36.17 -27.65 -15.63
N LEU D 69 36.44 -26.36 -15.75
CA LEU D 69 36.06 -25.62 -16.95
C LEU D 69 36.84 -26.15 -18.15
N GLY D 70 36.13 -26.44 -19.23
CA GLY D 70 36.75 -26.98 -20.41
C GLY D 70 37.18 -28.43 -20.31
N GLU D 71 36.93 -29.08 -19.18
CA GLU D 71 37.34 -30.45 -18.95
C GLU D 71 36.17 -31.38 -18.71
N ARG D 72 35.23 -31.00 -17.85
CA ARG D 72 34.11 -31.87 -17.50
C ARG D 72 32.95 -31.03 -17.01
N VAL D 73 31.78 -31.64 -16.97
CA VAL D 73 30.57 -30.97 -16.49
C VAL D 73 30.63 -30.87 -14.97
N THR D 74 30.27 -29.70 -14.45
CA THR D 74 30.21 -29.49 -13.01
C THR D 74 28.86 -29.96 -12.47
N GLU D 75 28.90 -30.93 -11.56
CA GLU D 75 27.71 -31.52 -10.97
C GLU D 75 27.41 -30.82 -9.66
N VAL D 76 26.22 -30.23 -9.55
CA VAL D 76 25.79 -29.51 -8.36
C VAL D 76 24.64 -30.28 -7.71
N LYS D 77 24.86 -30.79 -6.51
CA LYS D 77 23.83 -31.51 -5.78
C LYS D 77 23.08 -30.54 -4.87
N THR D 78 21.76 -30.49 -5.02
CA THR D 78 20.93 -29.48 -4.35
C THR D 78 19.89 -30.17 -3.49
N ASP D 79 19.65 -29.60 -2.30
CA ASP D 79 18.53 -29.99 -1.46
C ASP D 79 17.98 -28.74 -0.79
N ILE D 80 16.67 -28.74 -0.54
CA ILE D 80 15.96 -27.58 -0.02
C ILE D 80 15.27 -27.96 1.28
N PHE D 81 15.50 -27.16 2.32
CA PHE D 81 14.77 -27.26 3.57
C PHE D 81 13.85 -26.06 3.71
N VAL D 82 12.55 -26.30 3.73
CA VAL D 82 11.56 -25.23 3.77
C VAL D 82 11.25 -24.92 5.23
N THR D 83 11.75 -23.78 5.71
CA THR D 83 11.49 -23.40 7.10
C THR D 83 10.08 -22.87 7.30
N SER D 84 9.49 -22.26 6.28
CA SER D 84 8.12 -21.75 6.37
C SER D 84 7.59 -21.55 4.95
N PHE D 85 6.44 -22.16 4.67
CA PHE D 85 5.75 -21.94 3.40
C PHE D 85 4.80 -20.77 3.57
N GLY D 86 5.24 -19.58 3.14
CA GLY D 86 4.57 -18.34 3.43
C GLY D 86 3.23 -18.19 2.73
N PRO D 87 2.65 -17.00 2.83
CA PRO D 87 1.30 -16.78 2.28
C PRO D 87 1.26 -16.91 0.77
N VAL D 88 0.09 -17.29 0.26
CA VAL D 88 -0.16 -17.38 -1.17
C VAL D 88 -1.08 -16.22 -1.55
N SER D 89 -0.71 -15.48 -2.59
CA SER D 89 -1.48 -14.32 -3.04
C SER D 89 -2.20 -14.68 -4.34
N ASP D 90 -3.53 -14.76 -4.27
CA ASP D 90 -4.33 -15.01 -5.47
C ASP D 90 -4.35 -13.81 -6.40
N HIS D 91 -4.34 -12.61 -5.83
CA HIS D 91 -4.42 -11.39 -6.64
C HIS D 91 -3.18 -11.23 -7.51
N ASP D 92 -2.00 -11.51 -6.95
CA ASP D 92 -0.75 -11.39 -7.68
C ASP D 92 -0.33 -12.70 -8.34
N MET D 93 -1.07 -13.79 -8.10
CA MET D 93 -0.74 -15.11 -8.62
C MET D 93 0.69 -15.49 -8.23
N GLU D 94 1.00 -15.31 -6.96
CA GLU D 94 2.33 -15.56 -6.43
C GLU D 94 2.20 -16.22 -5.06
N TYR D 95 3.32 -16.73 -4.57
CA TYR D 95 3.37 -17.28 -3.22
C TYR D 95 4.75 -17.02 -2.65
N THR D 96 4.84 -17.03 -1.32
CA THR D 96 6.08 -16.78 -0.62
C THR D 96 6.54 -18.06 0.07
N ILE D 97 7.85 -18.27 0.12
CA ILE D 97 8.42 -19.44 0.77
C ILE D 97 9.77 -19.04 1.34
N ASP D 98 10.05 -19.48 2.57
CA ASP D 98 11.33 -19.26 3.21
C ASP D 98 12.05 -20.59 3.31
N VAL D 99 13.26 -20.66 2.76
CA VAL D 99 13.98 -21.92 2.62
C VAL D 99 15.42 -21.76 3.06
N PHE D 100 16.01 -22.88 3.46
CA PHE D 100 17.46 -23.04 3.49
C PHE D 100 17.85 -23.70 2.19
N PHE D 101 18.54 -22.95 1.32
CA PHE D 101 18.89 -23.43 -0.01
C PHE D 101 20.31 -23.96 0.02
N ARG D 102 20.44 -25.28 -0.03
CA ARG D 102 21.71 -25.97 0.10
C ARG D 102 22.18 -26.46 -1.27
N GLN D 103 23.41 -26.14 -1.61
CA GLN D 103 24.03 -26.59 -2.85
C GLN D 103 25.34 -27.27 -2.52
N SER D 104 25.62 -28.37 -3.20
CA SER D 104 26.85 -29.11 -2.97
C SER D 104 27.47 -29.49 -4.30
N TRP D 105 28.78 -29.30 -4.40
CA TRP D 105 29.54 -29.63 -5.60
C TRP D 105 30.98 -29.89 -5.19
N LYS D 106 31.73 -30.49 -6.10
CA LYS D 106 33.13 -30.82 -5.86
C LYS D 106 34.03 -29.82 -6.56
N ASP D 107 35.00 -29.28 -5.82
CA ASP D 107 36.01 -28.37 -6.38
C ASP D 107 37.38 -28.87 -5.91
N GLU D 108 38.13 -29.51 -6.81
CA GLU D 108 39.41 -30.07 -6.44
C GLU D 108 40.44 -29.00 -6.07
N ARG D 109 40.20 -27.74 -6.46
CA ARG D 109 41.12 -26.67 -6.09
C ARG D 109 41.07 -26.35 -4.60
N LEU D 110 40.05 -26.83 -3.89
CA LEU D 110 39.86 -26.52 -2.47
C LEU D 110 40.21 -27.69 -1.56
N LYS D 111 40.96 -28.66 -2.07
CA LYS D 111 41.47 -29.73 -1.23
C LYS D 111 42.46 -29.18 -0.21
N PHE D 112 42.42 -29.71 1.02
CA PHE D 112 43.34 -29.27 2.05
C PHE D 112 43.64 -30.43 2.98
N LYS D 113 44.77 -30.32 3.67
CA LYS D 113 45.19 -31.25 4.70
C LYS D 113 45.47 -30.47 5.97
N GLY D 114 44.87 -30.90 7.08
CA GLY D 114 45.04 -30.20 8.33
C GLY D 114 44.53 -30.98 9.52
N PRO D 115 44.63 -30.38 10.71
CA PRO D 115 44.15 -31.06 11.93
C PRO D 115 42.65 -31.33 11.92
N MET D 116 41.88 -30.61 11.11
CA MET D 116 40.44 -30.82 11.01
C MET D 116 40.09 -31.26 9.59
N THR D 117 38.94 -31.94 9.48
CA THR D 117 38.47 -32.44 8.20
C THR D 117 37.45 -31.53 7.54
N VAL D 118 36.78 -30.68 8.31
CA VAL D 118 35.77 -29.76 7.80
C VAL D 118 36.10 -28.37 8.29
N LEU D 119 36.09 -27.40 7.38
CA LEU D 119 36.32 -25.99 7.72
C LEU D 119 34.98 -25.26 7.68
N ARG D 120 34.57 -24.74 8.83
CA ARG D 120 33.34 -23.96 8.95
C ARG D 120 33.74 -22.48 8.98
N LEU D 121 33.72 -21.85 7.82
CA LEU D 121 34.27 -20.52 7.63
C LEU D 121 33.17 -19.46 7.64
N ASN D 122 33.60 -18.20 7.76
CA ASN D 122 32.67 -17.09 7.67
C ASN D 122 32.08 -16.99 6.27
N ASN D 123 30.86 -16.46 6.20
CA ASN D 123 30.14 -16.42 4.94
C ASN D 123 30.77 -15.47 3.92
N LEU D 124 31.71 -14.62 4.35
CA LEU D 124 32.44 -13.78 3.41
C LEU D 124 33.39 -14.58 2.54
N MET D 125 33.70 -15.81 2.95
CA MET D 125 34.53 -16.70 2.14
C MET D 125 33.81 -17.15 0.86
N ALA D 126 32.48 -17.09 0.85
CA ALA D 126 31.74 -17.52 -0.33
C ALA D 126 31.97 -16.60 -1.52
N SER D 127 32.25 -15.33 -1.27
CA SER D 127 32.50 -14.39 -2.35
C SER D 127 33.90 -14.52 -2.93
N LYS D 128 34.79 -15.25 -2.24
CA LYS D 128 36.16 -15.46 -2.69
C LYS D 128 36.32 -16.71 -3.54
N ILE D 129 35.26 -17.50 -3.74
CA ILE D 129 35.33 -18.74 -4.49
C ILE D 129 34.19 -18.77 -5.50
N TRP D 130 34.30 -19.70 -6.43
CA TRP D 130 33.24 -19.88 -7.42
C TRP D 130 32.01 -20.48 -6.77
N THR D 131 30.85 -19.92 -7.07
CA THR D 131 29.58 -20.48 -6.65
C THR D 131 28.65 -20.57 -7.84
N PRO D 132 27.70 -21.51 -7.82
CA PRO D 132 26.75 -21.60 -8.93
C PRO D 132 25.89 -20.35 -9.01
N ASP D 133 25.54 -19.98 -10.22
CA ASP D 133 24.69 -18.81 -10.46
C ASP D 133 23.23 -19.24 -10.56
N THR D 134 22.79 -19.90 -9.49
CA THR D 134 21.43 -20.43 -9.46
C THR D 134 20.44 -19.30 -9.28
N PHE D 135 19.38 -19.32 -10.08
CA PHE D 135 18.30 -18.37 -9.98
C PHE D 135 16.98 -19.14 -10.06
N PHE D 136 15.92 -18.49 -9.62
CA PHE D 136 14.59 -19.09 -9.62
C PHE D 136 13.83 -18.58 -10.83
N HIS D 137 13.41 -19.50 -11.71
CA HIS D 137 12.83 -19.11 -12.99
C HIS D 137 11.53 -18.33 -12.80
N ASN D 138 10.69 -18.77 -11.89
CA ASN D 138 9.42 -18.10 -11.63
C ASN D 138 9.50 -17.14 -10.45
N GLY D 139 10.68 -16.89 -9.91
CA GLY D 139 10.80 -15.94 -8.82
C GLY D 139 10.55 -14.51 -9.28
N LYS D 140 9.83 -13.76 -8.45
CA LYS D 140 9.48 -12.37 -8.74
C LYS D 140 10.38 -11.38 -8.01
N LYS D 141 10.54 -11.53 -6.70
CA LYS D 141 11.40 -10.64 -5.91
C LYS D 141 11.84 -11.43 -4.68
N SER D 142 13.07 -11.92 -4.71
CA SER D 142 13.59 -12.74 -3.62
C SER D 142 14.61 -11.94 -2.80
N VAL D 143 14.66 -12.24 -1.51
CA VAL D 143 15.53 -11.54 -0.58
C VAL D 143 16.45 -12.55 0.07
N ALA D 144 17.76 -12.30 0.00
CA ALA D 144 18.72 -13.05 0.79
C ALA D 144 18.98 -12.26 2.08
N HIS D 145 18.55 -12.82 3.21
CA HIS D 145 18.59 -12.05 4.44
C HIS D 145 20.02 -11.81 4.91
N ASN D 146 20.27 -10.62 5.46
CA ASN D 146 21.64 -10.24 5.82
C ASN D 146 21.71 -9.66 7.23
N MET D 147 20.73 -9.94 8.08
CA MET D 147 20.67 -9.45 9.45
C MET D 147 20.85 -10.64 10.39
N THR D 148 21.82 -10.54 11.30
CA THR D 148 22.71 -9.38 11.38
C THR D 148 23.94 -9.51 10.50
N MET D 149 24.14 -10.68 9.93
CA MET D 149 25.21 -10.94 8.98
C MET D 149 24.60 -11.64 7.78
N PRO D 150 25.36 -11.81 6.68
CA PRO D 150 24.84 -12.61 5.57
C PRO D 150 24.39 -13.99 6.00
N ASN D 151 23.12 -14.31 5.76
CA ASN D 151 22.55 -15.58 6.20
C ASN D 151 23.04 -16.70 5.29
N LYS D 152 24.35 -16.95 5.36
CA LYS D 152 25.01 -17.94 4.52
C LYS D 152 26.02 -18.71 5.36
N LEU D 153 26.23 -19.97 4.98
CA LEU D 153 27.27 -20.79 5.59
C LEU D 153 28.06 -21.47 4.50
N LEU D 154 29.35 -21.67 4.75
CA LEU D 154 30.23 -22.34 3.81
C LEU D 154 31.07 -23.35 4.57
N ARG D 155 31.07 -24.60 4.10
CA ARG D 155 31.84 -25.67 4.71
C ARG D 155 32.65 -26.38 3.63
N ILE D 156 33.93 -26.57 3.90
CA ILE D 156 34.84 -27.23 2.95
C ILE D 156 35.35 -28.50 3.60
N THR D 157 35.13 -29.63 2.94
CA THR D 157 35.68 -30.90 3.38
C THR D 157 37.07 -31.10 2.76
N GLU D 158 37.86 -31.98 3.40
CA GLU D 158 39.25 -32.15 2.99
C GLU D 158 39.36 -32.68 1.57
N ASP D 159 38.34 -33.38 1.06
CA ASP D 159 38.37 -33.92 -0.29
C ASP D 159 37.94 -32.91 -1.34
N GLY D 160 37.56 -31.70 -0.94
CA GLY D 160 37.12 -30.68 -1.86
C GLY D 160 35.62 -30.52 -2.01
N THR D 161 34.82 -31.21 -1.20
CA THR D 161 33.37 -31.06 -1.26
C THR D 161 32.95 -29.81 -0.51
N LEU D 162 32.00 -29.07 -1.09
CA LEU D 162 31.50 -27.84 -0.48
C LEU D 162 30.03 -27.97 -0.16
N LEU D 163 29.65 -27.52 1.03
CA LEU D 163 28.26 -27.34 1.40
C LEU D 163 28.02 -25.84 1.51
N TYR D 164 27.09 -25.34 0.72
CA TYR D 164 26.84 -23.91 0.62
C TYR D 164 25.34 -23.68 0.80
N THR D 165 24.97 -23.09 1.93
CA THR D 165 23.58 -22.88 2.30
C THR D 165 23.33 -21.40 2.51
N MET D 166 22.13 -20.96 2.14
CA MET D 166 21.71 -19.58 2.35
C MET D 166 20.23 -19.55 2.68
N ARG D 167 19.84 -18.56 3.47
CA ARG D 167 18.46 -18.37 3.89
C ARG D 167 17.82 -17.34 2.98
N LEU D 168 16.73 -17.75 2.33
CA LEU D 168 16.10 -16.96 1.29
C LEU D 168 14.60 -16.82 1.55
N THR D 169 14.06 -15.69 1.13
CA THR D 169 12.62 -15.49 1.05
C THR D 169 12.31 -15.27 -0.42
N VAL D 170 11.57 -16.19 -1.01
CA VAL D 170 11.36 -16.23 -2.45
C VAL D 170 9.88 -16.00 -2.74
N ARG D 171 9.59 -15.00 -3.56
CA ARG D 171 8.25 -14.79 -4.10
C ARG D 171 8.24 -15.34 -5.51
N ALA D 172 7.70 -16.53 -5.67
CA ALA D 172 7.70 -17.22 -6.95
C ALA D 172 6.34 -17.08 -7.63
N GLU D 173 6.35 -17.12 -8.96
CA GLU D 173 5.12 -17.08 -9.71
C GLU D 173 4.37 -18.40 -9.59
N CYS D 174 3.05 -18.32 -9.53
CA CYS D 174 2.19 -19.50 -9.53
C CYS D 174 0.97 -19.18 -10.38
N PRO D 175 0.97 -19.57 -11.66
CA PRO D 175 -0.22 -19.34 -12.48
C PRO D 175 -1.39 -20.15 -11.95
N MET D 176 -2.52 -19.47 -11.74
CA MET D 176 -3.68 -20.06 -11.12
C MET D 176 -4.87 -20.02 -12.08
N HIS D 177 -5.49 -21.16 -12.29
CA HIS D 177 -6.74 -21.24 -13.03
C HIS D 177 -7.86 -21.23 -12.00
N LEU D 178 -8.60 -20.12 -11.95
CA LEU D 178 -9.59 -19.90 -10.89
C LEU D 178 -11.01 -20.15 -11.37
N GLU D 179 -11.18 -21.08 -12.31
CA GLU D 179 -12.51 -21.42 -12.78
C GLU D 179 -13.33 -22.14 -11.73
N ASP D 180 -12.67 -22.77 -10.75
CA ASP D 180 -13.36 -23.50 -9.68
C ASP D 180 -13.25 -22.79 -8.33
N PHE D 181 -12.90 -21.50 -8.33
CA PHE D 181 -12.79 -20.79 -7.06
C PHE D 181 -14.13 -20.76 -6.35
N PRO D 182 -14.16 -20.97 -5.02
CA PRO D 182 -13.05 -21.23 -4.11
C PRO D 182 -12.76 -22.72 -3.92
N MET D 183 -13.43 -23.60 -4.67
CA MET D 183 -13.18 -25.03 -4.58
C MET D 183 -12.12 -25.47 -5.59
N ASP D 184 -10.97 -24.82 -5.51
CA ASP D 184 -9.92 -25.01 -6.52
C ASP D 184 -8.64 -25.51 -5.85
N ALA D 185 -7.85 -26.23 -6.64
CA ALA D 185 -6.56 -26.73 -6.20
C ALA D 185 -5.50 -26.26 -7.19
N HIS D 186 -4.30 -26.03 -6.67
CA HIS D 186 -3.21 -25.50 -7.48
C HIS D 186 -1.94 -26.29 -7.23
N ALA D 187 -1.05 -26.23 -8.22
CA ALA D 187 0.28 -26.81 -8.11
C ALA D 187 1.24 -25.66 -8.36
N CYS D 188 1.78 -25.08 -7.29
CA CYS D 188 2.66 -23.94 -7.43
C CYS D 188 4.09 -24.42 -7.60
N PRO D 189 4.73 -24.14 -8.74
CA PRO D 189 6.07 -24.66 -8.98
C PRO D 189 7.15 -23.78 -8.37
N LEU D 190 8.34 -24.37 -8.28
CA LEU D 190 9.53 -23.65 -7.86
C LEU D 190 10.66 -24.24 -8.70
N LYS D 191 11.02 -23.53 -9.76
CA LYS D 191 12.01 -23.97 -10.72
C LYS D 191 13.28 -23.17 -10.54
N PHE D 192 14.42 -23.84 -10.53
CA PHE D 192 15.70 -23.16 -10.41
C PHE D 192 16.74 -23.87 -11.27
N GLY D 193 17.77 -23.11 -11.62
CA GLY D 193 18.85 -23.65 -12.42
C GLY D 193 19.89 -22.58 -12.65
N SER D 194 20.87 -22.92 -13.48
CA SER D 194 21.94 -21.97 -13.79
C SER D 194 21.43 -20.94 -14.79
N TYR D 195 21.75 -19.67 -14.53
CA TYR D 195 21.32 -18.61 -15.43
C TYR D 195 22.17 -18.56 -16.69
N ALA D 196 23.47 -18.79 -16.56
CA ALA D 196 24.40 -18.59 -17.66
C ALA D 196 25.06 -19.87 -18.17
N TYR D 197 25.16 -20.91 -17.33
CA TYR D 197 25.87 -22.12 -17.70
C TYR D 197 24.87 -23.14 -18.25
N THR D 198 25.12 -23.60 -19.48
CA THR D 198 24.27 -24.60 -20.10
C THR D 198 24.49 -25.97 -19.46
N ARG D 199 23.69 -26.94 -19.90
CA ARG D 199 23.78 -28.29 -19.34
C ARG D 199 25.09 -29.00 -19.70
N ALA D 200 25.84 -28.48 -20.69
CA ALA D 200 27.14 -29.04 -20.99
C ALA D 200 28.22 -28.56 -20.04
N GLU D 201 27.90 -27.62 -19.16
CA GLU D 201 28.86 -27.06 -18.22
C GLU D 201 28.45 -27.24 -16.76
N VAL D 202 27.17 -27.07 -16.44
CA VAL D 202 26.67 -27.25 -15.09
C VAL D 202 25.39 -28.06 -15.15
N VAL D 203 25.34 -29.15 -14.39
CA VAL D 203 24.13 -29.94 -14.24
C VAL D 203 23.76 -29.98 -12.76
N TYR D 204 22.46 -30.09 -12.49
CA TYR D 204 21.96 -30.12 -11.12
C TYR D 204 21.33 -31.48 -10.82
N GLU D 205 21.64 -32.02 -9.65
CA GLU D 205 21.03 -33.24 -9.14
C GLU D 205 20.54 -32.99 -7.72
N TRP D 206 19.57 -33.79 -7.30
CA TRP D 206 19.13 -33.76 -5.91
C TRP D 206 20.07 -34.59 -5.03
N THR D 207 20.32 -34.09 -3.81
CA THR D 207 21.30 -34.73 -2.93
C THR D 207 20.93 -36.17 -2.62
N ARG D 208 19.65 -36.41 -2.32
CA ARG D 208 19.16 -37.76 -2.06
C ARG D 208 17.98 -38.06 -2.98
N GLU D 209 17.25 -39.13 -2.68
CA GLU D 209 16.03 -39.44 -3.41
C GLU D 209 15.18 -38.18 -3.57
N PRO D 210 14.60 -37.95 -4.75
CA PRO D 210 13.89 -36.67 -4.99
C PRO D 210 12.78 -36.38 -3.99
N ALA D 211 12.07 -37.41 -3.53
CA ALA D 211 11.03 -37.18 -2.53
C ALA D 211 11.61 -36.64 -1.24
N ARG D 212 12.76 -37.15 -0.82
CA ARG D 212 13.39 -36.77 0.43
C ARG D 212 14.34 -35.59 0.29
N SER D 213 14.54 -35.07 -0.92
CA SER D 213 15.43 -33.93 -1.12
C SER D 213 14.77 -32.60 -0.81
N VAL D 214 13.45 -32.54 -0.69
CA VAL D 214 12.74 -31.34 -0.28
C VAL D 214 12.04 -31.66 1.03
N VAL D 215 12.39 -30.93 2.08
CA VAL D 215 11.87 -31.17 3.42
C VAL D 215 11.16 -29.92 3.91
N VAL D 216 9.95 -30.08 4.42
CA VAL D 216 9.16 -28.99 4.97
C VAL D 216 9.19 -29.10 6.49
N ALA D 217 9.44 -27.97 7.16
CA ALA D 217 9.46 -27.96 8.62
C ALA D 217 8.11 -28.37 9.18
N GLU D 218 8.14 -29.11 10.30
CA GLU D 218 6.91 -29.67 10.85
C GLU D 218 5.93 -28.59 11.27
N ASP D 219 6.43 -27.53 11.91
CA ASP D 219 5.59 -26.42 12.35
C ASP D 219 5.82 -25.16 11.53
N GLY D 220 6.52 -25.28 10.40
CA GLY D 220 6.78 -24.13 9.55
C GLY D 220 5.75 -23.93 8.45
N SER D 221 4.51 -23.66 8.81
CA SER D 221 3.46 -23.39 7.84
C SER D 221 2.88 -22.02 8.11
N ARG D 222 2.80 -21.19 7.06
CA ARG D 222 2.21 -19.85 7.16
C ARG D 222 1.01 -19.72 6.22
N LEU D 223 0.31 -20.81 5.96
CA LEU D 223 -0.85 -20.79 5.07
C LEU D 223 -2.11 -20.58 5.89
N ASN D 224 -2.87 -19.56 5.53
CA ASN D 224 -4.11 -19.25 6.23
C ASN D 224 -5.34 -19.91 5.59
N GLN D 225 -5.39 -19.99 4.26
CA GLN D 225 -6.53 -20.55 3.55
C GLN D 225 -6.16 -21.66 2.59
N TYR D 226 -5.00 -22.28 2.76
CA TYR D 226 -4.57 -23.37 1.91
C TYR D 226 -4.07 -24.51 2.78
N ASP D 227 -4.16 -25.72 2.22
CA ASP D 227 -3.59 -26.90 2.85
C ASP D 227 -2.49 -27.42 1.94
N LEU D 228 -1.33 -27.70 2.51
CA LEU D 228 -0.22 -28.24 1.73
C LEU D 228 -0.36 -29.76 1.72
N LEU D 229 -0.93 -30.28 0.63
CA LEU D 229 -1.17 -31.71 0.54
C LEU D 229 0.11 -32.49 0.33
N GLY D 230 1.15 -31.85 -0.17
CA GLY D 230 2.40 -32.51 -0.45
C GLY D 230 3.09 -31.85 -1.63
N GLN D 231 4.23 -32.41 -1.99
CA GLN D 231 5.01 -31.88 -3.09
C GLN D 231 5.55 -33.01 -3.94
N THR D 232 5.66 -32.75 -5.24
CA THR D 232 6.31 -33.66 -6.18
C THR D 232 7.56 -33.00 -6.73
N VAL D 233 8.60 -33.81 -6.95
CA VAL D 233 9.92 -33.31 -7.30
C VAL D 233 10.36 -33.97 -8.60
N ASP D 234 10.86 -33.17 -9.53
CA ASP D 234 11.25 -33.68 -10.84
C ASP D 234 12.37 -32.81 -11.39
N SER D 235 13.11 -33.36 -12.35
CA SER D 235 14.15 -32.63 -13.06
C SER D 235 14.00 -32.86 -14.56
N GLY D 236 14.43 -31.87 -15.34
CA GLY D 236 14.29 -31.95 -16.77
C GLY D 236 15.23 -30.99 -17.47
N ILE D 237 15.01 -30.85 -18.78
CA ILE D 237 15.82 -29.97 -19.63
C ILE D 237 14.91 -28.95 -20.28
N VAL D 238 15.32 -27.68 -20.24
CA VAL D 238 14.59 -26.58 -20.88
C VAL D 238 15.51 -25.95 -21.91
N GLN D 239 15.01 -25.81 -23.14
CA GLN D 239 15.76 -25.17 -24.21
C GLN D 239 15.31 -23.73 -24.36
N SER D 240 16.28 -22.81 -24.42
CA SER D 240 15.98 -21.39 -24.56
C SER D 240 16.72 -20.82 -25.75
N SER D 241 16.71 -19.49 -25.91
CA SER D 241 17.40 -18.87 -27.03
C SER D 241 18.91 -18.87 -26.87
N THR D 242 19.44 -19.20 -25.69
CA THR D 242 20.86 -19.20 -25.46
C THR D 242 21.46 -20.58 -25.27
N GLY D 243 20.64 -21.62 -25.21
CA GLY D 243 21.14 -22.98 -25.11
C GLY D 243 20.18 -23.82 -24.28
N GLU D 244 20.65 -25.01 -23.93
CA GLU D 244 19.90 -25.96 -23.11
C GLU D 244 20.37 -25.88 -21.67
N TYR D 245 19.43 -25.80 -20.73
CA TYR D 245 19.75 -25.66 -19.32
C TYR D 245 19.04 -26.74 -18.52
N VAL D 246 19.71 -27.19 -17.45
CA VAL D 246 19.08 -28.13 -16.52
C VAL D 246 18.16 -27.36 -15.59
N VAL D 247 16.93 -27.83 -15.47
CA VAL D 247 15.94 -27.21 -14.59
C VAL D 247 15.51 -28.21 -13.54
N MET D 248 15.47 -27.76 -12.29
CA MET D 248 15.03 -28.57 -11.17
C MET D 248 13.68 -28.02 -10.72
N THR D 249 12.67 -28.87 -10.71
CA THR D 249 11.30 -28.42 -10.51
C THR D 249 10.73 -29.04 -9.24
N THR D 250 10.13 -28.21 -8.41
CA THR D 250 9.39 -28.65 -7.24
C THR D 250 7.99 -28.06 -7.34
N HIS D 251 6.99 -28.93 -7.28
CA HIS D 251 5.60 -28.52 -7.36
C HIS D 251 4.97 -28.70 -5.99
N PHE D 252 4.40 -27.64 -5.45
CA PHE D 252 3.67 -27.71 -4.19
C PHE D 252 2.19 -27.73 -4.52
N HIS D 253 1.50 -28.76 -4.03
CA HIS D 253 0.08 -28.93 -4.32
C HIS D 253 -0.72 -28.32 -3.18
N LEU D 254 -1.54 -27.33 -3.51
CA LEU D 254 -2.34 -26.63 -2.52
C LEU D 254 -3.82 -26.91 -2.77
N LYS D 255 -4.58 -26.96 -1.69
CA LYS D 255 -6.03 -27.09 -1.77
C LYS D 255 -6.65 -26.02 -0.88
N ARG D 256 -7.42 -25.12 -1.49
CA ARG D 256 -7.98 -24.03 -0.73
C ARG D 256 -9.04 -24.55 0.23
N LYS D 257 -9.09 -23.97 1.42
CA LYS D 257 -10.13 -24.34 2.39
C LYS D 257 -11.34 -23.45 2.21
N ILE D 258 -12.51 -24.09 2.03
CA ILE D 258 -13.74 -23.38 1.71
C ILE D 258 -14.49 -22.92 2.95
N GLY D 259 -13.98 -23.22 4.15
CA GLY D 259 -14.72 -22.91 5.35
C GLY D 259 -15.01 -21.43 5.52
N TYR D 260 -14.06 -20.58 5.13
CA TYR D 260 -14.27 -19.14 5.26
C TYR D 260 -15.40 -18.67 4.35
N PHE D 261 -15.40 -19.13 3.09
CA PHE D 261 -16.37 -18.64 2.12
C PHE D 261 -17.75 -19.26 2.28
N VAL D 262 -17.85 -20.41 2.95
CA VAL D 262 -19.17 -20.96 3.27
C VAL D 262 -19.90 -20.05 4.26
N ILE D 263 -19.24 -19.63 5.34
CA ILE D 263 -19.89 -18.75 6.29
C ILE D 263 -20.06 -17.34 5.71
N GLN D 264 -19.03 -16.83 5.03
CA GLN D 264 -19.07 -15.42 4.61
C GLN D 264 -19.98 -15.19 3.42
N THR D 265 -19.95 -16.07 2.42
CA THR D 265 -20.65 -15.79 1.17
C THR D 265 -21.75 -16.80 0.87
N TYR D 266 -21.44 -18.10 0.88
CA TYR D 266 -22.43 -19.07 0.40
C TYR D 266 -23.66 -19.12 1.31
N LEU D 267 -23.45 -19.19 2.62
CA LEU D 267 -24.59 -19.24 3.53
C LEU D 267 -25.44 -17.98 3.48
N PRO D 268 -24.88 -16.76 3.55
CA PRO D 268 -25.73 -15.58 3.37
C PRO D 268 -26.44 -15.54 2.02
N CYS D 269 -25.78 -16.03 0.96
CA CYS D 269 -26.43 -16.08 -0.33
C CYS D 269 -27.54 -17.12 -0.35
N ILE D 270 -27.32 -18.28 0.28
CA ILE D 270 -28.34 -19.30 0.25
C ILE D 270 -29.52 -18.89 1.12
N MET D 271 -29.24 -18.34 2.31
CA MET D 271 -30.34 -17.89 3.16
C MET D 271 -31.08 -16.71 2.56
N THR D 272 -30.38 -15.82 1.84
CA THR D 272 -31.07 -14.73 1.17
C THR D 272 -31.99 -15.26 0.07
N VAL D 273 -31.54 -16.26 -0.68
CA VAL D 273 -32.39 -16.84 -1.72
C VAL D 273 -33.56 -17.57 -1.08
N ILE D 274 -33.32 -18.30 0.00
CA ILE D 274 -34.41 -18.94 0.72
C ILE D 274 -35.32 -17.87 1.29
N LEU D 275 -34.74 -16.77 1.77
CA LEU D 275 -35.56 -15.68 2.30
C LEU D 275 -36.42 -15.07 1.20
N SER D 276 -35.87 -14.91 0.00
CA SER D 276 -36.64 -14.31 -1.07
C SER D 276 -37.80 -15.20 -1.49
N GLN D 277 -37.70 -16.50 -1.21
CA GLN D 277 -38.77 -17.43 -1.54
C GLN D 277 -39.78 -17.53 -0.41
N VAL D 278 -39.49 -16.91 0.73
CA VAL D 278 -40.46 -16.79 1.81
C VAL D 278 -41.59 -15.88 1.38
N SER D 279 -41.32 -14.93 0.47
CA SER D 279 -42.34 -14.02 -0.02
C SER D 279 -43.48 -14.76 -0.69
N PHE D 280 -43.24 -15.98 -1.14
CA PHE D 280 -44.26 -16.77 -1.80
C PHE D 280 -45.32 -17.24 -0.82
N TRP D 281 -45.04 -17.18 0.47
CA TRP D 281 -45.97 -17.65 1.49
C TRP D 281 -46.77 -16.51 2.10
N LEU D 282 -46.55 -15.27 1.64
CA LEU D 282 -47.36 -14.13 2.02
C LEU D 282 -48.56 -14.03 1.11
N ASN D 283 -49.66 -13.46 1.63
CA ASN D 283 -50.83 -13.34 0.79
C ASN D 283 -50.64 -12.32 -0.32
N ARG D 284 -51.33 -12.55 -1.43
CA ARG D 284 -51.19 -11.70 -2.61
C ARG D 284 -51.79 -10.31 -2.42
N GLU D 285 -52.59 -10.09 -1.38
CA GLU D 285 -53.15 -8.77 -1.12
C GLU D 285 -52.16 -7.79 -0.54
N SER D 286 -51.16 -8.26 0.20
CA SER D 286 -50.19 -7.37 0.86
C SER D 286 -49.13 -7.01 -0.17
N VAL D 287 -49.53 -6.19 -1.13
CA VAL D 287 -48.65 -5.75 -2.20
C VAL D 287 -47.50 -4.88 -1.67
N PRO D 288 -47.73 -3.86 -0.85
CA PRO D 288 -46.57 -3.08 -0.38
C PRO D 288 -45.59 -3.91 0.44
N ALA D 289 -46.09 -4.86 1.23
CA ALA D 289 -45.21 -5.70 2.03
C ALA D 289 -44.32 -6.59 1.16
N ARG D 290 -44.91 -7.21 0.14
CA ARG D 290 -44.14 -8.10 -0.72
C ARG D 290 -43.24 -7.33 -1.68
N THR D 291 -43.64 -6.11 -2.08
CA THR D 291 -42.74 -5.32 -2.90
C THR D 291 -41.50 -4.90 -2.12
N VAL D 292 -41.67 -4.58 -0.84
CA VAL D 292 -40.52 -4.27 0.00
C VAL D 292 -39.65 -5.50 0.19
N PHE D 293 -40.29 -6.67 0.36
CA PHE D 293 -39.54 -7.92 0.47
C PHE D 293 -38.73 -8.22 -0.77
N GLY D 294 -39.33 -8.09 -1.96
CA GLY D 294 -38.60 -8.40 -3.17
C GLY D 294 -37.49 -7.40 -3.47
N VAL D 295 -37.78 -6.11 -3.28
CA VAL D 295 -36.80 -5.07 -3.63
C VAL D 295 -35.62 -5.10 -2.67
N THR D 296 -35.89 -5.23 -1.36
CA THR D 296 -34.83 -5.13 -0.36
C THR D 296 -33.91 -6.35 -0.41
N THR D 297 -34.42 -7.51 -0.81
CA THR D 297 -33.57 -8.68 -0.91
C THR D 297 -32.67 -8.59 -2.13
N VAL D 298 -33.15 -7.96 -3.21
CA VAL D 298 -32.28 -7.72 -4.35
C VAL D 298 -31.18 -6.75 -3.97
N LEU D 299 -31.51 -5.77 -3.12
CA LEU D 299 -30.47 -4.90 -2.56
C LEU D 299 -29.55 -5.68 -1.62
N THR D 300 -30.10 -6.59 -0.81
CA THR D 300 -29.26 -7.41 0.04
C THR D 300 -28.35 -8.31 -0.79
N MET D 301 -28.88 -8.91 -1.85
CA MET D 301 -28.06 -9.72 -2.74
C MET D 301 -27.00 -8.87 -3.42
N THR D 302 -27.37 -7.66 -3.81
CA THR D 302 -26.41 -6.76 -4.43
C THR D 302 -25.29 -6.42 -3.45
N THR D 303 -25.63 -6.18 -2.19
CA THR D 303 -24.59 -5.88 -1.22
C THR D 303 -23.67 -7.09 -1.03
N LEU D 304 -24.24 -8.29 -0.91
CA LEU D 304 -23.41 -9.47 -0.76
C LEU D 304 -22.64 -9.76 -2.04
N SER D 305 -23.24 -9.49 -3.20
CA SER D 305 -22.55 -9.66 -4.47
C SER D 305 -21.36 -8.72 -4.58
N ILE D 306 -21.55 -7.46 -4.19
CA ILE D 306 -20.50 -6.45 -4.33
C ILE D 306 -19.29 -6.82 -3.50
N SER D 307 -19.52 -7.19 -2.24
CA SER D 307 -18.39 -7.48 -1.36
C SER D 307 -17.75 -8.84 -1.63
N ALA D 308 -18.42 -9.73 -2.36
CA ALA D 308 -17.83 -11.03 -2.61
C ALA D 308 -16.69 -10.94 -3.61
N ARG D 309 -16.71 -9.93 -4.48
CA ARG D 309 -15.67 -9.78 -5.49
C ARG D 309 -14.46 -9.04 -4.95
N ASN D 310 -14.51 -8.60 -3.69
CA ASN D 310 -13.36 -7.93 -3.07
C ASN D 310 -12.17 -8.86 -2.89
N SER D 311 -12.42 -10.16 -2.68
CA SER D 311 -11.35 -11.14 -2.50
C SER D 311 -10.97 -11.87 -3.78
N LEU D 312 -11.16 -11.27 -4.95
CA LEU D 312 -10.71 -11.95 -6.16
C LEU D 312 -10.01 -11.01 -7.12
N PRO D 313 -9.04 -11.52 -7.87
CA PRO D 313 -8.43 -10.72 -8.94
C PRO D 313 -9.45 -10.49 -10.05
N LYS D 314 -9.28 -9.39 -10.78
CA LYS D 314 -10.23 -9.07 -11.85
C LYS D 314 -9.98 -9.99 -13.05
N VAL D 315 -10.26 -11.27 -12.83
CA VAL D 315 -10.08 -12.27 -13.89
C VAL D 315 -11.19 -12.11 -14.93
N ALA D 316 -10.85 -12.38 -16.19
CA ALA D 316 -11.84 -12.18 -17.24
C ALA D 316 -12.88 -13.29 -17.29
N TYR D 317 -12.58 -14.45 -16.72
CA TYR D 317 -13.48 -15.58 -16.73
C TYR D 317 -14.33 -15.57 -15.46
N ALA D 318 -15.31 -16.46 -15.43
CA ALA D 318 -16.20 -16.56 -14.28
C ALA D 318 -15.76 -17.70 -13.40
N THR D 319 -15.62 -17.44 -12.10
CA THR D 319 -15.23 -18.45 -11.14
C THR D 319 -16.45 -19.29 -10.76
N ALA D 320 -16.21 -20.33 -9.97
CA ALA D 320 -17.34 -21.13 -9.51
C ALA D 320 -18.23 -20.34 -8.58
N MET D 321 -17.66 -19.39 -7.84
CA MET D 321 -18.46 -18.55 -6.96
C MET D 321 -19.24 -17.50 -7.73
N ASP D 322 -18.74 -17.07 -8.90
CA ASP D 322 -19.50 -16.12 -9.70
C ASP D 322 -20.74 -16.75 -10.31
N TRP D 323 -20.65 -18.03 -10.70
CA TRP D 323 -21.83 -18.70 -11.20
C TRP D 323 -22.89 -18.85 -10.10
N PHE D 324 -22.45 -19.17 -8.89
CA PHE D 324 -23.38 -19.33 -7.78
C PHE D 324 -24.08 -18.01 -7.46
N ILE D 325 -23.33 -16.91 -7.46
CA ILE D 325 -23.93 -15.61 -7.16
C ILE D 325 -24.84 -15.18 -8.29
N ALA D 326 -24.46 -15.46 -9.54
CA ALA D 326 -25.31 -15.11 -10.67
C ALA D 326 -26.63 -15.85 -10.63
N VAL D 327 -26.59 -17.13 -10.27
CA VAL D 327 -27.83 -17.89 -10.14
C VAL D 327 -28.62 -17.43 -8.92
N CYS D 328 -27.93 -17.11 -7.82
CA CYS D 328 -28.63 -16.57 -6.66
C CYS D 328 -29.27 -15.22 -6.98
N TYR D 329 -28.58 -14.39 -7.75
CA TYR D 329 -29.18 -13.13 -8.19
C TYR D 329 -30.39 -13.38 -9.07
N ALA D 330 -30.31 -14.39 -9.94
CA ALA D 330 -31.42 -14.72 -10.82
C ALA D 330 -32.66 -15.14 -10.04
N PHE D 331 -32.48 -15.97 -9.01
CA PHE D 331 -33.63 -16.39 -8.20
C PHE D 331 -34.29 -15.23 -7.47
N VAL D 332 -33.51 -14.33 -6.88
CA VAL D 332 -34.11 -13.19 -6.16
C VAL D 332 -34.84 -12.29 -7.14
N PHE D 333 -34.23 -12.02 -8.30
CA PHE D 333 -34.90 -11.19 -9.30
C PHE D 333 -36.14 -11.89 -9.84
N SER D 334 -36.06 -13.21 -10.06
CA SER D 334 -37.21 -13.95 -10.57
C SER D 334 -38.34 -14.00 -9.56
N ALA D 335 -38.02 -13.92 -8.26
CA ALA D 335 -39.05 -13.91 -7.23
C ALA D 335 -39.87 -12.63 -7.28
N LEU D 336 -39.23 -11.49 -7.58
CA LEU D 336 -39.98 -10.25 -7.70
C LEU D 336 -40.80 -10.21 -8.98
N ILE D 337 -40.28 -10.79 -10.06
CA ILE D 337 -41.06 -10.91 -11.30
C ILE D 337 -42.26 -11.82 -11.07
N GLU D 338 -42.10 -12.85 -10.24
CA GLU D 338 -43.22 -13.72 -9.90
C GLU D 338 -44.32 -12.95 -9.18
N PHE D 339 -43.94 -12.08 -8.24
CA PHE D 339 -44.91 -11.26 -7.54
C PHE D 339 -45.57 -10.25 -8.47
N ALA D 340 -44.78 -9.69 -9.40
CA ALA D 340 -45.32 -8.76 -10.38
C ALA D 340 -46.37 -9.39 -11.27
N THR D 341 -46.26 -10.68 -11.55
CA THR D 341 -47.30 -11.35 -12.33
C THR D 341 -48.54 -11.56 -11.47
N VAL D 342 -48.36 -11.96 -10.21
CA VAL D 342 -49.48 -12.16 -9.30
C VAL D 342 -50.19 -10.84 -9.05
N ASN D 343 -49.41 -9.77 -8.83
CA ASN D 343 -49.97 -8.45 -8.59
C ASN D 343 -50.73 -7.94 -9.81
N TYR D 344 -50.31 -8.33 -11.01
CA TYR D 344 -51.00 -7.90 -12.22
C TYR D 344 -52.41 -8.46 -12.29
N PHE D 345 -52.60 -9.71 -11.86
CA PHE D 345 -53.93 -10.30 -11.96
C PHE D 345 -54.75 -10.12 -10.69
N THR D 346 -54.21 -9.41 -9.68
CA THR D 346 -54.86 -9.32 -8.39
C THR D 346 -56.19 -8.61 -8.54
N LYS D 347 -57.28 -9.30 -8.20
CA LYS D 347 -58.61 -8.74 -8.45
C LYS D 347 -59.09 -7.82 -7.33
N ARG D 348 -58.72 -8.09 -6.09
CA ARG D 348 -59.20 -7.33 -4.94
C ARG D 348 -58.03 -6.86 -4.10
N GLY D 349 -58.09 -5.60 -3.67
CA GLY D 349 -57.04 -5.01 -2.88
C GLY D 349 -57.14 -5.25 -1.38
N TYR D 350 -58.23 -5.85 -0.92
CA TYR D 350 -58.44 -6.11 0.50
C TYR D 350 -58.18 -7.58 0.80
N ALA D 351 -57.52 -7.84 1.94
CA ALA D 351 -57.16 -9.19 2.31
C ALA D 351 -58.33 -9.89 3.01
N TRP D 352 -58.11 -11.14 3.39
CA TRP D 352 -59.15 -11.91 4.07
C TRP D 352 -59.38 -11.33 5.46
N ASP D 353 -60.66 -11.11 5.80
CA ASP D 353 -61.01 -10.41 7.02
C ASP D 353 -60.97 -11.29 8.27
N GLY D 354 -60.91 -12.61 8.11
CA GLY D 354 -60.89 -13.51 9.25
C GLY D 354 -62.24 -13.84 9.84
N LYS D 355 -63.34 -13.34 9.25
CA LYS D 355 -64.68 -13.59 9.77
C LYS D 355 -65.38 -14.72 9.01
N SER D 356 -65.47 -14.60 7.69
CA SER D 356 -66.13 -15.61 6.88
C SER D 356 -65.16 -16.70 6.44
N LYS D 419 -69.52 -10.56 -0.36
CA LYS D 419 -68.12 -10.23 -0.11
C LYS D 419 -67.22 -11.40 -0.49
N THR D 420 -66.39 -11.21 -1.51
CA THR D 420 -65.49 -12.23 -2.01
C THR D 420 -64.05 -11.83 -1.78
N PHE D 421 -63.18 -12.83 -1.67
CA PHE D 421 -61.77 -12.62 -1.42
C PHE D 421 -60.93 -13.25 -2.52
N ASN D 422 -59.70 -12.76 -2.67
CA ASN D 422 -58.80 -13.30 -3.67
C ASN D 422 -58.38 -14.71 -3.31
N SER D 423 -58.48 -15.63 -4.27
CA SER D 423 -57.98 -16.97 -4.06
C SER D 423 -56.45 -16.98 -4.08
N VAL D 424 -55.86 -17.96 -3.41
CA VAL D 424 -54.41 -18.09 -3.43
C VAL D 424 -53.95 -18.36 -4.86
N SER D 425 -52.99 -17.56 -5.32
CA SER D 425 -52.60 -17.60 -6.73
C SER D 425 -52.06 -18.98 -7.10
N LYS D 426 -52.54 -19.51 -8.23
CA LYS D 426 -51.95 -20.73 -8.77
C LYS D 426 -50.46 -20.55 -9.06
N ILE D 427 -50.08 -19.33 -9.45
CA ILE D 427 -48.66 -19.02 -9.64
C ILE D 427 -47.93 -19.11 -8.30
N ASP D 428 -48.51 -18.53 -7.25
CA ASP D 428 -47.89 -18.58 -5.93
C ASP D 428 -47.81 -20.01 -5.40
N ARG D 429 -48.86 -20.80 -5.63
CA ARG D 429 -48.85 -22.17 -5.13
C ARG D 429 -47.76 -23.00 -5.79
N LEU D 430 -47.59 -22.85 -7.10
CA LEU D 430 -46.53 -23.60 -7.79
C LEU D 430 -45.16 -23.03 -7.45
N SER D 431 -45.06 -21.71 -7.28
CA SER D 431 -43.76 -21.11 -6.99
C SER D 431 -43.22 -21.56 -5.64
N ARG D 432 -44.09 -21.97 -4.71
CA ARG D 432 -43.61 -22.48 -3.44
C ARG D 432 -42.91 -23.83 -3.58
N ILE D 433 -43.07 -24.50 -4.71
CA ILE D 433 -42.45 -25.80 -4.94
C ILE D 433 -41.33 -25.71 -5.97
N ALA D 434 -41.57 -24.98 -7.06
CA ALA D 434 -40.58 -24.94 -8.15
C ALA D 434 -39.32 -24.21 -7.70
N PHE D 435 -39.48 -23.04 -7.09
CA PHE D 435 -38.31 -22.26 -6.69
C PHE D 435 -37.44 -22.98 -5.66
N PRO D 436 -37.98 -23.52 -4.56
CA PRO D 436 -37.11 -24.30 -3.65
C PRO D 436 -36.52 -25.53 -4.32
N LEU D 437 -37.25 -26.18 -5.22
CA LEU D 437 -36.77 -27.41 -5.82
C LEU D 437 -35.67 -27.12 -6.84
N LEU D 438 -35.84 -26.10 -7.67
CA LEU D 438 -34.81 -25.79 -8.66
C LEU D 438 -33.52 -25.33 -7.97
N PHE D 439 -33.65 -24.55 -6.90
CA PHE D 439 -32.46 -24.13 -6.17
C PHE D 439 -31.81 -25.30 -5.46
N GLY D 440 -32.61 -26.25 -4.98
CA GLY D 440 -32.04 -27.47 -4.43
C GLY D 440 -31.37 -28.33 -5.49
N ILE D 441 -32.00 -28.43 -6.66
CA ILE D 441 -31.40 -29.19 -7.75
C ILE D 441 -30.10 -28.54 -8.22
N PHE D 442 -30.11 -27.20 -8.32
CA PHE D 442 -28.90 -26.50 -8.75
C PHE D 442 -27.76 -26.70 -7.76
N ASN D 443 -28.06 -26.62 -6.46
CA ASN D 443 -27.03 -26.86 -5.46
C ASN D 443 -26.50 -28.29 -5.53
N LEU D 444 -27.39 -29.27 -5.73
CA LEU D 444 -26.94 -30.65 -5.87
C LEU D 444 -26.02 -30.80 -7.07
N VAL D 445 -26.37 -30.19 -8.20
CA VAL D 445 -25.50 -30.25 -9.37
C VAL D 445 -24.25 -29.41 -9.15
N TYR D 446 -24.41 -28.23 -8.55
CA TYR D 446 -23.27 -27.32 -8.37
C TYR D 446 -22.22 -27.94 -7.45
N TRP D 447 -22.65 -28.45 -6.29
CA TRP D 447 -21.67 -28.96 -5.33
C TRP D 447 -21.09 -30.30 -5.77
N ALA D 448 -21.87 -31.13 -6.46
CA ALA D 448 -21.33 -32.37 -7.01
C ALA D 448 -20.32 -32.10 -8.11
N THR D 449 -20.54 -31.06 -8.91
CA THR D 449 -19.63 -30.73 -10.00
C THR D 449 -18.27 -30.27 -9.47
N TYR D 450 -18.25 -29.50 -8.39
CA TYR D 450 -17.01 -28.88 -7.95
C TYR D 450 -16.34 -29.60 -6.78
N LEU D 451 -17.09 -30.07 -5.80
CA LEU D 451 -16.50 -30.78 -4.68
C LEU D 451 -15.95 -32.13 -5.13
N ASN E 33 43.41 31.03 -5.80
CA ASN E 33 44.52 30.09 -5.76
C ASN E 33 44.09 28.77 -5.14
N MET E 34 43.47 27.90 -5.94
CA MET E 34 42.96 26.64 -5.43
C MET E 34 44.09 25.66 -5.11
N SER E 35 45.28 25.86 -5.67
CA SER E 35 46.40 24.96 -5.37
C SER E 35 46.77 25.05 -3.90
N PHE E 36 46.79 26.27 -3.34
CA PHE E 36 47.07 26.44 -1.93
C PHE E 36 45.99 25.81 -1.06
N VAL E 37 44.73 25.95 -1.47
CA VAL E 37 43.63 25.34 -0.72
C VAL E 37 43.73 23.82 -0.76
N LYS E 38 44.15 23.26 -1.90
CA LYS E 38 44.31 21.81 -1.99
C LYS E 38 45.38 21.33 -1.02
N GLU E 39 46.48 22.07 -0.90
CA GLU E 39 47.51 21.74 0.07
C GLU E 39 46.98 21.86 1.50
N THR E 40 46.18 22.89 1.76
CA THR E 40 45.63 23.11 3.10
C THR E 40 44.70 21.98 3.52
N VAL E 41 43.82 21.55 2.63
CA VAL E 41 42.88 20.48 2.98
C VAL E 41 43.63 19.17 3.20
N ASP E 42 44.61 18.87 2.34
CA ASP E 42 45.37 17.64 2.51
C ASP E 42 46.18 17.67 3.80
N LYS E 43 46.68 18.85 4.19
CA LYS E 43 47.42 18.96 5.44
C LYS E 43 46.53 18.70 6.64
N LEU E 44 45.27 19.16 6.58
CA LEU E 44 44.35 18.95 7.68
C LEU E 44 44.06 17.47 7.89
N LEU E 45 43.91 16.71 6.81
CA LEU E 45 43.54 15.31 6.87
C LEU E 45 44.76 14.38 6.94
N LYS E 46 45.97 14.93 6.98
CA LYS E 46 47.17 14.10 7.10
C LYS E 46 47.32 13.69 8.56
N GLY E 47 47.22 12.39 8.81
CA GLY E 47 47.27 11.90 10.19
C GLY E 47 46.01 12.16 11.00
N TYR E 48 44.94 12.62 10.38
CA TYR E 48 43.71 12.90 11.10
C TYR E 48 43.04 11.59 11.52
N ASP E 49 42.87 11.40 12.83
CA ASP E 49 42.25 10.19 13.35
C ASP E 49 40.74 10.41 13.44
N ILE E 50 39.97 9.63 12.67
CA ILE E 50 38.53 9.83 12.63
C ILE E 50 37.82 9.16 13.80
N ARG E 51 38.46 8.20 14.46
CA ARG E 51 37.82 7.48 15.56
C ARG E 51 37.86 8.24 16.88
N LEU E 52 38.69 9.27 16.99
CA LEU E 52 38.83 10.03 18.23
C LEU E 52 38.11 11.37 18.12
N ARG E 53 37.36 11.72 19.15
CA ARG E 53 36.66 12.99 19.20
C ARG E 53 37.65 14.13 19.46
N PRO E 54 37.26 15.37 19.12
CA PRO E 54 38.09 16.52 19.48
C PRO E 54 38.26 16.63 20.99
N ASP E 55 39.47 17.03 21.40
CA ASP E 55 39.84 17.09 22.82
C ASP E 55 39.62 15.75 23.53
N PHE E 56 40.02 14.68 22.86
CA PHE E 56 39.90 13.34 23.44
C PHE E 56 40.70 13.26 24.74
N GLY E 57 40.06 12.76 25.79
CA GLY E 57 40.69 12.69 27.10
C GLY E 57 40.64 13.97 27.89
N GLY E 58 40.05 15.04 27.33
CA GLY E 58 39.97 16.30 28.02
C GLY E 58 38.53 16.70 28.27
N PRO E 59 38.25 18.01 28.25
CA PRO E 59 36.87 18.46 28.46
C PRO E 59 35.97 17.98 27.34
N PRO E 60 34.69 17.73 27.62
CA PRO E 60 33.80 17.22 26.57
C PRO E 60 33.61 18.25 25.47
N VAL E 61 33.43 17.75 24.26
CA VAL E 61 33.22 18.62 23.10
C VAL E 61 31.75 19.02 23.06
N CYS E 62 31.50 20.32 22.95
CA CYS E 62 30.15 20.87 22.96
C CYS E 62 29.65 20.95 21.53
N VAL E 63 28.51 20.33 21.26
CA VAL E 63 27.91 20.31 19.93
C VAL E 63 26.65 21.17 19.97
N GLY E 64 26.60 22.19 19.13
CA GLY E 64 25.42 23.04 19.01
C GLY E 64 24.60 22.64 17.80
N MET E 65 23.29 22.55 18.01
CA MET E 65 22.37 22.02 17.00
C MET E 65 21.26 23.02 16.77
N ASN E 66 21.01 23.33 15.50
CA ASN E 66 19.87 24.14 15.10
C ASN E 66 19.19 23.47 13.92
N ILE E 67 17.86 23.54 13.88
CA ILE E 67 17.06 22.84 12.89
C ILE E 67 16.25 23.85 12.10
N ASP E 68 16.25 23.71 10.78
CA ASP E 68 15.38 24.47 9.90
C ASP E 68 14.39 23.48 9.31
N ILE E 69 13.14 23.57 9.75
CA ILE E 69 12.10 22.63 9.34
C ILE E 69 11.63 22.99 7.93
N ALA E 70 11.95 22.12 6.97
CA ALA E 70 11.49 22.34 5.60
C ALA E 70 9.99 22.08 5.48
N SER E 71 9.52 20.98 6.06
CA SER E 71 8.11 20.60 5.97
C SER E 71 7.84 19.50 6.98
N ILE E 72 6.55 19.31 7.28
CA ILE E 72 6.05 18.17 8.03
C ILE E 72 5.06 17.48 7.10
N ASP E 73 5.50 16.39 6.46
CA ASP E 73 4.72 15.82 5.37
C ASP E 73 3.41 15.22 5.87
N MET E 74 3.49 14.22 6.73
CA MET E 74 2.30 13.49 7.16
C MET E 74 2.36 13.21 8.65
N VAL E 75 1.18 13.18 9.27
CA VAL E 75 1.01 12.82 10.66
C VAL E 75 -0.01 11.70 10.69
N SER E 76 0.40 10.51 11.11
CA SER E 76 -0.42 9.32 11.00
C SER E 76 -0.85 8.86 12.38
N GLU E 77 -2.16 8.78 12.60
CA GLU E 77 -2.71 8.17 13.81
C GLU E 77 -2.68 6.65 13.74
N VAL E 78 -2.82 6.09 12.53
CA VAL E 78 -2.82 4.64 12.38
C VAL E 78 -1.47 4.06 12.79
N ASN E 79 -0.39 4.68 12.33
CA ASN E 79 0.95 4.22 12.65
C ASN E 79 1.54 4.92 13.87
N MET E 80 0.86 5.93 14.41
CA MET E 80 1.32 6.68 15.57
C MET E 80 2.72 7.25 15.35
N ASP E 81 2.86 7.98 14.24
CA ASP E 81 4.13 8.56 13.84
C ASP E 81 3.85 9.77 12.97
N TYR E 82 4.89 10.56 12.75
CA TYR E 82 4.81 11.70 11.85
C TYR E 82 6.10 11.76 11.03
N THR E 83 6.00 12.38 9.85
CA THR E 83 7.14 12.51 8.95
C THR E 83 7.60 13.95 8.96
N LEU E 84 8.91 14.14 9.11
CA LEU E 84 9.52 15.45 9.27
C LEU E 84 10.67 15.60 8.29
N THR E 85 10.70 16.72 7.57
CA THR E 85 11.82 17.06 6.71
C THR E 85 12.46 18.31 7.28
N MET E 86 13.78 18.29 7.44
CA MET E 86 14.46 19.36 8.13
C MET E 86 15.90 19.47 7.63
N TYR E 87 16.46 20.66 7.84
CA TYR E 87 17.89 20.89 7.67
C TYR E 87 18.52 20.81 9.05
N PHE E 88 19.33 19.78 9.27
CA PHE E 88 19.88 19.47 10.58
C PHE E 88 21.34 19.91 10.61
N GLN E 89 21.63 20.97 11.37
CA GLN E 89 22.96 21.53 11.46
C GLN E 89 23.58 21.19 12.82
N GLN E 90 24.83 20.76 12.80
CA GLN E 90 25.61 20.51 14.00
C GLN E 90 26.81 21.44 14.03
N TYR E 91 27.01 22.12 15.15
CA TYR E 91 28.13 23.03 15.32
C TYR E 91 29.03 22.52 16.44
N TRP E 92 30.31 22.31 16.12
CA TRP E 92 31.31 22.00 17.13
C TRP E 92 32.64 22.51 16.65
N ARG E 93 33.58 22.63 17.58
CA ARG E 93 34.91 23.14 17.28
C ARG E 93 35.92 22.01 17.37
N ASP E 94 36.77 21.89 16.35
CA ASP E 94 37.84 20.91 16.29
C ASP E 94 39.15 21.62 15.95
N LYS E 95 40.04 21.77 16.93
CA LYS E 95 41.27 22.51 16.70
C LYS E 95 42.16 21.84 15.67
N ARG E 96 41.99 20.54 15.44
CA ARG E 96 42.73 19.86 14.38
C ARG E 96 42.38 20.39 13.00
N LEU E 97 41.19 20.98 12.83
CA LEU E 97 40.73 21.47 11.53
C LEU E 97 40.90 22.99 11.40
N ALA E 98 41.56 23.63 12.36
CA ALA E 98 41.82 25.06 12.25
C ALA E 98 42.82 25.35 11.14
N TYR E 99 42.56 26.42 10.40
CA TYR E 99 43.44 26.80 9.29
C TYR E 99 43.63 28.31 9.29
N SER E 100 44.75 28.74 8.71
CA SER E 100 45.11 30.14 8.63
C SER E 100 45.62 30.47 7.24
N GLY E 101 45.57 31.76 6.89
CA GLY E 101 45.99 32.21 5.59
C GLY E 101 44.91 32.32 4.52
N ILE E 102 43.72 31.76 4.74
CA ILE E 102 42.67 31.93 3.75
C ILE E 102 41.47 32.66 4.36
N PRO E 103 41.24 33.93 4.00
CA PRO E 103 40.08 34.66 4.52
C PRO E 103 38.75 34.14 4.02
N LEU E 104 38.48 32.83 4.14
CA LEU E 104 37.25 32.26 3.63
C LEU E 104 36.74 31.19 4.58
N ASN E 105 35.45 30.94 4.51
CA ASN E 105 34.86 29.73 5.09
C ASN E 105 34.84 28.64 4.02
N LEU E 106 35.54 27.54 4.29
CA LEU E 106 35.74 26.52 3.28
C LEU E 106 34.51 25.63 3.19
N THR E 107 33.73 25.78 2.12
CA THR E 107 32.65 24.87 1.81
C THR E 107 33.18 23.78 0.89
N LEU E 108 33.28 22.56 1.40
CA LEU E 108 33.89 21.47 0.67
C LEU E 108 32.82 20.52 0.13
N ASP E 109 33.22 19.73 -0.87
CA ASP E 109 32.36 18.67 -1.38
C ASP E 109 31.95 17.74 -0.24
N ASN E 110 30.68 17.33 -0.25
CA ASN E 110 30.13 16.61 0.90
C ASN E 110 30.83 15.27 1.17
N ARG E 111 31.59 14.75 0.20
CA ARG E 111 32.30 13.50 0.46
C ARG E 111 33.46 13.67 1.42
N VAL E 112 33.83 14.89 1.78
CA VAL E 112 34.84 15.10 2.81
C VAL E 112 34.35 14.64 4.17
N ALA E 113 33.02 14.67 4.41
CA ALA E 113 32.49 14.22 5.69
C ALA E 113 32.88 12.78 5.99
N ASP E 114 33.09 11.96 4.96
CA ASP E 114 33.55 10.61 5.16
C ASP E 114 34.99 10.55 5.69
N GLN E 115 35.73 11.66 5.57
CA GLN E 115 37.08 11.75 6.09
C GLN E 115 37.20 12.62 7.33
N LEU E 116 36.09 13.03 7.91
CA LEU E 116 36.08 13.87 9.10
C LEU E 116 35.37 13.15 10.24
N TRP E 117 35.76 13.46 11.47
CA TRP E 117 35.00 13.02 12.62
C TRP E 117 33.69 13.80 12.70
N VAL E 118 32.59 13.07 12.88
CA VAL E 118 31.29 13.70 13.08
C VAL E 118 30.66 13.09 14.32
N PRO E 119 29.78 13.80 15.02
CA PRO E 119 29.13 13.20 16.19
C PRO E 119 28.25 12.04 15.77
N ASP E 120 28.15 11.06 16.67
CA ASP E 120 27.29 9.89 16.42
C ASP E 120 25.87 10.17 16.86
N THR E 121 25.34 11.29 16.36
CA THR E 121 24.01 11.75 16.73
C THR E 121 22.96 10.93 16.01
N TYR E 122 21.97 10.46 16.76
CA TYR E 122 20.85 9.71 16.21
C TYR E 122 19.57 10.20 16.86
N PHE E 123 18.45 9.87 16.25
CA PHE E 123 17.15 10.27 16.74
C PHE E 123 16.53 9.09 17.46
N LEU E 124 16.25 9.27 18.76
CA LEU E 124 15.94 8.14 19.63
C LEU E 124 14.56 7.55 19.31
N ASN E 125 13.62 8.37 18.87
CA ASN E 125 12.25 7.91 18.64
C ASN E 125 11.92 7.74 17.16
N ASP E 126 12.92 7.79 16.28
CA ASP E 126 12.62 7.65 14.85
C ASP E 126 12.35 6.19 14.51
N LYS E 127 11.55 5.99 13.46
CA LYS E 127 11.24 4.66 12.97
C LYS E 127 11.99 4.30 11.70
N LYS E 128 12.16 5.27 10.80
CA LYS E 128 12.94 5.07 9.58
C LYS E 128 13.31 6.44 9.04
N SER E 129 14.60 6.69 8.87
CA SER E 129 15.07 7.99 8.41
C SER E 129 16.06 7.78 7.28
N PHE E 130 16.20 8.81 6.44
CA PHE E 130 17.17 8.78 5.36
C PHE E 130 17.63 10.20 5.05
N VAL E 131 18.81 10.29 4.45
CA VAL E 131 19.33 11.54 3.91
C VAL E 131 19.10 11.53 2.41
N HIS E 132 18.54 12.62 1.89
CA HIS E 132 18.23 12.71 0.46
C HIS E 132 19.50 12.67 -0.37
N GLY E 133 19.41 12.04 -1.54
CA GLY E 133 20.59 11.80 -2.35
C GLY E 133 20.47 12.17 -3.80
N VAL E 134 19.60 13.13 -4.13
CA VAL E 134 19.44 13.63 -5.48
C VAL E 134 19.63 15.14 -5.45
N THR E 135 20.48 15.66 -6.32
CA THR E 135 21.24 14.89 -7.31
C THR E 135 22.43 14.16 -6.67
N VAL E 136 22.97 14.74 -5.59
CA VAL E 136 23.98 14.08 -4.79
C VAL E 136 23.47 13.97 -3.36
N LYS E 137 24.28 13.39 -2.48
CA LYS E 137 23.90 13.29 -1.07
C LYS E 137 23.69 14.68 -0.46
N ASN E 138 22.51 14.88 0.12
CA ASN E 138 22.14 16.19 0.66
C ASN E 138 22.89 16.49 1.95
N ARG E 139 24.18 16.76 1.84
CA ARG E 139 25.05 16.90 3.00
C ARG E 139 25.93 18.12 2.81
N MET E 140 26.17 18.85 3.90
CA MET E 140 26.96 20.08 3.85
C MET E 140 28.09 20.02 4.87
N ILE E 141 29.29 20.37 4.42
CA ILE E 141 30.45 20.52 5.29
C ILE E 141 31.02 21.90 5.07
N ARG E 142 31.08 22.72 6.12
CA ARG E 142 31.60 24.06 6.04
C ARG E 142 32.56 24.28 7.20
N LEU E 143 33.81 24.59 6.88
CA LEU E 143 34.84 24.81 7.89
C LEU E 143 35.04 26.31 8.11
N HIS E 144 35.52 26.65 9.31
CA HIS E 144 35.75 28.03 9.66
C HIS E 144 37.17 28.19 10.20
N PRO E 145 37.75 29.39 10.07
CA PRO E 145 39.17 29.57 10.45
C PRO E 145 39.47 29.24 11.90
N ASP E 146 38.53 29.45 12.81
CA ASP E 146 38.76 29.15 14.22
C ASP E 146 38.64 27.67 14.55
N GLY E 147 38.35 26.82 13.56
CA GLY E 147 38.16 25.41 13.77
C GLY E 147 36.71 24.99 13.88
N THR E 148 35.77 25.94 13.88
CA THR E 148 34.36 25.62 13.99
C THR E 148 33.91 24.85 12.76
N VAL E 149 33.16 23.78 12.96
CA VAL E 149 32.66 22.96 11.88
C VAL E 149 31.14 23.10 11.83
N LEU E 150 30.62 23.38 10.64
CA LEU E 150 29.19 23.35 10.37
C LEU E 150 28.87 22.11 9.55
N TYR E 151 27.97 21.27 10.06
CA TYR E 151 27.65 19.99 9.43
C TYR E 151 26.14 19.96 9.25
N GLY E 152 25.69 20.09 8.01
CA GLY E 152 24.27 20.16 7.68
C GLY E 152 23.82 18.94 6.92
N LEU E 153 22.63 18.44 7.28
CA LEU E 153 22.02 17.30 6.63
C LEU E 153 20.55 17.62 6.37
N ARG E 154 20.06 17.21 5.20
CA ARG E 154 18.65 17.33 4.87
C ARG E 154 18.04 15.94 5.06
N ILE E 155 17.22 15.80 6.10
CA ILE E 155 16.78 14.50 6.57
C ILE E 155 15.25 14.47 6.54
N THR E 156 14.70 13.38 6.01
CA THR E 156 13.29 13.06 6.19
C THR E 156 13.22 11.89 7.15
N THR E 157 12.52 12.09 8.27
CA THR E 157 12.47 11.10 9.33
C THR E 157 11.02 10.83 9.73
N THR E 158 10.72 9.55 9.94
CA THR E 158 9.44 9.13 10.49
C THR E 158 9.69 8.81 11.96
N ALA E 159 9.27 9.72 12.84
CA ALA E 159 9.52 9.60 14.27
C ALA E 159 8.28 9.08 14.98
N ALA E 160 8.51 8.30 16.03
CA ALA E 160 7.41 7.73 16.79
C ALA E 160 6.77 8.82 17.66
N CYS E 161 5.44 8.88 17.64
CA CYS E 161 4.69 9.79 18.48
C CYS E 161 3.51 9.02 19.05
N MET E 162 3.60 8.65 20.33
CA MET E 162 2.55 7.90 20.99
C MET E 162 1.37 8.82 21.26
N MET E 163 0.45 8.92 20.30
CA MET E 163 -0.65 9.86 20.38
C MET E 163 -1.75 9.32 21.29
N ASP E 164 -2.28 10.19 22.14
CA ASP E 164 -3.45 9.88 22.95
C ASP E 164 -4.69 10.27 22.16
N LEU E 165 -5.48 9.26 21.76
CA LEU E 165 -6.62 9.47 20.88
C LEU E 165 -7.94 9.35 21.63
N ARG E 166 -7.92 9.54 22.94
CA ARG E 166 -9.13 9.45 23.74
C ARG E 166 -10.10 10.60 23.45
N ARG E 167 -9.57 11.78 23.13
CA ARG E 167 -10.39 12.93 22.79
C ARG E 167 -10.53 13.17 21.30
N TYR E 168 -10.12 12.22 20.46
CA TYR E 168 -10.27 12.39 19.02
C TYR E 168 -11.75 12.55 18.65
N PRO E 169 -12.08 13.46 17.72
CA PRO E 169 -11.20 14.34 16.95
C PRO E 169 -10.97 15.70 17.62
N LEU E 170 -11.29 15.86 18.89
CA LEU E 170 -11.06 17.12 19.60
C LEU E 170 -9.85 17.04 20.50
N ASP E 171 -8.82 16.34 20.05
CA ASP E 171 -7.66 16.06 20.90
C ASP E 171 -6.51 17.00 20.58
N GLU E 172 -5.53 16.98 21.47
CA GLU E 172 -4.30 17.74 21.32
C GLU E 172 -3.15 16.76 21.48
N GLN E 173 -2.12 16.89 20.65
CA GLN E 173 -1.04 15.93 20.66
C GLN E 173 0.28 16.64 20.91
N ASN E 174 1.21 15.90 21.50
CA ASN E 174 2.55 16.41 21.80
C ASN E 174 3.54 15.42 21.18
N CYS E 175 4.03 15.74 19.99
CA CYS E 175 4.99 14.91 19.30
C CYS E 175 6.38 15.50 19.48
N THR E 176 7.34 14.64 19.83
CA THR E 176 8.69 15.07 20.16
C THR E 176 9.67 14.49 19.17
N LEU E 177 10.89 15.02 19.21
CA LEU E 177 12.02 14.51 18.44
C LEU E 177 13.20 14.46 19.39
N GLU E 178 13.58 13.26 19.79
CA GLU E 178 14.64 13.06 20.78
C GLU E 178 15.98 12.94 20.08
N ILE E 179 16.94 13.74 20.51
CA ILE E 179 18.28 13.78 19.91
C ILE E 179 19.26 13.37 21.00
N GLU E 180 20.01 12.31 20.74
CA GLU E 180 20.91 11.75 21.73
C GLU E 180 22.17 11.22 21.04
N SER E 181 23.25 11.16 21.81
CA SER E 181 24.46 10.49 21.37
C SER E 181 24.36 8.99 21.66
N TYR E 182 24.75 8.18 20.68
CA TYR E 182 24.57 6.74 20.81
C TYR E 182 25.62 6.13 21.72
N GLY E 183 26.89 6.35 21.41
CA GLY E 183 27.97 5.70 22.15
C GLY E 183 28.62 6.56 23.20
N TYR E 184 28.77 7.85 22.91
CA TYR E 184 29.48 8.76 23.80
C TYR E 184 28.57 9.27 24.91
N THR E 185 29.08 9.22 26.15
CA THR E 185 28.37 9.72 27.32
C THR E 185 28.63 11.22 27.47
N THR E 186 28.05 11.81 28.53
CA THR E 186 28.25 13.23 28.78
C THR E 186 29.70 13.56 29.13
N ASP E 187 30.48 12.58 29.59
CA ASP E 187 31.89 12.82 29.87
C ASP E 187 32.70 13.07 28.61
N ASP E 188 32.18 12.72 27.44
CA ASP E 188 32.89 12.90 26.18
C ASP E 188 32.26 13.93 25.26
N ILE E 189 30.93 14.09 25.28
CA ILE E 189 30.24 14.97 24.36
C ILE E 189 29.15 15.73 25.12
N GLU E 190 28.79 16.90 24.59
CA GLU E 190 27.74 17.72 25.16
C GLU E 190 26.90 18.32 24.04
N PHE E 191 25.60 18.39 24.24
CA PHE E 191 24.67 18.96 23.28
C PHE E 191 24.05 20.24 23.83
N TYR E 192 23.79 21.19 22.93
CA TYR E 192 23.04 22.38 23.28
C TYR E 192 22.37 22.95 22.03
N TRP E 193 21.33 23.74 22.25
CA TRP E 193 20.64 24.45 21.17
C TRP E 193 21.37 25.75 20.84
N ARG E 194 21.86 25.87 19.61
CA ARG E 194 22.59 27.05 19.18
C ARG E 194 21.61 28.19 18.91
N GLY E 195 21.67 29.22 19.73
CA GLY E 195 20.74 30.33 19.64
C GLY E 195 19.58 30.30 20.60
N GLY E 196 19.55 29.37 21.55
CA GLY E 196 18.47 29.35 22.52
C GLY E 196 17.18 28.91 21.88
N ASP E 197 16.11 29.66 22.16
CA ASP E 197 14.79 29.35 21.62
C ASP E 197 14.68 29.63 20.13
N LYS E 198 15.67 30.30 19.53
CA LYS E 198 15.68 30.57 18.11
C LYS E 198 16.33 29.46 17.30
N ALA E 199 16.78 28.38 17.94
CA ALA E 199 17.51 27.34 17.24
C ALA E 199 16.65 26.61 16.21
N VAL E 200 15.33 26.62 16.36
CA VAL E 200 14.44 25.95 15.43
C VAL E 200 13.63 27.01 14.71
N THR E 201 13.68 27.00 13.38
CA THR E 201 12.97 27.97 12.56
C THR E 201 12.08 27.24 11.56
N GLY E 202 11.19 28.00 10.93
CA GLY E 202 10.30 27.47 9.92
C GLY E 202 9.05 26.81 10.45
N VAL E 203 8.82 26.84 11.77
CA VAL E 203 7.64 26.19 12.33
C VAL E 203 6.38 26.95 11.96
N GLU E 204 6.44 28.28 12.00
CA GLU E 204 5.25 29.09 11.69
C GLU E 204 4.86 29.01 10.23
N ARG E 205 5.77 28.61 9.34
CA ARG E 205 5.44 28.46 7.93
C ARG E 205 4.80 27.11 7.62
N ILE E 206 4.80 26.19 8.58
CA ILE E 206 4.26 24.86 8.34
C ILE E 206 2.74 24.93 8.24
N GLU E 207 2.19 24.24 7.25
CA GLU E 207 0.76 24.09 7.08
C GLU E 207 0.45 22.60 7.03
N LEU E 208 -0.41 22.15 7.93
CA LEU E 208 -0.85 20.76 7.97
C LEU E 208 -2.33 20.70 7.65
N PRO E 209 -2.74 19.79 6.76
CA PRO E 209 -4.17 19.74 6.40
C PRO E 209 -5.07 19.45 7.58
N GLN E 210 -4.62 18.63 8.54
CA GLN E 210 -5.47 18.18 9.63
C GLN E 210 -5.11 18.79 10.98
N PHE E 211 -3.95 19.45 11.09
CA PHE E 211 -3.47 19.97 12.36
C PHE E 211 -3.03 21.42 12.22
N SER E 212 -2.84 22.08 13.36
CA SER E 212 -2.22 23.39 13.43
C SER E 212 -1.24 23.38 14.59
N ILE E 213 -0.02 23.85 14.34
CA ILE E 213 1.04 23.86 15.35
C ILE E 213 0.77 25.02 16.31
N VAL E 214 0.27 24.71 17.50
CA VAL E 214 0.00 25.75 18.49
C VAL E 214 1.30 26.32 19.04
N GLU E 215 2.25 25.44 19.38
CA GLU E 215 3.47 25.87 20.04
C GLU E 215 4.54 24.82 19.82
N HIS E 216 5.80 25.24 19.89
CA HIS E 216 6.94 24.35 19.89
C HIS E 216 7.90 24.75 21.00
N ARG E 217 8.65 23.77 21.51
CA ARG E 217 9.47 23.97 22.70
C ARG E 217 10.81 23.29 22.52
N LEU E 218 11.83 23.85 23.16
CA LEU E 218 13.18 23.33 23.12
C LEU E 218 13.63 22.99 24.53
N VAL E 219 14.11 21.78 24.74
CA VAL E 219 14.52 21.30 26.05
C VAL E 219 15.91 20.69 25.94
N SER E 220 16.76 20.99 26.91
CA SER E 220 18.08 20.39 27.03
C SER E 220 18.21 19.76 28.41
N ARG E 221 18.54 18.47 28.45
CA ARG E 221 18.59 17.75 29.71
C ARG E 221 19.60 16.62 29.59
N ASN E 222 20.04 16.13 30.74
CA ASN E 222 20.93 14.98 30.83
C ASN E 222 20.15 13.78 31.34
N VAL E 223 20.32 12.65 30.68
CA VAL E 223 19.57 11.43 30.98
C VAL E 223 20.55 10.38 31.47
N VAL E 224 20.24 9.75 32.60
CA VAL E 224 21.12 8.78 33.24
C VAL E 224 20.59 7.38 32.97
N PHE E 225 21.46 6.51 32.48
CA PHE E 225 21.16 5.10 32.31
C PHE E 225 22.10 4.28 33.17
N ALA E 226 22.04 2.95 33.02
CA ALA E 226 22.98 2.09 33.73
C ALA E 226 24.40 2.23 33.19
N THR E 227 24.53 2.52 31.89
CA THR E 227 25.85 2.66 31.26
C THR E 227 26.42 4.06 31.38
N GLY E 228 25.68 5.01 31.96
CA GLY E 228 26.18 6.35 32.14
C GLY E 228 25.17 7.42 31.80
N ALA E 229 25.58 8.69 31.88
CA ALA E 229 24.72 9.82 31.57
C ALA E 229 24.95 10.28 30.14
N TYR E 230 23.86 10.55 29.41
CA TYR E 230 23.96 10.89 28.01
C TYR E 230 23.25 12.21 27.75
N PRO E 231 23.78 13.05 26.87
CA PRO E 231 23.09 14.30 26.53
C PRO E 231 21.82 14.06 25.74
N ARG E 232 20.85 14.93 25.96
CA ARG E 232 19.56 14.81 25.29
C ARG E 232 19.10 16.19 24.84
N LEU E 233 18.75 16.31 23.56
CA LEU E 233 18.04 17.47 23.04
C LEU E 233 16.66 17.04 22.60
N SER E 234 15.64 17.76 23.07
CA SER E 234 14.26 17.41 22.77
C SER E 234 13.59 18.57 22.06
N LEU E 235 12.98 18.28 20.91
CA LEU E 235 12.17 19.25 20.18
C LEU E 235 10.75 18.70 20.17
N SER E 236 9.81 19.48 20.68
CA SER E 236 8.43 19.05 20.80
C SER E 236 7.51 20.08 20.17
N PHE E 237 6.39 19.59 19.64
CA PHE E 237 5.33 20.44 19.10
C PHE E 237 4.04 20.08 19.80
N ARG E 238 3.14 21.05 19.94
CA ARG E 238 1.79 20.79 20.39
C ARG E 238 0.86 20.99 19.20
N LEU E 239 0.13 19.95 18.84
CA LEU E 239 -0.75 19.99 17.68
C LEU E 239 -2.18 19.97 18.17
N LYS E 240 -2.99 20.90 17.67
CA LYS E 240 -4.41 20.95 17.99
C LYS E 240 -5.21 20.63 16.74
N ARG E 241 -6.02 19.59 16.80
CA ARG E 241 -6.76 19.16 15.62
C ARG E 241 -7.88 20.16 15.37
N ASN E 242 -8.14 20.46 14.09
CA ASN E 242 -9.23 21.36 13.76
C ASN E 242 -10.54 20.60 13.70
N ILE E 243 -11.52 21.03 14.50
CA ILE E 243 -12.82 20.37 14.58
C ILE E 243 -13.75 20.73 13.42
N GLY E 244 -13.39 21.73 12.60
CA GLY E 244 -14.32 22.21 11.59
C GLY E 244 -14.73 21.15 10.57
N TYR E 245 -13.77 20.34 10.13
CA TYR E 245 -14.08 19.31 9.15
C TYR E 245 -15.07 18.27 9.69
N PHE E 246 -14.89 17.85 10.94
CA PHE E 246 -15.73 16.81 11.51
C PHE E 246 -17.12 17.29 11.90
N ILE E 247 -17.32 18.59 12.08
CA ILE E 247 -18.67 19.09 12.31
C ILE E 247 -19.54 18.84 11.08
N LEU E 248 -19.02 19.15 9.90
CA LEU E 248 -19.80 18.98 8.67
C LEU E 248 -19.87 17.53 8.22
N GLN E 249 -18.83 16.73 8.50
CA GLN E 249 -18.71 15.39 7.92
C GLN E 249 -19.31 14.30 8.81
N THR E 250 -19.16 14.42 10.13
CA THR E 250 -19.57 13.36 11.04
C THR E 250 -20.62 13.82 12.03
N TYR E 251 -20.41 14.95 12.69
CA TYR E 251 -21.30 15.35 13.78
C TYR E 251 -22.66 15.79 13.25
N MET E 252 -22.68 16.76 12.35
CA MET E 252 -23.95 17.23 11.80
C MET E 252 -24.76 16.15 11.10
N PRO E 253 -24.18 15.29 10.25
CA PRO E 253 -25.00 14.18 9.72
C PRO E 253 -25.59 13.29 10.80
N SER E 254 -24.84 13.04 11.88
CA SER E 254 -25.37 12.20 12.95
C SER E 254 -26.47 12.92 13.71
N ILE E 255 -26.32 14.23 13.92
CA ILE E 255 -27.36 14.99 14.60
C ILE E 255 -28.64 15.01 13.78
N LEU E 256 -28.52 15.21 12.46
CA LEU E 256 -29.71 15.27 11.62
C LEU E 256 -30.43 13.93 11.57
N ILE E 257 -29.69 12.82 11.59
CA ILE E 257 -30.33 11.52 11.63
C ILE E 257 -31.05 11.34 12.96
N THR E 258 -30.44 11.80 14.05
CA THR E 258 -31.07 11.72 15.36
C THR E 258 -32.33 12.58 15.39
N ILE E 259 -32.27 13.79 14.83
CA ILE E 259 -33.47 14.62 14.73
C ILE E 259 -34.49 13.96 13.82
N LEU E 260 -34.03 13.27 12.77
CA LEU E 260 -34.96 12.58 11.87
C LEU E 260 -35.76 11.53 12.62
N SER E 261 -35.12 10.83 13.55
CA SER E 261 -35.83 9.79 14.28
C SER E 261 -36.91 10.37 15.19
N TRP E 262 -36.81 11.67 15.52
CA TRP E 262 -37.81 12.30 16.36
C TRP E 262 -39.07 12.63 15.57
N VAL E 263 -38.98 12.63 14.24
CA VAL E 263 -40.15 12.87 13.41
C VAL E 263 -41.20 11.79 13.63
N SER E 264 -40.76 10.59 14.03
CA SER E 264 -41.72 9.51 14.26
C SER E 264 -42.65 9.85 15.41
N PHE E 265 -42.17 10.63 16.38
CA PHE E 265 -43.00 11.01 17.52
C PHE E 265 -44.14 11.92 17.11
N TRP E 266 -44.00 12.61 15.97
CA TRP E 266 -45.02 13.52 15.45
C TRP E 266 -45.92 12.86 14.43
N ILE E 267 -45.75 11.56 14.17
CA ILE E 267 -46.61 10.81 13.27
C ILE E 267 -47.62 10.02 14.09
N ASN E 268 -48.84 9.91 13.56
CA ASN E 268 -49.87 9.16 14.25
C ASN E 268 -49.43 7.72 14.49
N TYR E 269 -49.72 7.21 15.68
CA TYR E 269 -49.31 5.86 16.03
C TYR E 269 -50.08 4.79 15.26
N ASP E 270 -51.20 5.14 14.63
CA ASP E 270 -51.90 4.17 13.81
C ASP E 270 -51.16 3.87 12.51
N ALA E 271 -50.22 4.74 12.11
CA ALA E 271 -49.43 4.53 10.89
C ALA E 271 -48.26 3.62 11.21
N SER E 272 -48.55 2.33 11.35
CA SER E 272 -47.50 1.38 11.70
C SER E 272 -46.45 1.28 10.61
N ALA E 273 -46.88 1.20 9.35
CA ALA E 273 -45.94 1.08 8.24
C ALA E 273 -45.07 2.32 8.11
N ALA E 274 -45.66 3.51 8.26
CA ALA E 274 -44.92 4.74 8.10
C ALA E 274 -43.88 4.93 9.20
N ARG E 275 -44.27 4.73 10.46
CA ARG E 275 -43.34 5.00 11.56
C ARG E 275 -42.27 3.94 11.72
N VAL E 276 -42.57 2.68 11.43
CA VAL E 276 -41.52 1.66 11.48
C VAL E 276 -40.55 1.83 10.32
N ALA E 277 -41.04 2.17 9.14
CA ALA E 277 -40.15 2.41 8.00
C ALA E 277 -39.23 3.60 8.27
N LEU E 278 -39.75 4.66 8.87
CA LEU E 278 -38.88 5.77 9.26
C LEU E 278 -37.88 5.36 10.33
N GLY E 279 -38.34 4.62 11.35
CA GLY E 279 -37.45 4.20 12.40
C GLY E 279 -36.39 3.21 11.96
N ILE E 280 -36.79 2.20 11.18
CA ILE E 280 -35.84 1.21 10.70
C ILE E 280 -34.81 1.82 9.75
N THR E 281 -35.24 2.69 8.82
CA THR E 281 -34.32 3.26 7.84
C THR E 281 -33.26 4.11 8.54
N THR E 282 -33.67 4.90 9.53
CA THR E 282 -32.73 5.79 10.21
C THR E 282 -31.74 4.98 11.03
N VAL E 283 -32.20 3.90 11.64
CA VAL E 283 -31.30 3.08 12.45
C VAL E 283 -30.25 2.49 11.53
N LEU E 284 -30.68 1.99 10.37
CA LEU E 284 -29.72 1.43 9.42
C LEU E 284 -28.79 2.54 8.93
N THR E 285 -29.33 3.73 8.65
CA THR E 285 -28.49 4.80 8.12
C THR E 285 -27.44 5.21 9.14
N MET E 286 -27.76 5.09 10.43
CA MET E 286 -26.78 5.34 11.47
C MET E 286 -25.64 4.34 11.40
N THR E 287 -25.97 3.07 11.15
CA THR E 287 -24.95 2.05 10.94
C THR E 287 -24.17 2.33 9.66
N THR E 288 -24.85 2.78 8.61
CA THR E 288 -24.15 3.13 7.38
C THR E 288 -23.16 4.26 7.62
N ILE E 289 -23.58 5.28 8.37
CA ILE E 289 -22.63 6.34 8.72
C ILE E 289 -21.51 5.78 9.59
N ASN E 290 -21.84 4.96 10.58
CA ASN E 290 -20.81 4.44 11.49
C ASN E 290 -19.84 3.51 10.78
N THR E 291 -20.36 2.64 9.91
CA THR E 291 -19.50 1.67 9.24
C THR E 291 -18.57 2.36 8.23
N HIS E 292 -19.12 3.24 7.41
CA HIS E 292 -18.42 3.80 6.26
C HIS E 292 -17.53 4.98 6.60
N LEU E 293 -17.48 5.41 7.86
CA LEU E 293 -16.83 6.68 8.19
C LEU E 293 -15.31 6.50 8.22
N ARG E 294 -14.66 6.99 7.16
CA ARG E 294 -13.21 6.93 7.03
C ARG E 294 -12.54 7.75 8.13
N GLU E 295 -13.14 8.87 8.49
CA GLU E 295 -12.63 9.89 9.39
C GLU E 295 -12.77 9.52 10.86
N THR E 296 -13.41 8.39 11.17
CA THR E 296 -13.62 7.94 12.54
C THR E 296 -12.61 6.87 12.92
N LEU E 297 -11.58 6.69 12.10
CA LEU E 297 -10.56 5.67 12.27
C LEU E 297 -11.10 4.25 12.46
N PRO E 298 -11.83 3.71 11.49
CA PRO E 298 -12.29 2.32 11.60
C PRO E 298 -11.17 1.30 11.53
N LYS E 299 -9.92 1.75 11.37
CA LYS E 299 -8.79 0.85 11.24
C LYS E 299 -8.12 0.51 12.57
N ILE E 300 -7.58 1.51 13.27
CA ILE E 300 -7.00 1.19 14.58
C ILE E 300 -8.11 0.89 15.57
N PRO E 301 -7.90 -0.05 16.49
CA PRO E 301 -8.96 -0.49 17.43
C PRO E 301 -8.96 0.27 18.75
N TYR E 302 -9.09 1.60 18.70
CA TYR E 302 -9.01 2.33 19.95
C TYR E 302 -10.31 3.09 20.25
N VAL E 303 -10.43 3.49 21.51
CA VAL E 303 -11.59 4.23 22.01
C VAL E 303 -11.37 5.71 21.74
N LYS E 304 -12.36 6.37 21.13
CA LYS E 304 -12.23 7.80 20.89
C LYS E 304 -13.50 8.53 21.30
N ALA E 305 -13.41 9.86 21.35
CA ALA E 305 -14.57 10.69 21.67
C ALA E 305 -15.66 10.56 20.62
N ILE E 306 -15.27 10.51 19.34
CA ILE E 306 -16.25 10.37 18.27
C ILE E 306 -16.92 9.01 18.32
N ASP E 307 -16.21 7.98 18.76
CA ASP E 307 -16.83 6.67 18.92
C ASP E 307 -17.92 6.72 19.98
N MET E 308 -17.69 7.45 21.07
CA MET E 308 -18.71 7.59 22.11
C MET E 308 -19.88 8.45 21.64
N TYR E 309 -19.62 9.43 20.77
CA TYR E 309 -20.71 10.25 20.26
C TYR E 309 -21.57 9.47 19.26
N LEU E 310 -20.94 8.70 18.37
CA LEU E 310 -21.69 7.92 17.42
C LEU E 310 -22.48 6.82 18.11
N MET E 311 -21.87 6.17 19.11
CA MET E 311 -22.58 5.16 19.89
C MET E 311 -23.72 5.79 20.68
N GLY E 312 -23.49 6.99 21.22
CA GLY E 312 -24.55 7.69 21.93
C GLY E 312 -25.70 8.07 21.02
N CYS E 313 -25.38 8.54 19.81
CA CYS E 313 -26.43 8.86 18.84
C CYS E 313 -27.18 7.60 18.43
N PHE E 314 -26.47 6.47 18.30
CA PHE E 314 -27.14 5.22 17.93
C PHE E 314 -28.11 4.77 19.00
N VAL E 315 -27.81 5.04 20.29
CA VAL E 315 -28.75 4.71 21.35
C VAL E 315 -30.02 5.51 21.21
N PHE E 316 -29.90 6.80 20.88
CA PHE E 316 -31.07 7.66 20.76
C PHE E 316 -31.98 7.21 19.62
N VAL E 317 -31.40 6.87 18.47
CA VAL E 317 -32.23 6.44 17.35
C VAL E 317 -32.81 5.07 17.65
N PHE E 318 -32.10 4.24 18.43
CA PHE E 318 -32.62 2.94 18.81
C PHE E 318 -33.75 3.05 19.83
N LEU E 319 -33.67 4.03 20.74
CA LEU E 319 -34.75 4.22 21.69
C LEU E 319 -36.01 4.80 21.03
N ALA E 320 -35.84 5.64 20.01
CA ALA E 320 -37.01 6.18 19.32
C ALA E 320 -37.84 5.10 18.63
N LEU E 321 -37.18 4.15 17.98
CA LEU E 321 -37.92 3.04 17.37
C LEU E 321 -38.50 2.12 18.45
N LEU E 322 -37.75 1.92 19.53
CA LEU E 322 -38.26 1.14 20.67
C LEU E 322 -39.38 1.88 21.38
N GLU E 323 -39.39 3.21 21.29
CA GLU E 323 -40.47 4.00 21.88
C GLU E 323 -41.80 3.67 21.22
N TYR E 324 -41.81 3.54 19.90
CA TYR E 324 -43.04 3.19 19.19
C TYR E 324 -43.49 1.78 19.54
N ALA E 325 -42.56 0.86 19.72
CA ALA E 325 -42.91 -0.50 20.08
C ALA E 325 -43.70 -0.58 21.37
N PHE E 326 -43.47 0.33 22.32
CA PHE E 326 -44.30 0.35 23.51
C PHE E 326 -45.66 0.97 23.25
N VAL E 327 -45.74 2.00 22.39
CA VAL E 327 -47.03 2.59 22.06
C VAL E 327 -47.87 1.64 21.21
N ASN E 328 -47.25 1.01 20.21
CA ASN E 328 -47.97 0.05 19.38
C ASN E 328 -48.45 -1.18 20.14
N TYR E 329 -47.80 -1.52 21.25
CA TYR E 329 -48.17 -2.72 22.00
C TYR E 329 -49.37 -2.56 22.91
N ILE E 330 -49.78 -1.35 23.29
CA ILE E 330 -50.84 -1.20 24.29
C ILE E 330 -51.96 -0.29 23.84
N PHE E 331 -51.96 0.20 22.60
CA PHE E 331 -53.05 1.08 22.21
C PHE E 331 -54.34 0.29 21.94
N PHE E 332 -54.26 -1.03 21.91
CA PHE E 332 -55.43 -1.89 21.77
C PHE E 332 -56.02 -2.29 23.12
N GLY E 333 -55.17 -2.56 24.11
CA GLY E 333 -55.66 -2.94 25.42
C GLY E 333 -56.50 -1.86 26.08
N ARG E 334 -56.07 -0.60 25.92
CA ARG E 334 -56.80 0.52 26.49
C ARG E 334 -57.35 1.42 25.39
N ASP E 444 -53.47 7.37 27.93
CA ASP E 444 -52.06 7.27 28.31
C ASP E 444 -51.21 6.79 27.14
N VAL E 445 -51.86 6.32 26.07
CA VAL E 445 -51.12 5.90 24.89
C VAL E 445 -50.47 7.09 24.20
N ASN E 446 -51.22 8.19 24.06
CA ASN E 446 -50.65 9.41 23.49
C ASN E 446 -49.66 10.06 24.43
N ALA E 447 -49.68 9.70 25.72
CA ALA E 447 -48.77 10.30 26.68
C ALA E 447 -47.32 9.96 26.37
N ILE E 448 -47.04 8.71 26.01
CA ILE E 448 -45.66 8.32 25.71
C ILE E 448 -45.16 9.09 24.50
N ASP E 449 -45.98 9.21 23.46
CA ASP E 449 -45.61 10.02 22.30
C ASP E 449 -45.45 11.48 22.69
N ARG E 450 -46.34 12.00 23.53
CA ARG E 450 -46.27 13.39 23.94
C ARG E 450 -45.01 13.67 24.75
N TRP E 451 -44.65 12.76 25.65
CA TRP E 451 -43.43 12.97 26.45
C TRP E 451 -42.17 12.76 25.62
N SER E 452 -42.21 11.86 24.64
CA SER E 452 -41.04 11.64 23.81
C SER E 452 -40.70 12.87 22.96
N ARG E 453 -41.70 13.69 22.63
CA ARG E 453 -41.40 14.93 21.91
C ARG E 453 -40.58 15.91 22.73
N ILE E 454 -40.57 15.75 24.06
CA ILE E 454 -39.81 16.61 24.94
C ILE E 454 -38.57 15.91 25.49
N VAL E 455 -38.71 14.66 25.92
CA VAL E 455 -37.61 13.97 26.60
C VAL E 455 -36.45 13.72 25.64
N PHE E 456 -36.76 13.23 24.44
CA PHE E 456 -35.69 12.92 23.50
C PHE E 456 -34.91 14.16 23.07
N PRO E 457 -35.54 15.27 22.66
CA PRO E 457 -34.74 16.49 22.39
C PRO E 457 -34.03 17.02 23.62
N PHE E 458 -34.62 16.88 24.81
CA PHE E 458 -33.99 17.38 26.02
C PHE E 458 -32.80 16.50 26.43
N THR E 459 -32.96 15.18 26.34
CA THR E 459 -31.87 14.29 26.75
C THR E 459 -30.71 14.37 25.77
N PHE E 460 -31.00 14.54 24.48
CA PHE E 460 -29.93 14.67 23.50
C PHE E 460 -29.19 15.98 23.70
N SER E 461 -29.92 17.04 24.07
CA SER E 461 -29.27 18.29 24.43
C SER E 461 -28.44 18.12 25.70
N LEU E 462 -28.97 17.40 26.69
CA LEU E 462 -28.20 17.12 27.90
C LEU E 462 -27.01 16.23 27.60
N PHE E 463 -27.18 15.25 26.71
CA PHE E 463 -26.05 14.41 26.31
C PHE E 463 -24.97 15.25 25.64
N ASN E 464 -25.36 16.20 24.79
CA ASN E 464 -24.39 17.06 24.15
C ASN E 464 -23.73 18.01 25.15
N LEU E 465 -24.47 18.43 26.17
CA LEU E 465 -23.88 19.30 27.18
C LEU E 465 -22.78 18.59 27.94
N VAL E 466 -23.04 17.36 28.40
CA VAL E 466 -22.02 16.61 29.13
C VAL E 466 -20.85 16.31 28.20
N TYR E 467 -21.15 15.89 26.97
CA TYR E 467 -20.10 15.51 26.03
C TYR E 467 -19.21 16.70 25.69
N TRP E 468 -19.81 17.83 25.35
CA TRP E 468 -19.01 18.96 24.88
C TRP E 468 -18.28 19.67 26.03
N LEU E 469 -18.84 19.64 27.25
CA LEU E 469 -18.11 20.19 28.38
C LEU E 469 -16.93 19.30 28.78
N TYR E 470 -17.08 17.98 28.63
CA TYR E 470 -16.02 17.06 29.03
C TYR E 470 -14.86 17.08 28.03
N TYR E 471 -15.16 17.13 26.74
CA TYR E 471 -14.14 17.07 25.70
C TYR E 471 -13.69 18.44 25.20
N VAL E 472 -14.23 19.52 25.76
CA VAL E 472 -13.75 20.86 25.43
C VAL E 472 -13.48 21.63 26.72
C1 NAG F . 23.80 1.40 -10.13
C2 NAG F . 24.18 0.94 -8.72
C3 NAG F . 25.70 0.87 -8.58
C4 NAG F . 26.28 -0.02 -9.68
C5 NAG F . 25.81 0.47 -11.05
C6 NAG F . 26.24 -0.45 -12.17
C7 NAG F . 22.62 1.46 -6.90
C8 NAG F . 22.15 2.51 -5.92
N2 NAG F . 23.61 1.84 -7.72
O3 NAG F . 26.03 0.34 -7.30
O4 NAG F . 27.70 0.05 -9.65
O5 NAG F . 24.37 0.50 -11.08
O6 NAG F . 25.70 -0.03 -13.42
O7 NAG F . 22.11 0.35 -6.95
C1 NAG F . 28.24 -1.14 -9.04
C2 NAG F . 29.69 -1.28 -9.47
C3 NAG F . 30.34 -2.48 -8.79
C4 NAG F . 30.17 -2.34 -7.27
C5 NAG F . 28.69 -2.20 -6.94
C6 NAG F . 28.44 -1.99 -5.47
C7 NAG F . 30.42 -0.53 -11.70
C8 NAG F . 30.42 -0.83 -13.17
N2 NAG F . 29.78 -1.42 -10.92
O3 NAG F . 31.71 -2.55 -9.13
O4 NAG F . 30.72 -3.47 -6.61
O5 NAG F . 28.16 -1.05 -7.62
O6 NAG F . 27.05 -1.94 -5.19
O7 NAG F . 30.95 0.48 -11.23
C1 BMA F . 31.84 -3.05 -5.81
C2 BMA F . 32.13 -4.14 -4.78
C3 BMA F . 33.33 -3.74 -3.93
C4 BMA F . 34.53 -3.43 -4.82
C5 BMA F . 34.14 -2.39 -5.86
C6 BMA F . 35.24 -2.13 -6.86
O2 BMA F . 32.38 -5.38 -5.44
O3 BMA F . 33.66 -4.81 -3.05
O4 BMA F . 35.60 -2.93 -4.03
O5 BMA F . 33.00 -2.85 -6.62
O6 BMA F . 35.73 -3.34 -7.41
C1 MAN F . 32.91 -4.68 -1.82
C2 MAN F . 33.69 -3.77 -0.87
C3 MAN F . 34.99 -4.43 -0.47
C4 MAN F . 34.74 -5.83 0.08
C5 MAN F . 33.92 -6.64 -0.91
C6 MAN F . 33.53 -8.00 -0.37
O2 MAN F . 32.89 -3.52 0.29
O3 MAN F . 35.67 -3.64 0.50
O4 MAN F . 35.98 -6.49 0.32
O5 MAN F . 32.71 -5.96 -1.22
O6 MAN F . 32.79 -8.74 -1.33
C1 MAN F . 37.00 -3.10 -8.08
C2 MAN F . 37.29 -4.28 -9.00
C3 MAN F . 37.53 -5.54 -8.17
C4 MAN F . 38.61 -5.30 -7.13
C5 MAN F . 38.25 -4.09 -6.28
C6 MAN F . 39.33 -3.71 -5.29
O2 MAN F . 38.44 -3.99 -9.78
O3 MAN F . 37.91 -6.62 -9.02
O4 MAN F . 38.73 -6.44 -6.28
O5 MAN F . 38.06 -2.94 -7.13
O6 MAN F . 40.55 -3.41 -5.94
C1 NAG G . 1.51 1.83 -30.73
C2 NAG G . 1.56 0.92 -31.96
C3 NAG G . 2.89 1.10 -32.69
C4 NAG G . 3.15 2.57 -32.99
C5 NAG G . 3.01 3.40 -31.72
C6 NAG G . 3.12 4.88 -31.98
C7 NAG G . 0.62 -1.32 -32.30
C8 NAG G . 0.54 -2.72 -31.78
N2 NAG G . 1.36 -0.47 -31.59
O3 NAG G . 2.86 0.35 -33.90
O4 NAG G . 4.48 2.72 -33.47
O5 NAG G . 1.72 3.18 -31.13
O6 NAG G . 3.08 5.62 -30.77
O7 NAG G . 0.04 -0.98 -33.33
C1 NAG G . 4.51 3.05 -34.87
C2 NAG G . 5.75 3.93 -35.10
C3 NAG G . 5.88 4.27 -36.58
C4 NAG G . 5.89 3.00 -37.41
C5 NAG G . 4.63 2.19 -37.11
C6 NAG G . 4.59 0.85 -37.82
C7 NAG G . 6.46 5.33 -33.22
C8 NAG G . 6.28 6.63 -32.50
N2 NAG G . 5.69 5.14 -34.29
O3 NAG G . 7.09 5.00 -36.79
O4 NAG G . 5.92 3.33 -38.79
O5 NAG G . 4.57 1.91 -35.70
O6 NAG G . 3.36 0.18 -37.59
O7 NAG G . 7.28 4.50 -32.84
C1 BMA G . 7.09 2.77 -39.42
C2 BMA G . 6.92 2.92 -40.93
C3 BMA G . 8.14 2.38 -41.66
C4 BMA G . 9.42 3.01 -41.12
C5 BMA G . 9.47 2.87 -39.60
C6 BMA G . 10.65 3.60 -38.99
O2 BMA G . 6.73 4.30 -41.25
O3 BMA G . 8.02 2.64 -43.06
O4 BMA G . 10.56 2.40 -41.70
O5 BMA G . 8.29 3.42 -39.00
O6 BMA G . 10.58 5.01 -39.24
C1 MAN G . 7.36 1.55 -43.72
C2 MAN G . 7.91 1.44 -45.13
C3 MAN G . 7.56 2.69 -45.92
C4 MAN G . 6.06 2.94 -45.88
C5 MAN G . 5.58 2.98 -44.43
C6 MAN G . 4.07 3.10 -44.31
O2 MAN G . 7.39 0.29 -45.76
O3 MAN G . 7.99 2.54 -47.28
O4 MAN G . 5.75 4.19 -46.50
O5 MAN G . 5.94 1.76 -43.77
O6 MAN G . 3.65 3.09 -42.95
C1 MAN G . 11.77 5.64 -38.75
C2 MAN G . 11.48 7.11 -38.53
C3 MAN G . 11.20 7.80 -39.85
C4 MAN G . 12.33 7.56 -40.82
C5 MAN G . 12.60 6.06 -40.96
C6 MAN G . 13.78 5.75 -41.83
O2 MAN G . 12.60 7.73 -37.88
O3 MAN G . 11.01 9.20 -39.64
O4 MAN G . 12.00 8.10 -42.11
O5 MAN G . 12.85 5.49 -39.68
O6 MAN G . 14.04 4.35 -41.89
C1 NAG H . 29.60 -20.54 -29.66
C2 NAG H . 29.27 -21.94 -30.19
C3 NAG H . 29.11 -21.89 -31.71
C4 NAG H . 28.08 -20.83 -32.10
C5 NAG H . 28.48 -19.49 -31.49
C6 NAG H . 27.45 -18.40 -31.75
C7 NAG H . 30.02 -23.98 -29.06
C8 NAG H . 31.19 -24.88 -28.77
N2 NAG H . 30.28 -22.90 -29.81
O3 NAG H . 28.70 -23.16 -32.19
O4 NAG H . 28.00 -20.72 -33.52
O5 NAG H . 28.59 -19.61 -30.07
O6 NAG H . 26.23 -18.68 -31.09
O7 NAG H . 28.89 -24.22 -28.65
C1 NAG H . 26.69 -21.15 -33.94
C2 NAG H . 26.43 -20.60 -35.34
C3 NAG H . 25.07 -21.10 -35.85
C4 NAG H . 25.01 -22.62 -35.78
C5 NAG H . 25.32 -23.09 -34.36
C6 NAG H . 25.39 -24.59 -34.25
C7 NAG H . 27.54 -18.47 -35.80
C8 NAG H . 27.43 -16.97 -35.74
N2 NAG H . 26.48 -19.16 -35.35
O3 NAG H . 24.88 -20.65 -37.18
O4 NAG H . 23.71 -23.07 -36.15
O5 NAG H . 26.62 -22.59 -33.97
O6 NAG H . 24.17 -25.20 -34.65
O7 NAG H . 28.54 -19.03 -36.25
C1 NAG I . 5.29 -19.45 23.14
C2 NAG I . 5.55 -19.47 24.64
C3 NAG I . 6.93 -20.07 24.93
C4 NAG I . 7.08 -21.43 24.27
C5 NAG I . 6.72 -21.34 22.79
C6 NAG I . 6.68 -22.69 22.11
C7 NAG I . 4.86 -17.88 26.38
C8 NAG I . 4.85 -16.44 26.81
N2 NAG I . 5.46 -18.13 25.21
O3 NAG I . 7.10 -20.19 26.34
O4 NAG I . 8.43 -21.86 24.36
O5 NAG I . 5.41 -20.77 22.62
O6 NAG I . 6.30 -22.58 20.74
O7 NAG I . 4.35 -18.76 27.05
C1 NAG I . 8.55 -22.96 25.28
C2 NAG I . 9.83 -23.72 24.95
C3 NAG I . 10.06 -24.85 25.95
C4 NAG I . 10.02 -24.32 27.37
C5 NAG I . 8.73 -23.55 27.61
C6 NAG I . 8.66 -22.89 28.97
C7 NAG I . 10.46 -23.64 22.58
C8 NAG I . 10.31 -24.31 21.24
N2 NAG I . 9.80 -24.22 23.59
O3 NAG I . 11.32 -25.47 25.69
O4 NAG I . 10.10 -25.40 28.29
O5 NAG I . 8.60 -22.50 26.64
O6 NAG I . 7.39 -22.28 29.18
O7 NAG I . 11.14 -22.63 22.74
C1 BMA I . 11.34 -25.33 29.03
C2 BMA I . 11.30 -26.38 30.13
C3 BMA I . 12.59 -26.38 30.93
C4 BMA I . 13.79 -26.52 30.00
C5 BMA I . 13.73 -25.47 28.89
C6 BMA I . 14.82 -25.65 27.86
O2 BMA I . 11.07 -27.67 29.55
O3 BMA I . 12.58 -27.44 31.87
O4 BMA I . 15.00 -26.35 30.73
O5 BMA I . 12.47 -25.56 28.20
O6 BMA I . 14.80 -26.95 27.30
C1 MAN I . 12.48 -26.89 33.20
C2 MAN I . 13.60 -27.45 34.05
C3 MAN I . 13.45 -28.95 34.20
C4 MAN I . 12.07 -29.30 34.74
C5 MAN I . 10.99 -28.65 33.87
C6 MAN I . 9.60 -28.85 34.41
O2 MAN I . 13.60 -26.82 35.33
O3 MAN I . 14.46 -29.46 35.08
O4 MAN I . 11.88 -30.71 34.74
O5 MAN I . 11.21 -27.24 33.79
O6 MAN I . 8.63 -28.23 33.58
C1 MAN I . 15.96 -27.12 26.46
C2 MAN I . 15.70 -28.31 25.53
C3 MAN I . 15.59 -29.59 26.34
C4 MAN I . 16.82 -29.77 27.21
C5 MAN I . 17.06 -28.53 28.06
C6 MAN I . 18.33 -28.59 28.87
O2 MAN I . 16.76 -28.42 24.59
O3 MAN I . 15.42 -30.71 25.48
O4 MAN I . 16.66 -30.90 28.07
O5 MAN I . 17.14 -27.36 27.22
O6 MAN I . 18.51 -27.41 29.64
C1 NAG J . 35.07 -0.92 31.65
C2 NAG J . 35.03 -0.03 32.89
C3 NAG J . 35.07 -0.89 34.15
C4 NAG J . 33.96 -1.93 34.11
C5 NAG J . 34.06 -2.75 32.83
C6 NAG J . 32.93 -3.74 32.66
C7 NAG J . 35.97 2.20 32.50
C8 NAG J . 37.20 3.05 32.55
N2 NAG J . 36.12 0.93 32.89
O3 NAG J . 34.92 -0.06 35.30
O4 NAG J . 34.06 -2.80 35.23
O5 NAG J . 34.00 -1.86 31.70
O6 NAG J . 31.66 -3.09 32.66
O7 NAG J . 34.89 2.65 32.13
C1 NAG J . 32.96 -2.54 36.12
C2 NAG J . 32.84 -3.71 37.10
C3 NAG J . 31.71 -3.45 38.10
C4 NAG J . 31.93 -2.10 38.78
C5 NAG J . 32.10 -1.00 37.74
C6 NAG J . 32.43 0.34 38.34
C7 NAG J . 33.60 -5.72 35.90
C8 NAG J . 33.19 -6.98 35.20
N2 NAG J . 32.62 -4.95 36.39
O3 NAG J . 31.68 -4.49 39.07
O4 NAG J . 30.83 -1.80 39.62
O5 NAG J . 33.17 -1.33 36.85
O6 NAG J . 31.39 0.80 39.20
O7 NAG J . 34.78 -5.40 36.03
C1 NAG K . 21.84 -5.69 3.75
C2 NAG K . 23.02 -4.92 4.34
C3 NAG K . 22.86 -3.43 4.07
C4 NAG K . 22.70 -3.19 2.57
C5 NAG K . 21.49 -3.97 2.09
C6 NAG K . 21.25 -3.85 0.60
C7 NAG K . 24.20 -5.80 6.30
C8 NAG K . 24.18 -5.99 7.78
N2 NAG K . 23.15 -5.18 5.76
O3 NAG K . 24.01 -2.73 4.55
O4 NAG K . 22.56 -1.81 2.30
O5 NAG K . 21.69 -5.37 2.36
O6 NAG K . 20.08 -4.56 0.21
O7 NAG K . 25.15 -6.20 5.61
C1 NAG K . 23.73 -1.40 1.54
C2 NAG K . 23.63 0.09 1.24
C3 NAG K . 24.84 0.57 0.46
C4 NAG K . 26.13 0.16 1.19
C5 NAG K . 26.11 -1.32 1.53
C6 NAG K . 27.29 -1.75 2.38
C7 NAG K . 21.87 0.03 -0.60
C8 NAG K . 22.72 -0.89 -1.44
N2 NAG K . 22.37 0.46 0.59
O3 NAG K . 24.83 1.99 0.29
O4 NAG K . 27.27 0.44 0.38
O5 NAG K . 24.93 -1.65 2.28
O6 NAG K . 27.31 -1.06 3.63
O7 NAG K . 20.74 0.37 -0.98
C1 BMA K . 24.47 2.70 1.51
C2 BMA K . 25.66 3.47 2.08
C3 BMA K . 25.26 4.18 3.37
C4 BMA K . 24.02 5.03 3.15
C5 BMA K . 22.90 4.19 2.52
C6 BMA K . 21.69 5.01 2.16
O2 BMA K . 26.13 4.41 1.13
O3 BMA K . 26.33 4.99 3.83
O4 BMA K . 23.56 5.56 4.38
O5 BMA K . 23.37 3.59 1.31
O6 BMA K . 20.74 4.26 1.41
C1 MAN K . 27.11 4.26 4.79
C2 MAN K . 27.30 5.14 6.02
C3 MAN K . 28.14 6.36 5.66
C4 MAN K . 29.44 5.95 5.01
C5 MAN K . 29.16 5.04 3.82
C6 MAN K . 30.43 4.48 3.19
O2 MAN K . 27.96 4.39 7.04
O3 MAN K . 28.39 7.15 6.83
O4 MAN K . 30.16 7.10 4.56
O5 MAN K . 28.39 3.91 4.25
O6 MAN K . 31.28 5.52 2.74
C1 MAN K . 20.26 5.15 0.37
C2 MAN K . 18.99 4.55 -0.24
C3 MAN K . 19.32 3.25 -0.98
C4 MAN K . 20.42 3.49 -1.99
C5 MAN K . 21.64 4.12 -1.31
C6 MAN K . 22.74 4.48 -2.29
O2 MAN K . 18.41 5.48 -1.15
O3 MAN K . 18.15 2.75 -1.62
O4 MAN K . 20.82 2.25 -2.59
O5 MAN K . 21.24 5.33 -0.66
O6 MAN K . 22.29 5.43 -3.25
C1 NAG L . 5.72 17.18 25.54
C2 NAG L . 5.92 18.67 25.87
C3 NAG L . 7.33 18.89 26.41
C4 NAG L . 7.61 17.96 27.59
C5 NAG L . 7.30 16.51 27.20
C6 NAG L . 7.40 15.55 28.37
C7 NAG L . 4.96 20.60 24.72
C8 NAG L . 4.83 21.34 23.42
N2 NAG L . 5.69 19.49 24.70
O3 NAG L . 7.46 20.24 26.83
O4 NAG L . 8.98 18.02 27.94
O5 NAG L . 5.97 16.40 26.71
O6 NAG L . 7.11 14.22 27.97
O7 NAG L . 4.40 21.00 25.75
C1 NAG L . 9.16 18.67 29.21
C2 NAG L . 10.53 18.23 29.75
C3 NAG L . 10.83 18.95 31.06
C4 NAG L . 10.72 20.45 30.87
C5 NAG L . 9.34 20.79 30.33
C6 NAG L . 9.16 22.26 30.02
C7 NAG L . 11.15 15.96 29.06
C8 NAG L . 11.11 14.50 29.41
N2 NAG L . 10.56 16.79 29.93
O3 NAG L . 12.15 18.60 31.48
O4 NAG L . 10.92 21.13 32.10
O5 NAG L . 9.13 20.09 29.09
O6 NAG L . 7.84 22.55 29.60
O7 NAG L . 11.70 16.36 28.04
C1 BMA L . 12.20 21.78 32.06
C2 BMA L . 12.21 22.90 33.09
C3 BMA L . 13.57 23.59 33.12
C4 BMA L . 14.68 22.56 33.32
C5 BMA L . 14.57 21.46 32.28
C6 BMA L . 15.57 20.34 32.49
O2 BMA L . 11.91 22.37 34.37
O3 BMA L . 13.61 24.57 34.15
O4 BMA L . 15.96 23.18 33.22
O5 BMA L . 13.27 20.86 32.34
O6 BMA L . 15.42 19.75 33.77
C1 MAN L . 12.71 25.64 33.79
C2 MAN L . 13.49 26.95 33.81
C3 MAN L . 13.94 27.27 35.23
C4 MAN L . 12.77 27.25 36.19
C5 MAN L . 12.03 25.92 36.08
C6 MAN L . 10.79 25.85 36.93
O2 MAN L . 12.65 28.01 33.32
O3 MAN L . 14.57 28.56 35.26
O4 MAN L . 13.23 27.41 37.54
O5 MAN L . 11.62 25.72 34.71
O6 MAN L . 10.14 24.60 36.79
C1 MAN L . 16.40 18.70 33.91
C2 MAN L . 15.91 17.71 34.95
C3 MAN L . 15.84 18.38 36.32
C4 MAN L . 17.18 19.01 36.68
C5 MAN L . 17.63 19.94 35.55
C6 MAN L . 19.00 20.52 35.78
O2 MAN L . 16.79 16.59 35.01
O3 MAN L . 15.46 17.44 37.32
O4 MAN L . 17.07 19.75 37.89
O5 MAN L . 17.67 19.23 34.31
O6 MAN L . 19.39 21.37 34.71
C1 NAG M . 32.19 32.72 7.90
C2 NAG M . 31.45 33.98 7.45
C3 NAG M . 31.38 34.99 8.59
C4 NAG M . 30.76 34.34 9.82
C5 NAG M . 31.53 33.08 10.18
C6 NAG M . 30.90 32.31 11.34
C7 NAG M . 31.46 34.71 5.11
C8 NAG M . 32.26 35.33 4.00
N2 NAG M . 32.08 34.56 6.29
O3 NAG M . 30.61 36.11 8.19
O4 NAG M . 30.78 35.24 10.92
O5 NAG M . 31.55 32.17 9.06
O6 NAG M . 29.57 31.93 11.05
O7 NAG M . 30.29 34.34 4.95
C1 NAG M . 29.42 35.62 11.24
C2 NAG M . 29.40 36.09 12.70
C3 NAG M . 28.00 36.55 13.08
C4 NAG M . 27.50 37.59 12.08
C5 NAG M . 27.61 37.06 10.66
C6 NAG M . 27.23 38.08 9.61
C7 NAG M . 31.11 35.04 14.11
C8 NAG M . 31.42 33.88 15.02
N2 NAG M . 29.87 35.05 13.60
O3 NAG M . 28.01 37.09 14.39
O4 NAG M . 26.14 37.92 12.36
O5 NAG M . 28.96 36.66 10.39
O6 NAG M . 25.87 38.48 9.73
O7 NAG M . 31.94 35.91 13.84
C1 PIO N . -54.28 23.38 6.52
O1 PIO N . -52.95 22.86 6.66
P1 PIO N . -51.81 23.30 5.58
C2 PIO N . -54.58 24.28 7.70
O2 PIO N . -54.47 23.55 8.92
C3 PIO N . -55.98 24.87 7.57
O3 PIO N . -56.28 25.67 8.69
C4 PIO N . -57.01 23.75 7.43
O4 PIO N . -58.29 24.34 7.15
P4 PIO N . -59.39 24.66 8.31
C5 PIO N . -56.67 22.79 6.31
O5 PIO N . -57.61 21.70 6.32
P5 PIO N . -58.15 20.98 4.96
C6 PIO N . -55.26 22.22 6.46
O6 PIO N . -54.96 21.37 5.35
O11 PIO N . -50.60 22.46 5.69
O12 PIO N . -52.40 23.52 4.24
O13 PIO N . -51.49 24.74 6.18
C1A PIO N . -49.50 27.97 6.21
O1A PIO N . -50.25 28.81 6.64
C1B PIO N . -47.51 26.52 9.50
O1B PIO N . -47.53 27.70 9.76
C1C PIO N . -50.82 24.87 7.44
C2A PIO N . -48.47 28.20 5.14
C2B PIO N . -46.28 25.66 9.56
C2C PIO N . -50.46 26.32 7.65
O2C PIO N . -49.49 26.70 6.63
C3A PIO N . -47.04 28.06 5.64
C3B PIO N . -45.22 26.03 8.54
C3C PIO N . -49.82 26.56 9.00
O3C PIO N . -48.57 25.83 9.09
O41 PIO N . -58.80 24.09 9.59
O42 PIO N . -59.53 26.16 8.34
O43 PIO N . -60.66 23.95 7.90
C4A PIO N . -46.02 28.13 4.52
C4B PIO N . -43.98 25.14 8.64
O51 PIO N . -56.92 20.42 4.28
O52 PIO N . -58.81 22.07 4.15
O53 PIO N . -59.11 19.91 5.41
C5A PIO N . -44.59 27.82 4.95
C5B PIO N . -42.97 25.35 7.51
C6A PIO N . -43.61 27.74 3.80
C6B PIO N . -41.77 24.42 7.60
C7A PIO N . -42.21 27.29 4.20
C7B PIO N . -40.79 24.56 6.44
C8A PIO N . -41.27 27.15 3.03
C8B PIO N . -39.62 23.62 6.55
N ABU O . 19.13 9.62 -24.60
CD ABU O . 19.04 10.60 -23.48
CB ABU O . 19.41 11.99 -23.92
CG ABU O . 19.32 12.99 -22.77
C ABU O . 19.69 14.41 -23.14
O ABU O . 19.07 14.96 -24.08
OXT ABU O . 20.61 14.95 -22.48
N ABU P . 19.85 -21.97 11.62
CD ABU P . 20.92 -22.21 10.62
CB ABU P . 20.68 -23.47 9.84
CG ABU P . 21.74 -23.67 8.76
C ABU P . 21.55 -24.93 7.93
O ABU P . 21.10 -25.95 8.49
OXT ABU P . 21.86 -24.86 6.72
C1 PIO Q . -55.88 -16.09 -11.61
O1 PIO Q . -54.52 -15.61 -11.73
P1 PIO Q . -53.28 -16.50 -11.16
C2 PIO Q . -56.47 -16.25 -13.00
O2 PIO Q . -56.43 -15.01 -13.70
C3 PIO Q . -57.90 -16.75 -12.90
O3 PIO Q . -58.46 -16.88 -14.21
C4 PIO Q . -58.73 -15.80 -12.07
O4 PIO Q . -60.05 -16.36 -11.90
P4 PIO Q . -61.25 -16.11 -12.96
C5 PIO Q . -58.12 -15.60 -10.69
O5 PIO Q . -58.91 -14.64 -9.96
P5 PIO Q . -59.22 -14.80 -8.37
C6 PIO Q . -56.68 -15.09 -10.79
O6 PIO Q . -56.13 -14.97 -9.49
O11 PIO Q . -52.38 -15.68 -10.33
O12 PIO Q . -53.76 -17.79 -10.63
O13 PIO Q . -52.56 -16.80 -12.55
C1A PIO Q . -50.76 -19.95 -14.42
O1A PIO Q . -51.50 -20.58 -15.13
C1B PIO Q . -49.84 -16.23 -16.66
O1B PIO Q . -50.54 -15.54 -17.35
C1C PIO Q . -53.12 -17.76 -13.47
C2A PIO Q . -49.49 -20.50 -13.82
C2B PIO Q . -48.38 -16.48 -16.90
C2C PIO Q . -52.14 -18.01 -14.60
O2C PIO Q . -50.97 -18.69 -14.05
C3A PIO Q . -48.55 -21.07 -14.87
C3B PIO Q . -47.54 -16.40 -15.62
C3C PIO Q . -51.67 -16.74 -15.24
O3C PIO Q . -50.27 -16.88 -15.58
O41 PIO Q . -61.12 -14.66 -13.40
O42 PIO Q . -62.53 -16.36 -12.20
O43 PIO Q . -61.03 -17.09 -14.09
C4A PIO Q . -47.25 -21.61 -14.28
C4B PIO Q . -46.05 -16.52 -15.88
O51 PIO Q . -60.03 -13.59 -7.98
O52 PIO Q . -57.88 -14.86 -7.69
O53 PIO Q . -60.00 -16.10 -8.24
C5A PIO Q . -46.35 -20.55 -13.67
C5B PIO Q . -45.20 -16.40 -14.62
C6A PIO Q . -45.03 -21.10 -13.17
C6B PIO Q . -43.71 -16.42 -14.87
C7A PIO Q . -44.09 -20.04 -12.60
C7B PIO Q . -42.88 -16.26 -13.61
C8A PIO Q . -42.76 -20.62 -12.16
C8B PIO Q . -41.38 -16.21 -13.88
#